data_8QPC
# 
_entry.id   8QPC 
# 
_audit_conform.dict_name       mmcif_pdbx.dic 
_audit_conform.dict_version    5.402 
_audit_conform.dict_location   http://mmcif.pdb.org/dictionaries/ascii/mmcif_pdbx.dic 
# 
loop_
_database_2.database_id 
_database_2.database_code 
_database_2.pdbx_database_accession 
_database_2.pdbx_DOI 
PDB   8QPC         pdb_00008qpc 10.2210/pdb8qpc/pdb 
WWPDB D_1292133597 ?            ?                   
# 
loop_
_pdbx_audit_revision_history.ordinal 
_pdbx_audit_revision_history.data_content_type 
_pdbx_audit_revision_history.major_revision 
_pdbx_audit_revision_history.minor_revision 
_pdbx_audit_revision_history.revision_date 
_pdbx_audit_revision_history.part_number 
1 'Structure model' 1 0 2023-11-08 ? 
2 'Structure model' 2 0 2023-11-15 ? 
3 'Structure model' 3 0 2024-05-01 ? 
4 'Structure model' 3 1 2025-01-22 ? 
5 'Structure model' 3 2 2025-02-26 ? 
# 
_pdbx_audit_revision_details.ordinal             1 
_pdbx_audit_revision_details.revision_ordinal    1 
_pdbx_audit_revision_details.data_content_type   'Structure model' 
_pdbx_audit_revision_details.provider            repository 
_pdbx_audit_revision_details.type                'Initial release' 
_pdbx_audit_revision_details.description         ? 
_pdbx_audit_revision_details.details             ? 
# 
loop_
_pdbx_audit_revision_group.ordinal 
_pdbx_audit_revision_group.revision_ordinal 
_pdbx_audit_revision_group.data_content_type 
_pdbx_audit_revision_group.group 
1 2 'Structure model' 'Atomic model'        
2 2 'Structure model' 'Data collection'     
3 3 'Structure model' 'Atomic model'        
4 3 'Structure model' 'Polymer sequence'    
5 4 'Structure model' 'Database references' 
6 4 'Structure model' 'Structure summary'   
7 5 'Structure model' 'Database references' 
# 
loop_
_pdbx_audit_revision_category.ordinal 
_pdbx_audit_revision_category.revision_ordinal 
_pdbx_audit_revision_category.data_content_type 
_pdbx_audit_revision_category.category 
1  2 'Structure model' atom_site                      
2  2 'Structure model' chem_comp_atom                 
3  2 'Structure model' chem_comp_bond                 
4  2 'Structure model' pdbx_validate_main_chain_plane 
5  2 'Structure model' pdbx_validate_peptide_omega    
6  2 'Structure model' pdbx_validate_rmsd_angle       
7  3 'Structure model' atom_site                      
8  3 'Structure model' entity_poly                    
9  4 'Structure model' citation                       
10 4 'Structure model' citation_author                
11 4 'Structure model' pdbx_entry_details             
12 4 'Structure model' pdbx_modification_feature      
13 5 'Structure model' citation                       
# 
loop_
_pdbx_audit_revision_item.ordinal 
_pdbx_audit_revision_item.revision_ordinal 
_pdbx_audit_revision_item.data_content_type 
_pdbx_audit_revision_item.item 
1  2 'Structure model' '_atom_site.auth_atom_id'                            
2  2 'Structure model' '_atom_site.label_atom_id'                           
3  2 'Structure model' '_chem_comp_atom.atom_id'                            
4  2 'Structure model' '_chem_comp_bond.atom_id_1'                          
5  2 'Structure model' '_chem_comp_bond.atom_id_2'                          
6  2 'Structure model' '_pdbx_validate_rmsd_angle.angle_deviation'          
7  2 'Structure model' '_pdbx_validate_rmsd_angle.angle_standard_deviation' 
8  2 'Structure model' '_pdbx_validate_rmsd_angle.angle_target_value'       
9  2 'Structure model' '_pdbx_validate_rmsd_angle.angle_value'              
10 2 'Structure model' '_pdbx_validate_rmsd_angle.auth_atom_id_1'           
11 2 'Structure model' '_pdbx_validate_rmsd_angle.auth_atom_id_2'           
12 2 'Structure model' '_pdbx_validate_rmsd_angle.auth_atom_id_3'           
13 2 'Structure model' '_pdbx_validate_rmsd_angle.auth_comp_id_2'           
14 2 'Structure model' '_pdbx_validate_rmsd_angle.auth_seq_id_2'            
15 3 'Structure model' '_atom_site.B_iso_or_equiv'                          
16 3 'Structure model' '_atom_site.Cartn_x'                                 
17 3 'Structure model' '_atom_site.Cartn_y'                                 
18 3 'Structure model' '_atom_site.Cartn_z'                                 
19 3 'Structure model' '_atom_site.pdbx_formal_charge'                      
20 3 'Structure model' '_entity_poly.pdbx_seq_one_letter_code_can'          
21 4 'Structure model' '_citation.country'                                  
22 4 'Structure model' '_citation.id'                                       
23 4 'Structure model' '_citation.journal_abbrev'                           
24 4 'Structure model' '_citation.journal_id_ASTM'                          
25 4 'Structure model' '_citation.journal_id_CSD'                           
26 4 'Structure model' '_citation.journal_id_ISSN'                          
27 4 'Structure model' '_citation.page_first'                               
28 4 'Structure model' '_citation.page_last'                                
29 4 'Structure model' '_citation.pdbx_database_id_DOI'                     
30 4 'Structure model' '_citation.pdbx_database_id_PubMed'                  
31 4 'Structure model' '_citation.title'                                    
32 4 'Structure model' '_citation.year'                                     
33 4 'Structure model' '_pdbx_entry_details.has_protein_modification'       
34 5 'Structure model' '_citation.journal_volume'                           
35 5 'Structure model' '_citation.year'                                     
# 
_pdbx_database_status.status_code                     REL 
_pdbx_database_status.status_code_sf                  REL 
_pdbx_database_status.status_code_mr                  ? 
_pdbx_database_status.entry_id                        8QPC 
_pdbx_database_status.recvd_initial_deposition_date   2023-10-01 
_pdbx_database_status.SG_entry                        N 
_pdbx_database_status.deposit_site                    PDBE 
_pdbx_database_status.process_site                    PDBE 
_pdbx_database_status.status_code_cs                  ? 
_pdbx_database_status.status_code_nmr_data            ? 
_pdbx_database_status.methods_development_category    ? 
_pdbx_database_status.pdb_format_compatible           N 
# 
_pdbx_contact_author.id                 2 
_pdbx_contact_author.email              ivan.huc@cup.lmu.de 
_pdbx_contact_author.name_first         Ivan 
_pdbx_contact_author.name_last          Huc 
_pdbx_contact_author.name_mi            ? 
_pdbx_contact_author.role               'principal investigator/group leader' 
_pdbx_contact_author.identifier_ORCID   0000-0001-7036-9696 
# 
loop_
_audit_author.name 
_audit_author.pdbx_ordinal 
_audit_author.identifier_ORCID 
'Deepak, D.'    1 0000-0002-0412-2502 
'Corvaglia, V.' 2 ?                   
'Wu, J.'        3 ?                   
'Huc, I.'       4 0000-0001-7036-9696 
# 
loop_
_citation.abstract 
_citation.abstract_id_CAS 
_citation.book_id_ISBN 
_citation.book_publisher 
_citation.book_publisher_city 
_citation.book_title 
_citation.coordinate_linkage 
_citation.country 
_citation.database_id_Medline 
_citation.details 
_citation.id 
_citation.journal_abbrev 
_citation.journal_id_ASTM 
_citation.journal_id_CSD 
_citation.journal_id_ISSN 
_citation.journal_full 
_citation.journal_issue 
_citation.journal_volume 
_citation.language 
_citation.page_first 
_citation.page_last 
_citation.title 
_citation.year 
_citation.database_id_CSD 
_citation.pdbx_database_id_DOI 
_citation.pdbx_database_id_PubMed 
_citation.pdbx_database_id_patent 
_citation.unpublished_flag 
? ? ? ? ? ? ? GE ? ? primary Angew.Chem.Int.Ed.Engl. ACIEAY 0179 1521-3773 ? ? 64 ? e202422958 e202422958 
'DNA Mimic Foldamer Recognition of a Chromosomal Protein.'                                             2025 ? 
10.1002/anie.202422958    39714421 ? ? 
? ? ? ? ? ? ? UK ? ? 1       'Nat Chem'              ?      ?    1755-4349 ? ? 10 ? 511        518        
'Single helically folded aromatic oligoamides that mimic the charge surface of double-stranded B-DNA.' 2018 ? 
10.1038/s41557-018-0018-7 ?        ? ? 
? ? ? ? ? ? ? UK ? ? 2       'Nucleic Acids Res'     NARHAD 0389 1362-4962 ? ? 33 ? 430        438        
'Probing the DNA kink structure induced by the hyperthermophilic chromosomal protein Sac7d.'           2005 ? 10.1093/nar/gki191 
29610464 ? ? 
# 
loop_
_citation_author.citation_id 
_citation_author.name 
_citation_author.ordinal 
_citation_author.identifier_ORCID 
primary 'Deepak, D.'       1  0000-0002-0412-2502 
primary 'Wu, J.'           2  0009-0003-7609-0938 
primary 'Corvaglia, V.'    3  0000-0002-6180-5975 
primary 'Allmendinger, L.' 4  0000-0002-9476-6175 
primary 'Scheckenbach, M.' 5  0000-0002-7912-6292 
primary 'Tinnefeld, P.'    6  0000-0003-4290-7770 
primary 'Huc, I.'          7  0000-0001-7036-9696 
1       'Ziach, K.'        8  0000-0001-5465-9407 
1       'Chollet, C.'      9  ?                   
1       'Parissi, V.'      10 ?                   
1       'Prabhakaran, P.'  11 0000-0001-7530-0663 
1       'Marchivie, M.'    12 0000-0003-1362-0797 
1       'Corvaglia, V.'    13 0000-0002-6180-5975 
1       'Bose, P.P.'       14 0000-0003-4387-3584 
1       'Laxmi-Reddy, K.'  15 ?                   
1       'Godde, F.'        16 ?                   
1       'Schmitter, J.M.'  17 ?                   
1       'Chaignepain, S.'  18 ?                   
1       'Pourquier, P.'    19 0000-0001-5326-3005 
1       'Huc, I.'          20 0000-0001-7036-9696 
2       'Chen, C.Y.'       21 ?                   
2       'Ko, T.P.'         22 ?                   
2       'Lin, T.W.'        23 ?                   
2       'Chou, C.C.'       24 ?                   
2       'Chen, C.J.'       25 ?                   
2       'Wang, A.H.'       26 ?                   
# 
loop_
_entity.id 
_entity.type 
_entity.src_method 
_entity.pdbx_description 
_entity.formula_weight 
_entity.pdbx_number_of_molecules 
_entity.pdbx_ec 
_entity.pdbx_mutation 
_entity.pdbx_fragment 
_entity.details 
1 polymer man 'DNA-binding protein 7b'                                                                                    7538.743 
1 ? V26A/M29A ? ? 
2 polymer syn 'N-[2-(2-methyl-1,3-dioxolan-2-yl)phenyl]-2-{[5-(trifluoromethyl)pyridin-2-yl]amino}pyridine-4-carboxamide' 2561.772 
1 ? ?         ? ? 
3 polymer syn 'N-[2-(2-methyl-1,3-dioxolan-2-yl)phenyl]-2-{[5-(trifluoromethyl)pyridin-2-yl]amino}pyridine-4-carboxamide' 2563.788 
1 ? ?         ? ? 
# 
_entity_name_com.entity_id   1 
_entity_name_com.name        '7 kDa DNA-binding protein b,Sac7b' 
# 
loop_
_entity_poly.entity_id 
_entity_poly.type 
_entity_poly.nstd_linkage 
_entity_poly.nstd_monomer 
_entity_poly.pdbx_seq_one_letter_code 
_entity_poly.pdbx_seq_one_letter_code_can 
_entity_poly.pdbx_strand_id 
_entity_poly.pdbx_target_identifier 
1 'polypeptide(L)' no no  MVKVKFKYKGEEKEVDTSKIKKVWRAGKAVSFTYDDNGKTGRGAVSEKDAPKELLDMLARAEREKK 
MVKVKFKYKGEEKEVDTSKIKKVWRAGKAVSFTYDDNGKTGRGAVSEKDAPKELLDMLARAEREKK AA ? 
2 'polypeptide(L)' no yes '(DBU)(V4F)(V53)(V4F)(V53)(V5F)(V4F)(V53)(V4F)(V53)'               TXXXXXXXXX B  ? 
3 'polypeptide(L)' no yes '(DBB)(V4F)(V53)(V4F)(V53)(V5F)(V4F)(V53)(V4F)(V53)'               XXXXXXXXXX C  ? 
# 
loop_
_entity_poly_seq.entity_id 
_entity_poly_seq.num 
_entity_poly_seq.mon_id 
_entity_poly_seq.hetero 
1 1  MET n 
1 2  VAL n 
1 3  LYS n 
1 4  VAL n 
1 5  LYS n 
1 6  PHE n 
1 7  LYS n 
1 8  TYR n 
1 9  LYS n 
1 10 GLY n 
1 11 GLU n 
1 12 GLU n 
1 13 LYS n 
1 14 GLU n 
1 15 VAL n 
1 16 ASP n 
1 17 THR n 
1 18 SER n 
1 19 LYS n 
1 20 ILE n 
1 21 LYS n 
1 22 LYS n 
1 23 VAL n 
1 24 TRP n 
1 25 ARG n 
1 26 ALA n 
1 27 GLY n 
1 28 LYS n 
1 29 ALA n 
1 30 VAL n 
1 31 SER n 
1 32 PHE n 
1 33 THR n 
1 34 TYR n 
1 35 ASP n 
1 36 ASP n 
1 37 ASN n 
1 38 GLY n 
1 39 LYS n 
1 40 THR n 
1 41 GLY n 
1 42 ARG n 
1 43 GLY n 
1 44 ALA n 
1 45 VAL n 
1 46 SER n 
1 47 GLU n 
1 48 LYS n 
1 49 ASP n 
1 50 ALA n 
1 51 PRO n 
1 52 LYS n 
1 53 GLU n 
1 54 LEU n 
1 55 LEU n 
1 56 ASP n 
1 57 MET n 
1 58 LEU n 
1 59 ALA n 
1 60 ARG n 
1 61 ALA n 
1 62 GLU n 
1 63 ARG n 
1 64 GLU n 
1 65 LYS n 
1 66 LYS n 
2 1  DBU n 
2 2  V4F n 
2 3  V53 n 
2 4  V4F n 
2 5  V53 n 
2 6  V5F n 
2 7  V4F n 
2 8  V53 n 
2 9  V4F n 
2 10 V53 n 
3 1  DBB n 
3 2  V4F n 
3 3  V53 n 
3 4  V4F n 
3 5  V53 n 
3 6  V5F n 
3 7  V4F n 
3 8  V53 n 
3 9  V4F n 
3 10 V53 n 
# 
_entity_src_gen.entity_id                          1 
_entity_src_gen.pdbx_src_id                        1 
_entity_src_gen.pdbx_alt_source_flag               sample 
_entity_src_gen.pdbx_seq_type                      'Biological sequence' 
_entity_src_gen.pdbx_beg_seq_num                   1 
_entity_src_gen.pdbx_end_seq_num                   66 
_entity_src_gen.gene_src_common_name               ? 
_entity_src_gen.gene_src_genus                     ? 
_entity_src_gen.pdbx_gene_src_gene                 Saci_0064 
_entity_src_gen.gene_src_species                   ? 
_entity_src_gen.gene_src_strain                    ? 
_entity_src_gen.gene_src_tissue                    ? 
_entity_src_gen.gene_src_tissue_fraction           ? 
_entity_src_gen.gene_src_details                   ? 
_entity_src_gen.pdbx_gene_src_fragment             ? 
_entity_src_gen.pdbx_gene_src_scientific_name      'Sulfolobus acidocaldarius' 
_entity_src_gen.pdbx_gene_src_ncbi_taxonomy_id     2285 
_entity_src_gen.pdbx_gene_src_variant              ? 
_entity_src_gen.pdbx_gene_src_cell_line            ? 
_entity_src_gen.pdbx_gene_src_atcc                 ? 
_entity_src_gen.pdbx_gene_src_organ                ? 
_entity_src_gen.pdbx_gene_src_organelle            ? 
_entity_src_gen.pdbx_gene_src_cell                 ? 
_entity_src_gen.pdbx_gene_src_cellular_location    ? 
_entity_src_gen.host_org_common_name               ? 
_entity_src_gen.pdbx_host_org_scientific_name      'Escherichia coli' 
_entity_src_gen.pdbx_host_org_ncbi_taxonomy_id     562 
_entity_src_gen.host_org_genus                     ? 
_entity_src_gen.pdbx_host_org_gene                 ? 
_entity_src_gen.pdbx_host_org_organ                ? 
_entity_src_gen.host_org_species                   ? 
_entity_src_gen.pdbx_host_org_tissue               ? 
_entity_src_gen.pdbx_host_org_tissue_fraction      ? 
_entity_src_gen.pdbx_host_org_strain               'BL21 DE 3 plys S' 
_entity_src_gen.pdbx_host_org_variant              ? 
_entity_src_gen.pdbx_host_org_cell_line            ? 
_entity_src_gen.pdbx_host_org_atcc                 ? 
_entity_src_gen.pdbx_host_org_culture_collection   ? 
_entity_src_gen.pdbx_host_org_cell                 ? 
_entity_src_gen.pdbx_host_org_organelle            ? 
_entity_src_gen.pdbx_host_org_cellular_location    ? 
_entity_src_gen.pdbx_host_org_vector_type          ? 
_entity_src_gen.pdbx_host_org_vector               ? 
_entity_src_gen.host_org_details                   ? 
_entity_src_gen.expression_system_id               ? 
_entity_src_gen.plasmid_name                       ? 
_entity_src_gen.plasmid_details                    ? 
_entity_src_gen.pdbx_description                   ? 
# 
loop_
_pdbx_entity_src_syn.entity_id 
_pdbx_entity_src_syn.pdbx_src_id 
_pdbx_entity_src_syn.pdbx_alt_source_flag 
_pdbx_entity_src_syn.pdbx_beg_seq_num 
_pdbx_entity_src_syn.pdbx_end_seq_num 
_pdbx_entity_src_syn.organism_scientific 
_pdbx_entity_src_syn.organism_common_name 
_pdbx_entity_src_syn.ncbi_taxonomy_id 
_pdbx_entity_src_syn.details 
2 1 sample 1 10 'synthetic construct' ? 32630 ? 
3 1 sample 1 10 'synthetic construct' ? 32630 ? 
# 
loop_
_chem_comp.id 
_chem_comp.type 
_chem_comp.mon_nstd_flag 
_chem_comp.name 
_chem_comp.pdbx_synonyms 
_chem_comp.formula 
_chem_comp.formula_weight 
ALA 'L-peptide linking' y ALANINE                                                           ?                 'C3 H7 N O2'      
89.093  
ARG 'L-peptide linking' y ARGININE                                                          ?                 'C6 H15 N4 O2 1'  
175.209 
ASN 'L-peptide linking' y ASPARAGINE                                                        ?                 'C4 H8 N2 O3'     
132.118 
ASP 'L-peptide linking' y 'ASPARTIC ACID'                                                   ?                 'C4 H7 N O4'      
133.103 
DBB 'D-peptide linking' . 'D-ALPHA-AMINOBUTYRIC ACID'                                       ?                 'C4 H9 N O2'      
103.120 
DBU 'peptide linking'   n '(2Z)-2-AMINOBUT-2-ENOIC ACID'                                    Z-DEHYDROBUTYRINE 'C4 H7 N O2'      
101.104 
GLU 'L-peptide linking' y 'GLUTAMIC ACID'                                                   ?                 'C5 H9 N O4'      
147.129 
GLY 'peptide linking'   y GLYCINE                                                           ?                 'C2 H5 N O2'      
75.067  
ILE 'L-peptide linking' y ISOLEUCINE                                                        ?                 'C6 H13 N O2'     
131.173 
LEU 'L-peptide linking' y LEUCINE                                                           ?                 'C6 H13 N O2'     
131.173 
LYS 'L-peptide linking' y LYSINE                                                            ?                 'C6 H15 N2 O2 1'  
147.195 
MET 'L-peptide linking' y METHIONINE                                                        ?                 'C5 H11 N O2 S'   
149.211 
PHE 'L-peptide linking' y PHENYLALANINE                                                     ?                 'C9 H11 N O2'     
165.189 
PRO 'L-peptide linking' y PROLINE                                                           ?                 'C5 H9 N O2'      
115.130 
SER 'L-peptide linking' y SERINE                                                            ?                 'C3 H7 N O3'      
105.093 
THR 'L-peptide linking' y THREONINE                                                         ?                 'C4 H9 N O3'      
119.119 
TRP 'L-peptide linking' y TRYPTOPHAN                                                        ?                 'C11 H12 N2 O2'   
204.225 
TYR 'L-peptide linking' y TYROSINE                                                          ?                 'C9 H11 N O3'     
181.189 
V4F 'peptide linking'   n '8-(aminomethyl)-4-(phosphonomethoxy)quinoline-2-carboxylic acid' ?                 'C12 H13 N2 O6 P' 
312.215 
V53 'peptide linking'   n '8-azanyl-4-(phosphonomethoxy)quinoline-2-carboxylic acid'        ?                 'C11 H11 N2 O6 P' 
298.189 
V5F 'peptide linking'   . '(2R)-2-(2-azanylphenoxy)propanoic acid'                          ?                 'C9 H11 N O3'     
181.189 
VAL 'L-peptide linking' y VALINE                                                            ?                 'C5 H11 N O2'     
117.146 
# 
loop_
_pdbx_poly_seq_scheme.asym_id 
_pdbx_poly_seq_scheme.entity_id 
_pdbx_poly_seq_scheme.seq_id 
_pdbx_poly_seq_scheme.mon_id 
_pdbx_poly_seq_scheme.ndb_seq_num 
_pdbx_poly_seq_scheme.pdb_seq_num 
_pdbx_poly_seq_scheme.auth_seq_num 
_pdbx_poly_seq_scheme.pdb_mon_id 
_pdbx_poly_seq_scheme.auth_mon_id 
_pdbx_poly_seq_scheme.pdb_strand_id 
_pdbx_poly_seq_scheme.pdb_ins_code 
_pdbx_poly_seq_scheme.hetero 
A 1 1  MET 1  1  1  MET MET AA . n 
A 1 2  VAL 2  2  2  VAL VAL AA . n 
A 1 3  LYS 3  3  3  LYS LYS AA . n 
A 1 4  VAL 4  4  4  VAL VAL AA . n 
A 1 5  LYS 5  5  5  LYS LYS AA . n 
A 1 6  PHE 6  6  6  PHE PHE AA . n 
A 1 7  LYS 7  7  7  LYS LYS AA . n 
A 1 8  TYR 8  8  8  TYR TYR AA . n 
A 1 9  LYS 9  9  9  LYS LYS AA . n 
A 1 10 GLY 10 10 10 GLY GLY AA . n 
A 1 11 GLU 11 11 11 GLU GLU AA . n 
A 1 12 GLU 12 12 12 GLU GLU AA . n 
A 1 13 LYS 13 13 13 LYS LYS AA . n 
A 1 14 GLU 14 14 14 GLU GLU AA . n 
A 1 15 VAL 15 15 15 VAL VAL AA . n 
A 1 16 ASP 16 16 16 ASP ASP AA . n 
A 1 17 THR 17 17 17 THR THR AA . n 
A 1 18 SER 18 18 18 SER SER AA . n 
A 1 19 LYS 19 19 19 LYS LYS AA . n 
A 1 20 ILE 20 20 20 ILE ILE AA . n 
A 1 21 LYS 21 21 21 LYS LYS AA . n 
A 1 22 LYS 22 22 22 LYS LYS AA . n 
A 1 23 VAL 23 23 23 VAL VAL AA . n 
A 1 24 TRP 24 24 24 TRP TRP AA . n 
A 1 25 ARG 25 25 25 ARG ARG AA . n 
A 1 26 ALA 26 26 26 ALA ALA AA . n 
A 1 27 GLY 27 27 27 GLY GLY AA . n 
A 1 28 LYS 28 28 28 LYS LYS AA . n 
A 1 29 ALA 29 29 29 ALA ALA AA . n 
A 1 30 VAL 30 30 30 VAL VAL AA . n 
A 1 31 SER 31 31 31 SER SER AA . n 
A 1 32 PHE 32 32 32 PHE PHE AA . n 
A 1 33 THR 33 33 33 THR THR AA . n 
A 1 34 TYR 34 34 34 TYR TYR AA . n 
A 1 35 ASP 35 35 35 ASP ASP AA . n 
A 1 36 ASP 36 36 36 ASP ASP AA . n 
A 1 37 ASN 37 37 37 ASN ASN AA . n 
A 1 38 GLY 38 38 38 GLY GLY AA . n 
A 1 39 LYS 39 39 39 LYS LYS AA . n 
A 1 40 THR 40 40 40 THR THR AA . n 
A 1 41 GLY 41 41 41 GLY GLY AA . n 
A 1 42 ARG 42 42 42 ARG ARG AA . n 
A 1 43 GLY 43 43 43 GLY GLY AA . n 
A 1 44 ALA 44 44 44 ALA ALA AA . n 
A 1 45 VAL 45 45 45 VAL VAL AA . n 
A 1 46 SER 46 46 46 SER SER AA . n 
A 1 47 GLU 47 47 47 GLU GLU AA . n 
A 1 48 LYS 48 48 48 LYS LYS AA . n 
A 1 49 ASP 49 49 49 ASP ASP AA . n 
A 1 50 ALA 50 50 50 ALA ALA AA . n 
A 1 51 PRO 51 51 51 PRO PRO AA . n 
A 1 52 LYS 52 52 52 LYS LYS AA . n 
A 1 53 GLU 53 53 53 GLU GLU AA . n 
A 1 54 LEU 54 54 54 LEU LEU AA . n 
A 1 55 LEU 55 55 55 LEU LEU AA . n 
A 1 56 ASP 56 56 56 ASP ASP AA . n 
A 1 57 MET 57 57 57 MET MET AA . n 
A 1 58 LEU 58 58 58 LEU LEU AA . n 
A 1 59 ALA 59 59 59 ALA ALA AA . n 
A 1 60 ARG 60 60 60 ARG ARG AA . n 
A 1 61 ALA 61 61 61 ALA ALA AA . n 
A 1 62 GLU 62 62 62 GLU GLU AA . n 
A 1 63 ARG 63 63 63 ARG ARG AA . n 
A 1 64 GLU 64 64 ?  ?   ?   AA . n 
A 1 65 LYS 65 65 ?  ?   ?   AA . n 
A 1 66 LYS 66 66 ?  ?   ?   AA . n 
B 2 1  DBU 1  1  1  DBU XUW B  . n 
B 2 2  V4F 2  2  1  V4F XUW B  . n 
B 2 3  V53 3  3  1  V53 XUW B  . n 
B 2 4  V4F 4  4  1  V4F XUW B  . n 
B 2 5  V53 5  5  1  V53 XUW B  . n 
B 2 6  V5F 6  6  1  V5F XUW B  . n 
B 2 7  V4F 7  7  1  V4F XUW B  . n 
B 2 8  V53 8  8  1  V53 XUW B  . n 
B 2 9  V4F 9  9  1  V4F XUW B  . n 
B 2 10 V53 10 10 1  V53 XUW B  . n 
C 3 1  DBB 1  1  1  DBB XUW C  . n 
C 3 2  V4F 2  2  1  V4F XUW C  . n 
C 3 3  V53 3  3  1  V53 XUW C  . n 
C 3 4  V4F 4  4  1  V4F XUW C  . n 
C 3 5  V53 5  5  1  V53 XUW C  . n 
C 3 6  V5F 6  6  1  V5F XUW C  . n 
C 3 7  V4F 7  7  1  V4F XUW C  . n 
C 3 8  V53 8  8  1  V53 XUW C  . n 
C 3 9  V4F 9  9  1  V4F XUW C  . n 
C 3 10 V53 10 10 1  V53 XUW C  . n 
# 
loop_
_pdbx_entity_instance_feature.ordinal 
_pdbx_entity_instance_feature.comp_id 
_pdbx_entity_instance_feature.asym_id 
_pdbx_entity_instance_feature.seq_num 
_pdbx_entity_instance_feature.auth_comp_id 
_pdbx_entity_instance_feature.auth_asym_id 
_pdbx_entity_instance_feature.auth_seq_num 
_pdbx_entity_instance_feature.feature_type 
_pdbx_entity_instance_feature.details 
1 V4F ? ? V4F ? ? 'SUBJECT OF INVESTIGATION' ? 
2 V4F ? ? V4F ? ? 'SUBJECT OF INVESTIGATION' ? 
3 V53 ? ? V53 ? ? 'SUBJECT OF INVESTIGATION' ? 
4 V53 ? ? V53 ? ? 'SUBJECT OF INVESTIGATION' ? 
5 V5F ? ? V5F ? ? 'SUBJECT OF INVESTIGATION' ? 
6 V4F ? ? V4F ? ? 'SUBJECT OF INVESTIGATION' ? 
7 V53 ? ? V53 ? ? 'SUBJECT OF INVESTIGATION' ? 
8 V4F ? ? V4F ? ? 'SUBJECT OF INVESTIGATION' ? 
9 DBU ? ? DBU ? ? 'SUBJECT OF INVESTIGATION' ? 
# 
loop_
_pdbx_unobs_or_zero_occ_atoms.id 
_pdbx_unobs_or_zero_occ_atoms.PDB_model_num 
_pdbx_unobs_or_zero_occ_atoms.polymer_flag 
_pdbx_unobs_or_zero_occ_atoms.occupancy_flag 
_pdbx_unobs_or_zero_occ_atoms.auth_asym_id 
_pdbx_unobs_or_zero_occ_atoms.auth_comp_id 
_pdbx_unobs_or_zero_occ_atoms.auth_seq_id 
_pdbx_unobs_or_zero_occ_atoms.PDB_ins_code 
_pdbx_unobs_or_zero_occ_atoms.auth_atom_id 
_pdbx_unobs_or_zero_occ_atoms.label_alt_id 
_pdbx_unobs_or_zero_occ_atoms.label_asym_id 
_pdbx_unobs_or_zero_occ_atoms.label_comp_id 
_pdbx_unobs_or_zero_occ_atoms.label_seq_id 
_pdbx_unobs_or_zero_occ_atoms.label_atom_id 
1  1 Y 1 AA LYS 3  ? CG  ? A LYS 3  CG  
2  1 Y 1 AA LYS 3  ? CD  ? A LYS 3  CD  
3  1 Y 1 AA LYS 3  ? CE  ? A LYS 3  CE  
4  1 Y 1 AA LYS 3  ? NZ  ? A LYS 3  NZ  
5  1 Y 1 AA LYS 5  ? CG  ? A LYS 5  CG  
6  1 Y 1 AA LYS 5  ? CD  ? A LYS 5  CD  
7  1 Y 1 AA LYS 5  ? CE  ? A LYS 5  CE  
8  1 Y 1 AA LYS 5  ? NZ  ? A LYS 5  NZ  
9  1 Y 1 AA LYS 9  ? CG  ? A LYS 9  CG  
10 1 Y 1 AA LYS 9  ? CD  ? A LYS 9  CD  
11 1 Y 1 AA LYS 9  ? CE  ? A LYS 9  CE  
12 1 Y 1 AA LYS 9  ? NZ  ? A LYS 9  NZ  
13 1 Y 1 AA ASP 16 ? CG  ? A ASP 16 CG  
14 1 Y 1 AA ASP 16 ? OD1 ? A ASP 16 OD1 
15 1 Y 1 AA ASP 16 ? OD2 ? A ASP 16 OD2 
16 1 Y 1 AA LYS 28 ? CG  ? A LYS 28 CG  
17 1 Y 1 AA LYS 28 ? CD  ? A LYS 28 CD  
18 1 Y 1 AA LYS 28 ? CE  ? A LYS 28 CE  
19 1 Y 1 AA LYS 28 ? NZ  ? A LYS 28 NZ  
20 1 Y 1 AA LYS 39 ? CG  ? A LYS 39 CG  
21 1 Y 1 AA LYS 39 ? CD  ? A LYS 39 CD  
22 1 Y 1 AA LYS 39 ? CE  ? A LYS 39 CE  
23 1 Y 1 AA LYS 39 ? NZ  ? A LYS 39 NZ  
24 1 Y 1 AA THR 40 ? OG1 ? A THR 40 OG1 
25 1 Y 1 AA THR 40 ? CG2 ? A THR 40 CG2 
26 1 Y 1 AA LYS 48 ? CG  ? A LYS 48 CG  
27 1 Y 1 AA LYS 48 ? CD  ? A LYS 48 CD  
28 1 Y 1 AA LYS 48 ? CE  ? A LYS 48 CE  
29 1 Y 1 AA LYS 48 ? NZ  ? A LYS 48 NZ  
30 1 Y 1 AA MET 57 ? CG  ? A MET 57 CG  
31 1 Y 1 AA MET 57 ? SD  ? A MET 57 SD  
32 1 Y 1 AA MET 57 ? CE  ? A MET 57 CE  
33 1 Y 1 AA ARG 60 ? CG  ? A ARG 60 CG  
34 1 Y 1 AA ARG 60 ? CD  ? A ARG 60 CD  
35 1 Y 1 AA ARG 60 ? NE  ? A ARG 60 NE  
36 1 Y 1 AA ARG 60 ? CZ  ? A ARG 60 CZ  
37 1 Y 1 AA ARG 60 ? NH1 ? A ARG 60 NH1 
38 1 Y 1 AA ARG 60 ? NH2 ? A ARG 60 NH2 
# 
loop_
_software.citation_id 
_software.classification 
_software.compiler_name 
_software.compiler_version 
_software.contact_author 
_software.contact_author_email 
_software.date 
_software.description 
_software.dependencies 
_software.hardware 
_software.language 
_software.location 
_software.mods 
_software.name 
_software.os 
_software.os_version 
_software.type 
_software.version 
_software.pdbx_ordinal 
? refinement       ? ? ? ? ? ? ? ? ? ? ? PHENIX   ? ? ? 1.20.1_4487 1 
? refinement       ? ? ? ? ? ? ? ? ? ? ? PHENIX   ? ? ? 1.20.1_4487 2 
? 'data reduction' ? ? ? ? ? ? ? ? ? ? ? autoPROC ? ? ? .           3 
? 'data scaling'   ? ? ? ? ? ? ? ? ? ? ? Aimless  ? ? ? .           4 
? phasing          ? ? ? ? ? ? ? ? ? ? ? PHASER   ? ? ? .           5 
# 
_cell.angle_alpha                  90.000 
_cell.angle_alpha_esd              ? 
_cell.angle_beta                   90.000 
_cell.angle_beta_esd               ? 
_cell.angle_gamma                  120.000 
_cell.angle_gamma_esd              ? 
_cell.entry_id                     8QPC 
_cell.details                      ? 
_cell.formula_units_Z              ? 
_cell.length_a                     70.907 
_cell.length_a_esd                 ? 
_cell.length_b                     70.907 
_cell.length_b_esd                 ? 
_cell.length_c                     121.997 
_cell.length_c_esd                 ? 
_cell.volume                       531199.925 
_cell.volume_esd                   ? 
_cell.Z_PDB                        12 
_cell.reciprocal_angle_alpha       ? 
_cell.reciprocal_angle_beta        ? 
_cell.reciprocal_angle_gamma       ? 
_cell.reciprocal_angle_alpha_esd   ? 
_cell.reciprocal_angle_beta_esd    ? 
_cell.reciprocal_angle_gamma_esd   ? 
_cell.reciprocal_length_a          ? 
_cell.reciprocal_length_b          ? 
_cell.reciprocal_length_c          ? 
_cell.reciprocal_length_a_esd      ? 
_cell.reciprocal_length_b_esd      ? 
_cell.reciprocal_length_c_esd      ? 
_cell.pdbx_unique_axis             ? 
_cell.pdbx_esd_method              ? 
# 
_symmetry.entry_id                         8QPC 
_symmetry.cell_setting                     ? 
_symmetry.Int_Tables_number                181 
_symmetry.space_group_name_Hall            'P 64 2 (x,y,z+1/6)' 
_symmetry.space_group_name_H-M             'P 64 2 2' 
_symmetry.pdbx_full_space_group_name_H-M   ? 
# 
_exptl.absorpt_coefficient_mu     ? 
_exptl.absorpt_correction_T_max   ? 
_exptl.absorpt_correction_T_min   ? 
_exptl.absorpt_correction_type    ? 
_exptl.absorpt_process_details    ? 
_exptl.entry_id                   8QPC 
_exptl.crystals_number            1 
_exptl.details                    ? 
_exptl.method                     'X-RAY DIFFRACTION' 
_exptl.method_details             ? 
# 
_exptl_crystal.colour                       ? 
_exptl_crystal.density_diffrn               ? 
_exptl_crystal.density_Matthews             5.87 
_exptl_crystal.density_method               ? 
_exptl_crystal.density_percent_sol          79.05 
_exptl_crystal.description                  'Diamond shape' 
_exptl_crystal.F_000                        ? 
_exptl_crystal.id                           1 
_exptl_crystal.preparation                  ? 
_exptl_crystal.size_max                     ? 
_exptl_crystal.size_mid                     ? 
_exptl_crystal.size_min                     ? 
_exptl_crystal.size_rad                     ? 
_exptl_crystal.colour_lustre                ? 
_exptl_crystal.colour_modifier              ? 
_exptl_crystal.colour_primary               ? 
_exptl_crystal.density_meas                 ? 
_exptl_crystal.density_meas_esd             ? 
_exptl_crystal.density_meas_gt              ? 
_exptl_crystal.density_meas_lt              ? 
_exptl_crystal.density_meas_temp            ? 
_exptl_crystal.density_meas_temp_esd        ? 
_exptl_crystal.density_meas_temp_gt         ? 
_exptl_crystal.density_meas_temp_lt         ? 
_exptl_crystal.pdbx_crystal_image_url       ? 
_exptl_crystal.pdbx_crystal_image_format    ? 
_exptl_crystal.pdbx_mosaicity               ? 
_exptl_crystal.pdbx_mosaicity_esd           ? 
_exptl_crystal.pdbx_mosaic_method           ? 
_exptl_crystal.pdbx_mosaic_block_size       ? 
_exptl_crystal.pdbx_mosaic_block_size_esd   ? 
# 
_exptl_crystal_grow.apparatus       ? 
_exptl_crystal_grow.atmosphere      ? 
_exptl_crystal_grow.crystal_id      1 
_exptl_crystal_grow.details         ? 
_exptl_crystal_grow.method          'VAPOR DIFFUSION, HANGING DROP' 
_exptl_crystal_grow.method_ref      ? 
_exptl_crystal_grow.pH              6.0 
_exptl_crystal_grow.pressure        ? 
_exptl_crystal_grow.pressure_esd    ? 
_exptl_crystal_grow.seeding         ? 
_exptl_crystal_grow.seeding_ref     ? 
_exptl_crystal_grow.temp_details    ? 
_exptl_crystal_grow.temp_esd        ? 
_exptl_crystal_grow.time            ? 
_exptl_crystal_grow.pdbx_details    '10 % PEG 400, 0.1 M MES pH 6.0' 
_exptl_crystal_grow.pdbx_pH_range   ? 
_exptl_crystal_grow.temp            293.15 
# 
_diffrn.ambient_environment              ? 
_diffrn.ambient_temp                     100 
_diffrn.ambient_temp_details             ? 
_diffrn.ambient_temp_esd                 ? 
_diffrn.crystal_id                       1 
_diffrn.crystal_support                  ? 
_diffrn.crystal_treatment                ? 
_diffrn.details                          ? 
_diffrn.id                               1 
_diffrn.ambient_pressure                 ? 
_diffrn.ambient_pressure_esd             ? 
_diffrn.ambient_pressure_gt              ? 
_diffrn.ambient_pressure_lt              ? 
_diffrn.ambient_temp_gt                  ? 
_diffrn.ambient_temp_lt                  ? 
_diffrn.pdbx_serial_crystal_experiment   N 
# 
_diffrn_detector.details                      ? 
_diffrn_detector.detector                     PIXEL 
_diffrn_detector.diffrn_id                    1 
_diffrn_detector.type                         'DECTRIS EIGER2 S 9M' 
_diffrn_detector.area_resol_mean              ? 
_diffrn_detector.dtime                        ? 
_diffrn_detector.pdbx_frames_total            ? 
_diffrn_detector.pdbx_collection_time_total   ? 
_diffrn_detector.pdbx_collection_date         2023-04-14 
_diffrn_detector.pdbx_frequency               ? 
_diffrn_detector.id                           ? 
_diffrn_detector.number_of_axes               ? 
# 
_diffrn_radiation.collimation                      ? 
_diffrn_radiation.diffrn_id                        1 
_diffrn_radiation.filter_edge                      ? 
_diffrn_radiation.inhomogeneity                    ? 
_diffrn_radiation.monochromator                    'Si(111)' 
_diffrn_radiation.polarisn_norm                    ? 
_diffrn_radiation.polarisn_ratio                   ? 
_diffrn_radiation.probe                            ? 
_diffrn_radiation.type                             ? 
_diffrn_radiation.xray_symbol                      ? 
_diffrn_radiation.wavelength_id                    1 
_diffrn_radiation.pdbx_monochromatic_or_laue_m_l   M 
_diffrn_radiation.pdbx_wavelength_list             ? 
_diffrn_radiation.pdbx_wavelength                  ? 
_diffrn_radiation.pdbx_diffrn_protocol             'SINGLE WAVELENGTH' 
_diffrn_radiation.pdbx_analyzer                    ? 
_diffrn_radiation.pdbx_scattering_type             x-ray 
# 
_diffrn_radiation_wavelength.id           1 
_diffrn_radiation_wavelength.wavelength   0.8731 
_diffrn_radiation_wavelength.wt           1.0 
# 
_diffrn_source.current                     ? 
_diffrn_source.details                     ? 
_diffrn_source.diffrn_id                   1 
_diffrn_source.power                       ? 
_diffrn_source.size                        ? 
_diffrn_source.source                      SYNCHROTRON 
_diffrn_source.target                      ? 
_diffrn_source.type                        'ESRF BEAMLINE ID30B' 
_diffrn_source.voltage                     ? 
_diffrn_source.take-off_angle              ? 
_diffrn_source.pdbx_wavelength_list        0.8731 
_diffrn_source.pdbx_wavelength             ? 
_diffrn_source.pdbx_synchrotron_beamline   ID30B 
_diffrn_source.pdbx_synchrotron_site       ESRF 
# 
_reflns.B_iso_Wilson_estimate                          91.24 
_reflns.entry_id                                       8QPC 
_reflns.data_reduction_details                         ? 
_reflns.data_reduction_method                          ? 
_reflns.d_resolution_high                              3.24 
_reflns.d_resolution_low                               61.41 
_reflns.details                                        ? 
_reflns.limit_h_max                                    ? 
_reflns.limit_h_min                                    ? 
_reflns.limit_k_max                                    ? 
_reflns.limit_k_min                                    ? 
_reflns.limit_l_max                                    ? 
_reflns.limit_l_min                                    ? 
_reflns.number_all                                     ? 
_reflns.number_obs                                     2973 
_reflns.observed_criterion                             ? 
_reflns.observed_criterion_F_max                       ? 
_reflns.observed_criterion_F_min                       ? 
_reflns.observed_criterion_I_max                       ? 
_reflns.observed_criterion_I_min                       ? 
_reflns.observed_criterion_sigma_F                     ? 
_reflns.observed_criterion_sigma_I                     ? 
_reflns.percent_possible_obs                           89.51 
_reflns.R_free_details                                 ? 
_reflns.Rmerge_F_all                                   ? 
_reflns.Rmerge_F_obs                                   ? 
_reflns.Friedel_coverage                               ? 
_reflns.number_gt                                      ? 
_reflns.threshold_expression                           ? 
_reflns.pdbx_redundancy                                17.4 
_reflns.pdbx_netI_over_av_sigmaI                       ? 
_reflns.pdbx_netI_over_sigmaI                          9.81 
_reflns.pdbx_res_netI_over_av_sigmaI_2                 ? 
_reflns.pdbx_res_netI_over_sigmaI_2                    ? 
_reflns.pdbx_chi_squared                               ? 
_reflns.pdbx_scaling_rejects                           ? 
_reflns.pdbx_d_res_high_opt                            ? 
_reflns.pdbx_d_res_low_opt                             ? 
_reflns.pdbx_d_res_opt_method                          ? 
_reflns.phase_calculation_details                      ? 
_reflns.pdbx_Rrim_I_all                                ? 
_reflns.pdbx_Rpim_I_all                                ? 
_reflns.pdbx_d_opt                                     ? 
_reflns.pdbx_number_measured_all                       ? 
_reflns.pdbx_diffrn_id                                 1 
_reflns.pdbx_ordinal                                   1 
_reflns.pdbx_CC_half                                   0.999 
_reflns.pdbx_CC_star                                   ? 
_reflns.pdbx_R_split                                   ? 
_reflns.pdbx_Rmerge_I_obs                              ? 
_reflns.pdbx_Rmerge_I_all                              ? 
_reflns.pdbx_Rsym_value                                ? 
_reflns.pdbx_CC_split_method                           ? 
_reflns.pdbx_aniso_diffraction_limit_axis_1_ortho[1]   ? 
_reflns.pdbx_aniso_diffraction_limit_axis_1_ortho[2]   ? 
_reflns.pdbx_aniso_diffraction_limit_axis_1_ortho[3]   ? 
_reflns.pdbx_aniso_diffraction_limit_axis_2_ortho[1]   ? 
_reflns.pdbx_aniso_diffraction_limit_axis_2_ortho[2]   ? 
_reflns.pdbx_aniso_diffraction_limit_axis_2_ortho[3]   ? 
_reflns.pdbx_aniso_diffraction_limit_axis_3_ortho[1]   ? 
_reflns.pdbx_aniso_diffraction_limit_axis_3_ortho[2]   ? 
_reflns.pdbx_aniso_diffraction_limit_axis_3_ortho[3]   ? 
_reflns.pdbx_aniso_diffraction_limit_1                 ? 
_reflns.pdbx_aniso_diffraction_limit_2                 ? 
_reflns.pdbx_aniso_diffraction_limit_3                 ? 
_reflns.pdbx_aniso_B_tensor_eigenvector_1_ortho[1]     ? 
_reflns.pdbx_aniso_B_tensor_eigenvector_1_ortho[2]     ? 
_reflns.pdbx_aniso_B_tensor_eigenvector_1_ortho[3]     ? 
_reflns.pdbx_aniso_B_tensor_eigenvector_2_ortho[1]     ? 
_reflns.pdbx_aniso_B_tensor_eigenvector_2_ortho[2]     ? 
_reflns.pdbx_aniso_B_tensor_eigenvector_2_ortho[3]     ? 
_reflns.pdbx_aniso_B_tensor_eigenvector_3_ortho[1]     ? 
_reflns.pdbx_aniso_B_tensor_eigenvector_3_ortho[2]     ? 
_reflns.pdbx_aniso_B_tensor_eigenvector_3_ortho[3]     ? 
_reflns.pdbx_aniso_B_tensor_eigenvalue_1               ? 
_reflns.pdbx_aniso_B_tensor_eigenvalue_2               ? 
_reflns.pdbx_aniso_B_tensor_eigenvalue_3               ? 
_reflns.pdbx_orthogonalization_convention              ? 
_reflns.pdbx_percent_possible_ellipsoidal              ? 
_reflns.pdbx_percent_possible_spherical                ? 
_reflns.pdbx_percent_possible_ellipsoidal_anomalous    ? 
_reflns.pdbx_percent_possible_spherical_anomalous      ? 
_reflns.pdbx_redundancy_anomalous                      ? 
_reflns.pdbx_CC_half_anomalous                         ? 
_reflns.pdbx_absDiff_over_sigma_anomalous              ? 
_reflns.pdbx_percent_possible_anomalous                ? 
_reflns.pdbx_observed_signal_threshold                 ? 
_reflns.pdbx_signal_type                               ? 
_reflns.pdbx_signal_details                            ? 
_reflns.pdbx_signal_software_id                        ? 
# 
_reflns_shell.d_res_high                                    3.241 
_reflns_shell.d_res_low                                     3.356 
_reflns_shell.meanI_over_sigI_all                           ? 
_reflns_shell.meanI_over_sigI_obs                           1.96 
_reflns_shell.number_measured_all                           ? 
_reflns_shell.number_measured_obs                           ? 
_reflns_shell.number_possible                               ? 
_reflns_shell.number_unique_all                             ? 
_reflns_shell.number_unique_obs                             244 
_reflns_shell.percent_possible_obs                          ? 
_reflns_shell.Rmerge_F_all                                  ? 
_reflns_shell.Rmerge_F_obs                                  ? 
_reflns_shell.meanI_over_sigI_gt                            ? 
_reflns_shell.meanI_over_uI_all                             ? 
_reflns_shell.meanI_over_uI_gt                              ? 
_reflns_shell.number_measured_gt                            ? 
_reflns_shell.number_unique_gt                              ? 
_reflns_shell.percent_possible_gt                           ? 
_reflns_shell.Rmerge_F_gt                                   ? 
_reflns_shell.Rmerge_I_gt                                   ? 
_reflns_shell.pdbx_redundancy                               ? 
_reflns_shell.pdbx_chi_squared                              ? 
_reflns_shell.pdbx_netI_over_sigmaI_all                     ? 
_reflns_shell.pdbx_netI_over_sigmaI_obs                     ? 
_reflns_shell.pdbx_Rrim_I_all                               ? 
_reflns_shell.pdbx_Rpim_I_all                               ? 
_reflns_shell.pdbx_rejects                                  ? 
_reflns_shell.pdbx_ordinal                                  1 
_reflns_shell.pdbx_diffrn_id                                1 
_reflns_shell.pdbx_CC_half                                  0.938 
_reflns_shell.pdbx_CC_star                                  ? 
_reflns_shell.pdbx_R_split                                  ? 
_reflns_shell.percent_possible_all                          81.27 
_reflns_shell.Rmerge_I_all                                  ? 
_reflns_shell.Rmerge_I_obs                                  ? 
_reflns_shell.pdbx_Rsym_value                               ? 
_reflns_shell.pdbx_percent_possible_ellipsoidal             ? 
_reflns_shell.pdbx_percent_possible_spherical               ? 
_reflns_shell.pdbx_percent_possible_ellipsoidal_anomalous   ? 
_reflns_shell.pdbx_percent_possible_spherical_anomalous     ? 
_reflns_shell.pdbx_redundancy_anomalous                     ? 
_reflns_shell.pdbx_CC_half_anomalous                        ? 
_reflns_shell.pdbx_absDiff_over_sigma_anomalous             ? 
_reflns_shell.pdbx_percent_possible_anomalous               ? 
# 
_refine.aniso_B[1][1]                            ? 
_refine.aniso_B[1][2]                            ? 
_refine.aniso_B[1][3]                            ? 
_refine.aniso_B[2][2]                            ? 
_refine.aniso_B[2][3]                            ? 
_refine.aniso_B[3][3]                            ? 
_refine.B_iso_max                                ? 
_refine.B_iso_mean                               123.77 
_refine.B_iso_min                                ? 
_refine.correlation_coeff_Fo_to_Fc               ? 
_refine.correlation_coeff_Fo_to_Fc_free          ? 
_refine.details                                  ? 
_refine.diff_density_max                         ? 
_refine.diff_density_max_esd                     ? 
_refine.diff_density_min                         ? 
_refine.diff_density_min_esd                     ? 
_refine.diff_density_rms                         ? 
_refine.diff_density_rms_esd                     ? 
_refine.entry_id                                 8QPC 
_refine.pdbx_refine_id                           'X-RAY DIFFRACTION' 
_refine.ls_abs_structure_details                 ? 
_refine.ls_abs_structure_Flack                   ? 
_refine.ls_abs_structure_Flack_esd               ? 
_refine.ls_abs_structure_Rogers                  ? 
_refine.ls_abs_structure_Rogers_esd              ? 
_refine.ls_d_res_high                            3.24 
_refine.ls_d_res_low                             61.41 
_refine.ls_extinction_coef                       ? 
_refine.ls_extinction_coef_esd                   ? 
_refine.ls_extinction_expression                 ? 
_refine.ls_extinction_method                     ? 
_refine.ls_goodness_of_fit_all                   ? 
_refine.ls_goodness_of_fit_all_esd               ? 
_refine.ls_goodness_of_fit_obs                   ? 
_refine.ls_goodness_of_fit_obs_esd               ? 
_refine.ls_hydrogen_treatment                    ? 
_refine.ls_matrix_type                           ? 
_refine.ls_number_constraints                    ? 
_refine.ls_number_parameters                     ? 
_refine.ls_number_reflns_all                     ? 
_refine.ls_number_reflns_obs                     2879 
_refine.ls_number_reflns_R_free                  139 
_refine.ls_number_reflns_R_work                  2740 
_refine.ls_number_restraints                     ? 
_refine.ls_percent_reflns_obs                    89.38 
_refine.ls_percent_reflns_R_free                 4.83 
_refine.ls_R_factor_all                          ? 
_refine.ls_R_factor_obs                          0.3362 
_refine.ls_R_factor_R_free                       0.3481 
_refine.ls_R_factor_R_free_error                 ? 
_refine.ls_R_factor_R_free_error_details         ? 
_refine.ls_R_factor_R_work                       0.3356 
_refine.ls_R_Fsqd_factor_obs                     ? 
_refine.ls_R_I_factor_obs                        ? 
_refine.ls_redundancy_reflns_all                 ? 
_refine.ls_redundancy_reflns_obs                 ? 
_refine.ls_restrained_S_all                      ? 
_refine.ls_restrained_S_obs                      ? 
_refine.ls_shift_over_esd_max                    ? 
_refine.ls_shift_over_esd_mean                   ? 
_refine.ls_structure_factor_coef                 ? 
_refine.ls_weighting_details                     ? 
_refine.ls_weighting_scheme                      ? 
_refine.ls_wR_factor_all                         ? 
_refine.ls_wR_factor_obs                         ? 
_refine.ls_wR_factor_R_free                      ? 
_refine.ls_wR_factor_R_work                      ? 
_refine.occupancy_max                            ? 
_refine.occupancy_min                            ? 
_refine.solvent_model_details                    'FLAT BULK SOLVENT MODEL' 
_refine.solvent_model_param_bsol                 ? 
_refine.solvent_model_param_ksol                 ? 
_refine.pdbx_R_complete                          ? 
_refine.ls_R_factor_gt                           ? 
_refine.ls_goodness_of_fit_gt                    ? 
_refine.ls_goodness_of_fit_ref                   ? 
_refine.ls_shift_over_su_max                     ? 
_refine.ls_shift_over_su_max_lt                  ? 
_refine.ls_shift_over_su_mean                    ? 
_refine.ls_shift_over_su_mean_lt                 ? 
_refine.pdbx_ls_sigma_I                          ? 
_refine.pdbx_ls_sigma_F                          1.33 
_refine.pdbx_ls_sigma_Fsqd                       ? 
_refine.pdbx_data_cutoff_high_absF               ? 
_refine.pdbx_data_cutoff_high_rms_absF           ? 
_refine.pdbx_data_cutoff_low_absF                ? 
_refine.pdbx_isotropic_thermal_model             ? 
_refine.pdbx_ls_cross_valid_method               'FREE R-VALUE' 
_refine.pdbx_method_to_determine_struct          'MOLECULAR REPLACEMENT' 
_refine.pdbx_starting_model                      ? 
_refine.pdbx_stereochemistry_target_values       'GeoStd + Monomer Library + CDL v1.2' 
_refine.pdbx_R_Free_selection_details            ? 
_refine.pdbx_stereochem_target_val_spec_case     ? 
_refine.pdbx_overall_ESU_R                       ? 
_refine.pdbx_overall_ESU_R_Free                  ? 
_refine.pdbx_solvent_vdw_probe_radii             1.1000 
_refine.pdbx_solvent_ion_probe_radii             ? 
_refine.pdbx_solvent_shrinkage_radii             0.9000 
_refine.pdbx_real_space_R                        ? 
_refine.pdbx_density_correlation                 ? 
_refine.pdbx_pd_number_of_powder_patterns        ? 
_refine.pdbx_pd_number_of_points                 ? 
_refine.pdbx_pd_meas_number_of_points            ? 
_refine.pdbx_pd_proc_ls_prof_R_factor            ? 
_refine.pdbx_pd_proc_ls_prof_wR_factor           ? 
_refine.pdbx_pd_Marquardt_correlation_coeff      ? 
_refine.pdbx_pd_Fsqrd_R_factor                   ? 
_refine.pdbx_pd_ls_matrix_band_width             ? 
_refine.pdbx_overall_phase_error                 38.6870 
_refine.pdbx_overall_SU_R_free_Cruickshank_DPI   ? 
_refine.pdbx_overall_SU_R_free_Blow_DPI          ? 
_refine.pdbx_overall_SU_R_Blow_DPI               ? 
_refine.pdbx_TLS_residual_ADP_flag               ? 
_refine.pdbx_diffrn_id                           1 
_refine.overall_SU_B                             ? 
_refine.overall_SU_ML                            0.0849 
_refine.overall_SU_R_Cruickshank_DPI             ? 
_refine.overall_SU_R_free                        ? 
_refine.overall_FOM_free_R_set                   ? 
_refine.overall_FOM_work_R_set                   ? 
_refine.pdbx_average_fsc_overall                 ? 
_refine.pdbx_average_fsc_work                    ? 
_refine.pdbx_average_fsc_free                    ? 
# 
_refine_hist.pdbx_refine_id                   'X-RAY DIFFRACTION' 
_refine_hist.cycle_id                         LAST 
_refine_hist.details                          ? 
_refine_hist.d_res_high                       3.24 
_refine_hist.d_res_low                        61.41 
_refine_hist.number_atoms_solvent             0 
_refine_hist.number_atoms_total               812 
_refine_hist.number_reflns_all                ? 
_refine_hist.number_reflns_obs                ? 
_refine_hist.number_reflns_R_free             ? 
_refine_hist.number_reflns_R_work             ? 
_refine_hist.R_factor_all                     ? 
_refine_hist.R_factor_obs                     ? 
_refine_hist.R_factor_R_free                  ? 
_refine_hist.R_factor_R_work                  ? 
_refine_hist.pdbx_number_residues_total       ? 
_refine_hist.pdbx_B_iso_mean_ligand           ? 
_refine_hist.pdbx_B_iso_mean_solvent          ? 
_refine_hist.pdbx_number_atoms_protein        462 
_refine_hist.pdbx_number_atoms_nucleic_acid   0 
_refine_hist.pdbx_number_atoms_ligand         350 
_refine_hist.pdbx_number_atoms_lipid          ? 
_refine_hist.pdbx_number_atoms_carb           ? 
_refine_hist.pdbx_pseudo_atom_details         ? 
# 
loop_
_refine_ls_restr.pdbx_refine_id 
_refine_ls_restr.criterion 
_refine_ls_restr.dev_ideal 
_refine_ls_restr.dev_ideal_target 
_refine_ls_restr.number 
_refine_ls_restr.rejects 
_refine_ls_restr.type 
_refine_ls_restr.weight 
_refine_ls_restr.pdbx_restraint_function 
'X-RAY DIFFRACTION' ? 0.0277  ? 846  ? f_bond_d           ? ? 
'X-RAY DIFFRACTION' ? 3.8065  ? 1198 ? f_angle_d          ? ? 
'X-RAY DIFFRACTION' ? 0.2847  ? 88   ? f_chiral_restr     ? ? 
'X-RAY DIFFRACTION' ? 0.0210  ? 120  ? f_plane_restr      ? ? 
'X-RAY DIFFRACTION' ? 16.3208 ? 181  ? f_dihedral_angle_d ? ? 
# 
_refine_ls_restr_ncs.pdbx_ordinal        1 
_refine_ls_restr_ncs.pdbx_refine_id      'X-RAY DIFFRACTION' 
_refine_ls_restr_ncs.dom_id              d_2 
_refine_ls_restr_ncs.pdbx_ens_id         ens_1 
_refine_ls_restr_ncs.rms_dev_position    0.75222926084 
_refine_ls_restr_ncs.weight_position     ? 
_refine_ls_restr_ncs.rms_dev_B_iso       ? 
_refine_ls_restr_ncs.weight_B_iso        ? 
_refine_ls_restr_ncs.pdbx_type           'Torsion NCS' 
_refine_ls_restr_ncs.pdbx_asym_id        B 
_refine_ls_restr_ncs.pdbx_auth_asym_id   B 
_refine_ls_restr_ncs.pdbx_number         ? 
_refine_ls_restr_ncs.pdbx_rms            ? 
_refine_ls_restr_ncs.pdbx_weight         ? 
_refine_ls_restr_ncs.ncs_model_details   ? 
# 
_refine_ls_shell.pdbx_refine_id                   'X-RAY DIFFRACTION' 
_refine_ls_shell.d_res_high                       3.24 
_refine_ls_shell.d_res_low                        61.41 
_refine_ls_shell.number_reflns_all                ? 
_refine_ls_shell.number_reflns_obs                ? 
_refine_ls_shell.number_reflns_R_free             139 
_refine_ls_shell.number_reflns_R_work             2740 
_refine_ls_shell.percent_reflns_obs               89.38 
_refine_ls_shell.percent_reflns_R_free            ? 
_refine_ls_shell.R_factor_all                     ? 
_refine_ls_shell.R_factor_obs                     ? 
_refine_ls_shell.R_factor_R_free_error            ? 
_refine_ls_shell.R_factor_R_work                  0.3356 
_refine_ls_shell.redundancy_reflns_all            ? 
_refine_ls_shell.redundancy_reflns_obs            ? 
_refine_ls_shell.wR_factor_all                    ? 
_refine_ls_shell.wR_factor_obs                    ? 
_refine_ls_shell.wR_factor_R_free                 ? 
_refine_ls_shell.wR_factor_R_work                 ? 
_refine_ls_shell.pdbx_R_complete                  ? 
_refine_ls_shell.pdbx_total_number_of_bins_used   ? 
_refine_ls_shell.pdbx_phase_error                 ? 
_refine_ls_shell.pdbx_fsc_work                    ? 
_refine_ls_shell.pdbx_fsc_free                    ? 
_refine_ls_shell.R_factor_R_free                  0.3481 
# 
_struct_ncs_oper.id             1 
_struct_ncs_oper.code           given 
_struct_ncs_oper.matrix[1][1]   0.694425570117 
_struct_ncs_oper.matrix[1][2]   0.259692742913 
_struct_ncs_oper.matrix[1][3]   -0.671068406979 
_struct_ncs_oper.matrix[2][1]   0.25015210628 
_struct_ncs_oper.matrix[2][2]   -0.96156042267 
_struct_ncs_oper.matrix[2][3]   -0.113249623776 
_struct_ncs_oper.matrix[3][1]   -0.674682926485 
_struct_ncs_oper.matrix[3][2]   -0.089225740908 
_struct_ncs_oper.matrix[3][3]   -0.732694831338 
_struct_ncs_oper.vector[1]      5.96706825269 
_struct_ncs_oper.vector[2]      13.0149419188 
_struct_ncs_oper.vector[3]      22.7381257844 
_struct_ncs_oper.details        ? 
# 
loop_
_struct_ncs_dom.pdbx_ens_id 
_struct_ncs_dom.id 
_struct_ncs_dom.details 
ens_1 d_1 
;chain "B"
;
ens_1 d_2 
;chain "C"
;
# 
_struct_ncs_ens.id        ens_1 
_struct_ncs_ens.details   ? 
# 
_struct_ncs_ens_gen.ens_id     ens_1 
_struct_ncs_ens_gen.dom_id_1   d_2 
_struct_ncs_ens_gen.dom_id_2   d_1 
_struct_ncs_ens_gen.oper_id    1 
# 
_struct.entry_id                     8QPC 
_struct.title                        '18mer DNA mimic Foldamer with an Aromatic linker in complex with Sac7d V26A/M29A protein' 
_struct.pdbx_model_details           ? 
_struct.pdbx_formula_weight          ? 
_struct.pdbx_formula_weight_method   ? 
_struct.pdbx_model_type_details      ? 
_struct.pdbx_CASP_flag               N 
# 
_struct_keywords.entry_id        8QPC 
_struct_keywords.text            'Foldamer, DNA mimic foldamer, DNA mimicry, Sac7d, DNA BINDING PROTEIN' 
_struct_keywords.pdbx_keywords   'DNA BINDING PROTEIN' 
# 
loop_
_struct_asym.id 
_struct_asym.pdbx_blank_PDB_chainid_flag 
_struct_asym.pdbx_modified 
_struct_asym.entity_id 
_struct_asym.details 
A N N 1 ? 
B N N 2 ? 
C N N 3 ? 
# 
loop_
_struct_ref.id 
_struct_ref.db_name 
_struct_ref.db_code 
_struct_ref.pdbx_db_accession 
_struct_ref.pdbx_db_isoform 
_struct_ref.entity_id 
_struct_ref.pdbx_seq_one_letter_code 
_struct_ref.pdbx_align_begin 
1 UNP DN7D_SULAC P13123 ? 1 MVKVKFKYKGEEKEVDTSKIKKVWRVGKMVSFTYDDNGKTGRGAVSEKDAPKELLDMLARAEREKK 1 
2 PDB 8QPC       8QPC   ? 2 ?                                                                  1 
3 PDB 8QPC       8QPC   ? 3 ?                                                                  1 
# 
loop_
_struct_ref_seq.align_id 
_struct_ref_seq.ref_id 
_struct_ref_seq.pdbx_PDB_id_code 
_struct_ref_seq.pdbx_strand_id 
_struct_ref_seq.seq_align_beg 
_struct_ref_seq.pdbx_seq_align_beg_ins_code 
_struct_ref_seq.seq_align_end 
_struct_ref_seq.pdbx_seq_align_end_ins_code 
_struct_ref_seq.pdbx_db_accession 
_struct_ref_seq.db_align_beg 
_struct_ref_seq.pdbx_db_align_beg_ins_code 
_struct_ref_seq.db_align_end 
_struct_ref_seq.pdbx_db_align_end_ins_code 
_struct_ref_seq.pdbx_auth_seq_align_beg 
_struct_ref_seq.pdbx_auth_seq_align_end 
1 1 8QPC AA 1 ? 66 ? P13123 1 ? 66 ? 1 66 
2 2 8QPC B  1 ? 10 ? 8QPC   1 ? 10 ? 1 10 
3 3 8QPC C  1 ? 10 ? 8QPC   1 ? 10 ? 1 10 
# 
loop_
_struct_ref_seq_dif.align_id 
_struct_ref_seq_dif.pdbx_pdb_id_code 
_struct_ref_seq_dif.mon_id 
_struct_ref_seq_dif.pdbx_pdb_strand_id 
_struct_ref_seq_dif.seq_num 
_struct_ref_seq_dif.pdbx_pdb_ins_code 
_struct_ref_seq_dif.pdbx_seq_db_name 
_struct_ref_seq_dif.pdbx_seq_db_accession_code 
_struct_ref_seq_dif.db_mon_id 
_struct_ref_seq_dif.pdbx_seq_db_seq_num 
_struct_ref_seq_dif.details 
_struct_ref_seq_dif.pdbx_auth_seq_num 
_struct_ref_seq_dif.pdbx_ordinal 
1 8QPC ALA AA 26 ? UNP P13123 VAL 26 'engineered mutation' 26 1 
1 8QPC ALA AA 29 ? UNP P13123 MET 29 'engineered mutation' 29 2 
# 
_pdbx_struct_assembly.id                   1 
_pdbx_struct_assembly.details              author_and_software_defined_assembly 
_pdbx_struct_assembly.method_details       PISA 
_pdbx_struct_assembly.oligomeric_details   monomeric 
_pdbx_struct_assembly.oligomeric_count     1 
# 
_pdbx_struct_assembly_gen.assembly_id       1 
_pdbx_struct_assembly_gen.oper_expression   1 
_pdbx_struct_assembly_gen.asym_id_list      A,B,C 
# 
_pdbx_struct_assembly_auth_evidence.id                     1 
_pdbx_struct_assembly_auth_evidence.assembly_id            1 
_pdbx_struct_assembly_auth_evidence.experimental_support   'surface plasmon resonance' 
_pdbx_struct_assembly_auth_evidence.details                ? 
# 
_pdbx_struct_oper_list.id                   1 
_pdbx_struct_oper_list.type                 'identity operation' 
_pdbx_struct_oper_list.name                 1_555 
_pdbx_struct_oper_list.symmetry_operation   x,y,z 
_pdbx_struct_oper_list.matrix[1][1]         1.0 
_pdbx_struct_oper_list.matrix[1][2]         0.0 
_pdbx_struct_oper_list.matrix[1][3]         0.0 
_pdbx_struct_oper_list.vector[1]            0.0 
_pdbx_struct_oper_list.matrix[2][1]         0.0 
_pdbx_struct_oper_list.matrix[2][2]         1.0 
_pdbx_struct_oper_list.matrix[2][3]         0.0 
_pdbx_struct_oper_list.vector[2]            0.0 
_pdbx_struct_oper_list.matrix[3][1]         0.0 
_pdbx_struct_oper_list.matrix[3][2]         0.0 
_pdbx_struct_oper_list.matrix[3][3]         1.0 
_pdbx_struct_oper_list.vector[3]            0.0 
# 
_struct_conf.conf_type_id            HELX_P 
_struct_conf.id                      HELX_P1 
_struct_conf.pdbx_PDB_helix_id       AA1 
_struct_conf.beg_label_comp_id       PRO 
_struct_conf.beg_label_asym_id       A 
_struct_conf.beg_label_seq_id        51 
_struct_conf.pdbx_beg_PDB_ins_code   ? 
_struct_conf.end_label_comp_id       GLU 
_struct_conf.end_label_asym_id       A 
_struct_conf.end_label_seq_id        62 
_struct_conf.pdbx_end_PDB_ins_code   ? 
_struct_conf.beg_auth_comp_id        PRO 
_struct_conf.beg_auth_asym_id        AA 
_struct_conf.beg_auth_seq_id         51 
_struct_conf.end_auth_comp_id        GLU 
_struct_conf.end_auth_asym_id        AA 
_struct_conf.end_auth_seq_id         62 
_struct_conf.pdbx_PDB_helix_class    1 
_struct_conf.details                 ? 
_struct_conf.pdbx_PDB_helix_length   12 
# 
_struct_conf_type.id          HELX_P 
_struct_conf_type.criteria    ? 
_struct_conf_type.reference   ? 
# 
loop_
_struct_conn.id 
_struct_conn.conn_type_id 
_struct_conn.pdbx_leaving_atom_flag 
_struct_conn.pdbx_PDB_id 
_struct_conn.ptnr1_label_asym_id 
_struct_conn.ptnr1_label_comp_id 
_struct_conn.ptnr1_label_seq_id 
_struct_conn.ptnr1_label_atom_id 
_struct_conn.pdbx_ptnr1_label_alt_id 
_struct_conn.pdbx_ptnr1_PDB_ins_code 
_struct_conn.pdbx_ptnr1_standard_comp_id 
_struct_conn.ptnr1_symmetry 
_struct_conn.ptnr2_label_asym_id 
_struct_conn.ptnr2_label_comp_id 
_struct_conn.ptnr2_label_seq_id 
_struct_conn.ptnr2_label_atom_id 
_struct_conn.pdbx_ptnr2_label_alt_id 
_struct_conn.pdbx_ptnr2_PDB_ins_code 
_struct_conn.ptnr1_auth_asym_id 
_struct_conn.ptnr1_auth_comp_id 
_struct_conn.ptnr1_auth_seq_id 
_struct_conn.ptnr2_auth_asym_id 
_struct_conn.ptnr2_auth_comp_id 
_struct_conn.ptnr2_auth_seq_id 
_struct_conn.ptnr2_symmetry 
_struct_conn.pdbx_ptnr3_label_atom_id 
_struct_conn.pdbx_ptnr3_label_seq_id 
_struct_conn.pdbx_ptnr3_label_comp_id 
_struct_conn.pdbx_ptnr3_label_asym_id 
_struct_conn.pdbx_ptnr3_label_alt_id 
_struct_conn.pdbx_ptnr3_PDB_ins_code 
_struct_conn.details 
_struct_conn.pdbx_dist_value 
_struct_conn.pdbx_value_order 
_struct_conn.pdbx_role 
covale1  covale both ? B DBU 1 C ? ? ? 1_555 B V4F 2  N ? ? B DBU 1 B V4F 2  1_555 ? ? ? ? ? ? ? 1.297 ? ? 
covale2  covale both ? B V4F 2 C ? ? ? 1_555 B V53 3  N ? ? B V4F 2 B V53 3  1_555 ? ? ? ? ? ? ? 1.406 ? ? 
covale3  covale both ? B V53 3 C ? ? ? 1_555 B V4F 4  N ? ? B V53 3 B V4F 4  1_555 ? ? ? ? ? ? ? 1.370 ? ? 
covale4  covale both ? B V4F 4 C ? ? ? 1_555 B V53 5  N ? ? B V4F 4 B V53 5  1_555 ? ? ? ? ? ? ? 1.347 ? ? 
covale5  covale both ? B V53 5 C ? ? ? 1_555 B V5F 6  N ? ? B V53 5 B V5F 6  1_555 ? ? ? ? ? ? ? 1.362 ? ? 
covale6  covale both ? B V5F 6 C ? ? ? 1_555 B V4F 7  N ? ? B V5F 6 B V4F 7  1_555 ? ? ? ? ? ? ? 1.345 ? ? 
covale7  covale both ? B V4F 7 C ? ? ? 1_555 B V53 8  N ? ? B V4F 7 B V53 8  1_555 ? ? ? ? ? ? ? 1.363 ? ? 
covale8  covale both ? B V53 8 C ? ? ? 1_555 B V4F 9  N ? ? B V53 8 B V4F 9  1_555 ? ? ? ? ? ? ? 1.371 ? ? 
covale9  covale both ? B V4F 9 C ? ? ? 1_555 B V53 10 N ? ? B V4F 9 B V53 10 1_555 ? ? ? ? ? ? ? 1.333 ? ? 
covale10 covale both ? C DBB 1 C ? ? ? 1_555 C V4F 2  N ? ? C DBB 1 C V4F 2  1_555 ? ? ? ? ? ? ? 1.320 ? ? 
covale11 covale both ? C V4F 2 C ? ? ? 1_555 C V53 3  N ? ? C V4F 2 C V53 3  1_555 ? ? ? ? ? ? ? 1.367 ? ? 
covale12 covale both ? C V53 3 C ? ? ? 1_555 C V4F 4  N ? ? C V53 3 C V4F 4  1_555 ? ? ? ? ? ? ? 1.383 ? ? 
covale13 covale both ? C V4F 4 C ? ? ? 1_555 C V53 5  N ? ? C V4F 4 C V53 5  1_555 ? ? ? ? ? ? ? 1.340 ? ? 
covale14 covale both ? C V53 5 C ? ? ? 1_555 C V5F 6  N ? ? C V53 5 C V5F 6  1_555 ? ? ? ? ? ? ? 1.387 ? ? 
covale15 covale both ? C V5F 6 C ? ? ? 1_555 C V4F 7  N ? ? C V5F 6 C V4F 7  1_555 ? ? ? ? ? ? ? 1.327 ? ? 
covale16 covale both ? C V4F 7 C ? ? ? 1_555 C V53 8  N ? ? C V4F 7 C V53 8  1_555 ? ? ? ? ? ? ? 1.360 ? ? 
covale17 covale both ? C V53 8 C ? ? ? 1_555 C V4F 9  N ? ? C V53 8 C V4F 9  1_555 ? ? ? ? ? ? ? 1.357 ? ? 
covale18 covale both ? C V4F 9 C ? ? ? 1_555 C V53 10 N ? ? C V4F 9 C V53 10 1_555 ? ? ? ? ? ? ? 1.344 ? ? 
# 
_struct_conn_type.id          covale 
_struct_conn_type.criteria    ? 
_struct_conn_type.reference   ? 
# 
loop_
_pdbx_modification_feature.ordinal 
_pdbx_modification_feature.label_comp_id 
_pdbx_modification_feature.label_asym_id 
_pdbx_modification_feature.label_seq_id 
_pdbx_modification_feature.label_alt_id 
_pdbx_modification_feature.modified_residue_label_comp_id 
_pdbx_modification_feature.modified_residue_label_asym_id 
_pdbx_modification_feature.modified_residue_label_seq_id 
_pdbx_modification_feature.modified_residue_label_alt_id 
_pdbx_modification_feature.auth_comp_id 
_pdbx_modification_feature.auth_asym_id 
_pdbx_modification_feature.auth_seq_id 
_pdbx_modification_feature.PDB_ins_code 
_pdbx_modification_feature.symmetry 
_pdbx_modification_feature.modified_residue_auth_comp_id 
_pdbx_modification_feature.modified_residue_auth_asym_id 
_pdbx_modification_feature.modified_residue_auth_seq_id 
_pdbx_modification_feature.modified_residue_PDB_ins_code 
_pdbx_modification_feature.modified_residue_symmetry 
_pdbx_modification_feature.comp_id_linking_atom 
_pdbx_modification_feature.modified_residue_id_linking_atom 
_pdbx_modification_feature.modified_residue_id 
_pdbx_modification_feature.ref_pcm_id 
_pdbx_modification_feature.ref_comp_id 
_pdbx_modification_feature.type 
_pdbx_modification_feature.category 
1  DBU B 1  ? . . . . DBU B 1  ? 1_555 . . . . . . . THR 1 DBU 'Dehydroamino acid' 'Named protein modification' 
2  V4F B 2  ? . . . . V4F B 2  ? 1_555 . . . . . . . ?   1 V4F None                'Non-standard residue'       
3  V53 B 3  ? . . . . V53 B 3  ? 1_555 . . . . . . . ?   1 V53 None                'Non-standard residue'       
4  V4F B 4  ? . . . . V4F B 4  ? 1_555 . . . . . . . ?   1 V4F None                'Non-standard residue'       
5  V53 B 5  ? . . . . V53 B 5  ? 1_555 . . . . . . . ?   1 V53 None                'Non-standard residue'       
6  V5F B 6  ? . . . . V5F B 6  ? 1_555 . . . . . . . ?   1 V5F None                'Non-standard residue'       
7  V4F B 7  ? . . . . V4F B 7  ? 1_555 . . . . . . . ?   1 V4F None                'Non-standard residue'       
8  V53 B 8  ? . . . . V53 B 8  ? 1_555 . . . . . . . ?   1 V53 None                'Non-standard residue'       
9  V4F B 9  ? . . . . V4F B 9  ? 1_555 . . . . . . . ?   1 V4F None                'Non-standard residue'       
10 V53 B 10 ? . . . . V53 B 10 ? 1_555 . . . . . . . ?   1 V53 None                'Non-standard residue'       
11 DBB C 1  ? . . . . DBB C 1  ? 1_555 . . . . . . . ?   1 DBB None                'Non-standard residue'       
12 V4F C 2  ? . . . . V4F C 2  ? 1_555 . . . . . . . ?   1 V4F None                'Non-standard residue'       
13 V53 C 3  ? . . . . V53 C 3  ? 1_555 . . . . . . . ?   1 V53 None                'Non-standard residue'       
14 V4F C 4  ? . . . . V4F C 4  ? 1_555 . . . . . . . ?   1 V4F None                'Non-standard residue'       
15 V53 C 5  ? . . . . V53 C 5  ? 1_555 . . . . . . . ?   1 V53 None                'Non-standard residue'       
16 V5F C 6  ? . . . . V5F C 6  ? 1_555 . . . . . . . ?   1 V5F None                'Non-standard residue'       
17 V4F C 7  ? . . . . V4F C 7  ? 1_555 . . . . . . . ?   1 V4F None                'Non-standard residue'       
18 V53 C 8  ? . . . . V53 C 8  ? 1_555 . . . . . . . ?   1 V53 None                'Non-standard residue'       
19 V4F C 9  ? . . . . V4F C 9  ? 1_555 . . . . . . . ?   1 V4F None                'Non-standard residue'       
20 V53 C 10 ? . . . . V53 C 10 ? 1_555 . . . . . . . ?   1 V53 None                'Non-standard residue'       
# 
loop_
_struct_mon_prot_cis.pdbx_id 
_struct_mon_prot_cis.label_comp_id 
_struct_mon_prot_cis.label_seq_id 
_struct_mon_prot_cis.label_asym_id 
_struct_mon_prot_cis.label_alt_id 
_struct_mon_prot_cis.pdbx_PDB_ins_code 
_struct_mon_prot_cis.auth_comp_id 
_struct_mon_prot_cis.auth_seq_id 
_struct_mon_prot_cis.auth_asym_id 
_struct_mon_prot_cis.pdbx_label_comp_id_2 
_struct_mon_prot_cis.pdbx_label_seq_id_2 
_struct_mon_prot_cis.pdbx_label_asym_id_2 
_struct_mon_prot_cis.pdbx_PDB_ins_code_2 
_struct_mon_prot_cis.pdbx_auth_comp_id_2 
_struct_mon_prot_cis.pdbx_auth_seq_id_2 
_struct_mon_prot_cis.pdbx_auth_asym_id_2 
_struct_mon_prot_cis.pdbx_PDB_model_num 
_struct_mon_prot_cis.pdbx_omega_angle 
1  DBU 1 B . ? DBU 1 B V4F 2  B ? V4F 2  B 1 -26.82 
2  V4F 2 B . ? V4F 2 B V53 3  B ? V53 3  B 1 -20.25 
3  V53 3 B . ? V53 3 B V4F 4  B ? V4F 4  B 1 -29.61 
4  V4F 4 B . ? V4F 4 B V53 5  B ? V53 5  B 1 -24.48 
5  V53 5 B . ? V53 5 B V5F 6  B ? V5F 6  B 1 -22.18 
6  V4F 7 B . ? V4F 7 B V53 8  B ? V53 8  B 1 -29.96 
7  V53 8 B . ? V53 8 B V4F 9  B ? V4F 9  B 1 -12.83 
8  V4F 9 B . ? V4F 9 B V53 10 B ? V53 10 B 1 -20.60 
9  DBB 1 C . ? DBB 1 C V4F 2  C ? V4F 2  C 1 -29.44 
10 V4F 2 C . ? V4F 2 C V53 3  C ? V53 3  C 1 -3.27  
11 V53 3 C . ? V53 3 C V4F 4  C ? V4F 4  C 1 -28.10 
12 V53 5 C . ? V53 5 C V5F 6  C ? V5F 6  C 1 -24.72 
13 V53 8 C . ? V53 8 C V4F 9  C ? V4F 9  C 1 -23.89 
14 V4F 9 C . ? V4F 9 C V53 10 C ? V53 10 C 1 -22.42 
# 
loop_
_struct_sheet.id 
_struct_sheet.type 
_struct_sheet.number_strands 
_struct_sheet.details 
AA1 ? 2 ? 
AA2 ? 3 ? 
# 
loop_
_struct_sheet_order.sheet_id 
_struct_sheet_order.range_id_1 
_struct_sheet_order.range_id_2 
_struct_sheet_order.offset 
_struct_sheet_order.sense 
AA1 1 2 ? anti-parallel 
AA2 1 2 ? anti-parallel 
AA2 2 3 ? anti-parallel 
# 
loop_
_struct_sheet_range.sheet_id 
_struct_sheet_range.id 
_struct_sheet_range.beg_label_comp_id 
_struct_sheet_range.beg_label_asym_id 
_struct_sheet_range.beg_label_seq_id 
_struct_sheet_range.pdbx_beg_PDB_ins_code 
_struct_sheet_range.end_label_comp_id 
_struct_sheet_range.end_label_asym_id 
_struct_sheet_range.end_label_seq_id 
_struct_sheet_range.pdbx_end_PDB_ins_code 
_struct_sheet_range.beg_auth_comp_id 
_struct_sheet_range.beg_auth_asym_id 
_struct_sheet_range.beg_auth_seq_id 
_struct_sheet_range.end_auth_comp_id 
_struct_sheet_range.end_auth_asym_id 
_struct_sheet_range.end_auth_seq_id 
AA1 1 LYS A 3  ? TYR A 8  ? LYS AA 3  TYR AA 8  
AA1 2 GLU A 11 ? ASP A 16 ? GLU AA 11 ASP AA 16 
AA2 1 ILE A 20 ? ALA A 26 ? ILE AA 20 ALA AA 26 
AA2 2 ALA A 29 ? ASP A 36 ? ALA AA 29 ASP AA 36 
AA2 3 LYS A 39 ? SER A 46 ? LYS AA 39 SER AA 46 
# 
loop_
_pdbx_struct_sheet_hbond.sheet_id 
_pdbx_struct_sheet_hbond.range_id_1 
_pdbx_struct_sheet_hbond.range_id_2 
_pdbx_struct_sheet_hbond.range_1_label_atom_id 
_pdbx_struct_sheet_hbond.range_1_label_comp_id 
_pdbx_struct_sheet_hbond.range_1_label_asym_id 
_pdbx_struct_sheet_hbond.range_1_label_seq_id 
_pdbx_struct_sheet_hbond.range_1_PDB_ins_code 
_pdbx_struct_sheet_hbond.range_1_auth_atom_id 
_pdbx_struct_sheet_hbond.range_1_auth_comp_id 
_pdbx_struct_sheet_hbond.range_1_auth_asym_id 
_pdbx_struct_sheet_hbond.range_1_auth_seq_id 
_pdbx_struct_sheet_hbond.range_2_label_atom_id 
_pdbx_struct_sheet_hbond.range_2_label_comp_id 
_pdbx_struct_sheet_hbond.range_2_label_asym_id 
_pdbx_struct_sheet_hbond.range_2_label_seq_id 
_pdbx_struct_sheet_hbond.range_2_PDB_ins_code 
_pdbx_struct_sheet_hbond.range_2_auth_atom_id 
_pdbx_struct_sheet_hbond.range_2_auth_comp_id 
_pdbx_struct_sheet_hbond.range_2_auth_asym_id 
_pdbx_struct_sheet_hbond.range_2_auth_seq_id 
AA1 1 2 N TYR A 8  ? N TYR AA 8  O GLU A 11 ? O GLU AA 11 
AA2 1 2 N LYS A 21 ? N LYS AA 21 O THR A 33 ? O THR AA 33 
AA2 2 3 N VAL A 30 ? N VAL AA 30 O VAL A 45 ? O VAL AA 45 
# 
_pdbx_entry_details.entry_id                   8QPC 
_pdbx_entry_details.nonpolymer_details         ? 
_pdbx_entry_details.sequence_details           ? 
_pdbx_entry_details.compound_details           ? 
_pdbx_entry_details.source_details             ? 
_pdbx_entry_details.has_ligand_of_interest     Y 
_pdbx_entry_details.has_protein_modification   Y 
# 
loop_
_pdbx_validate_symm_contact.id 
_pdbx_validate_symm_contact.PDB_model_num 
_pdbx_validate_symm_contact.auth_atom_id_1 
_pdbx_validate_symm_contact.auth_asym_id_1 
_pdbx_validate_symm_contact.auth_comp_id_1 
_pdbx_validate_symm_contact.auth_seq_id_1 
_pdbx_validate_symm_contact.PDB_ins_code_1 
_pdbx_validate_symm_contact.label_alt_id_1 
_pdbx_validate_symm_contact.site_symmetry_1 
_pdbx_validate_symm_contact.auth_atom_id_2 
_pdbx_validate_symm_contact.auth_asym_id_2 
_pdbx_validate_symm_contact.auth_comp_id_2 
_pdbx_validate_symm_contact.auth_seq_id_2 
_pdbx_validate_symm_contact.PDB_ins_code_2 
_pdbx_validate_symm_contact.label_alt_id_2 
_pdbx_validate_symm_contact.site_symmetry_2 
_pdbx_validate_symm_contact.dist 
1 1 CB C DBB 1 ? ? 1_555 CG C DBB 1 ? ? 7_555 1.22 
2 1 N  C DBB 1 ? ? 1_555 CA C DBB 1 ? ? 7_555 1.52 
3 1 N  B DBU 1 ? ? 1_555 CA B DBU 1 ? ? 4_545 1.52 
4 1 CB B DBU 1 ? ? 1_555 CG B DBU 1 ? ? 4_545 1.60 
5 1 CA C DBB 1 ? ? 1_555 CA C DBB 1 ? ? 7_555 1.92 
6 1 CA C DBB 1 ? ? 1_555 CG C DBB 1 ? ? 7_555 2.16 
# 
loop_
_pdbx_validate_rmsd_angle.id 
_pdbx_validate_rmsd_angle.PDB_model_num 
_pdbx_validate_rmsd_angle.auth_atom_id_1 
_pdbx_validate_rmsd_angle.auth_asym_id_1 
_pdbx_validate_rmsd_angle.auth_comp_id_1 
_pdbx_validate_rmsd_angle.auth_seq_id_1 
_pdbx_validate_rmsd_angle.PDB_ins_code_1 
_pdbx_validate_rmsd_angle.label_alt_id_1 
_pdbx_validate_rmsd_angle.auth_atom_id_2 
_pdbx_validate_rmsd_angle.auth_asym_id_2 
_pdbx_validate_rmsd_angle.auth_comp_id_2 
_pdbx_validate_rmsd_angle.auth_seq_id_2 
_pdbx_validate_rmsd_angle.PDB_ins_code_2 
_pdbx_validate_rmsd_angle.label_alt_id_2 
_pdbx_validate_rmsd_angle.auth_atom_id_3 
_pdbx_validate_rmsd_angle.auth_asym_id_3 
_pdbx_validate_rmsd_angle.auth_comp_id_3 
_pdbx_validate_rmsd_angle.auth_seq_id_3 
_pdbx_validate_rmsd_angle.PDB_ins_code_3 
_pdbx_validate_rmsd_angle.label_alt_id_3 
_pdbx_validate_rmsd_angle.angle_value 
_pdbx_validate_rmsd_angle.angle_target_value 
_pdbx_validate_rmsd_angle.angle_deviation 
_pdbx_validate_rmsd_angle.angle_standard_deviation 
_pdbx_validate_rmsd_angle.linker_flag 
1  1 CA B V4F 2 ? ? C B V4F 2 ? ? N B V53 3  ? ? 65.82 117.20 -51.38 2.20 Y 
2  1 CA B V53 3 ? ? C B V53 3 ? ? N B V4F 4  ? ? 83.26 117.20 -33.94 2.20 Y 
3  1 CA B V4F 4 ? ? C B V4F 4 ? ? N B V53 5  ? ? 69.11 117.20 -48.09 2.20 Y 
4  1 CA B V53 5 ? ? C B V53 5 ? ? N B V5F 6  ? ? 83.48 117.20 -33.72 2.20 Y 
5  1 CA B V5F 6 ? ? C B V5F 6 ? ? N B V4F 7  ? ? 88.37 117.20 -28.83 2.20 Y 
6  1 CA B V4F 7 ? ? C B V4F 7 ? ? N B V53 8  ? ? 64.93 117.20 -52.27 2.20 Y 
7  1 CA B V53 8 ? ? C B V53 8 ? ? N B V4F 9  ? ? 86.34 117.20 -30.86 2.20 Y 
8  1 CA B V4F 9 ? ? C B V4F 9 ? ? N B V53 10 ? ? 69.89 117.20 -47.31 2.20 Y 
9  1 CA C V4F 2 ? ? C C V4F 2 ? ? N C V53 3  ? ? 72.67 117.20 -44.53 2.20 Y 
10 1 CA C V53 3 ? ? C C V53 3 ? ? N C V4F 4  ? ? 80.27 117.20 -36.93 2.20 Y 
11 1 CA C V4F 4 ? ? C C V4F 4 ? ? N C V53 5  ? ? 66.98 117.20 -50.22 2.20 Y 
12 1 CA C V53 5 ? ? C C V53 5 ? ? N C V5F 6  ? ? 82.87 117.20 -34.33 2.20 Y 
13 1 CA C V5F 6 ? ? C C V5F 6 ? ? N C V4F 7  ? ? 82.51 117.20 -34.69 2.20 Y 
14 1 CA C V4F 7 ? ? C C V4F 7 ? ? N C V53 8  ? ? 62.41 117.20 -54.79 2.20 Y 
15 1 CA C V53 8 ? ? C C V53 8 ? ? N C V4F 9  ? ? 80.52 117.20 -36.68 2.20 Y 
16 1 CA C V4F 9 ? ? C C V4F 9 ? ? N C V53 10 ? ? 68.05 117.20 -49.15 2.20 Y 
# 
loop_
_pdbx_validate_torsion.id 
_pdbx_validate_torsion.PDB_model_num 
_pdbx_validate_torsion.auth_comp_id 
_pdbx_validate_torsion.auth_asym_id 
_pdbx_validate_torsion.auth_seq_id 
_pdbx_validate_torsion.PDB_ins_code 
_pdbx_validate_torsion.label_alt_id 
_pdbx_validate_torsion.phi 
_pdbx_validate_torsion.psi 
1 1 LYS AA 21 ? ? -116.18 -76.05  
2 1 ASN AA 37 ? ? 38.21   -117.53 
# 
loop_
_pdbx_validate_main_chain_plane.id 
_pdbx_validate_main_chain_plane.PDB_model_num 
_pdbx_validate_main_chain_plane.auth_comp_id 
_pdbx_validate_main_chain_plane.auth_asym_id 
_pdbx_validate_main_chain_plane.auth_seq_id 
_pdbx_validate_main_chain_plane.PDB_ins_code 
_pdbx_validate_main_chain_plane.label_alt_id 
_pdbx_validate_main_chain_plane.improper_torsion_angle 
1 1 V4F B 2 ? ? -10.03 
2 1 V4F C 2 ? ? -10.30 
# 
loop_
_pdbx_struct_special_symmetry.id 
_pdbx_struct_special_symmetry.PDB_model_num 
_pdbx_struct_special_symmetry.auth_asym_id 
_pdbx_struct_special_symmetry.auth_comp_id 
_pdbx_struct_special_symmetry.auth_seq_id 
_pdbx_struct_special_symmetry.PDB_ins_code 
_pdbx_struct_special_symmetry.label_asym_id 
_pdbx_struct_special_symmetry.label_comp_id 
_pdbx_struct_special_symmetry.label_seq_id 
1 1 B DBU 1 ? B DBU 1 
2 1 B DBU 1 ? B DBU 1 
3 1 C DBB 1 ? C DBB 1 
4 1 C DBB 1 ? C DBB 1 
# 
loop_
_space_group_symop.id 
_space_group_symop.operation_xyz 
1  x,y,z          
2  x-y,x,z+2/3    
3  y,-x+y,z+1/3   
4  -y,x-y,z+1/3   
5  -x+y,-x,z+2/3  
6  x-y,-y,-z      
7  -x,-x+y,-z+2/3 
8  -x,-y,z        
9  y,x,-z+1/3     
10 -y,-x,-z+1/3   
11 -x+y,y,-z      
12 x,x-y,-z+2/3   
# 
loop_
_pdbx_refine_tls.id 
_pdbx_refine_tls.pdbx_refine_id 
_pdbx_refine_tls.details 
_pdbx_refine_tls.method 
_pdbx_refine_tls.origin_x 
_pdbx_refine_tls.origin_y 
_pdbx_refine_tls.origin_z 
_pdbx_refine_tls.T[1][1] 
_pdbx_refine_tls.T[1][1]_esd 
_pdbx_refine_tls.T[1][2] 
_pdbx_refine_tls.T[1][2]_esd 
_pdbx_refine_tls.T[1][3] 
_pdbx_refine_tls.T[1][3]_esd 
_pdbx_refine_tls.T[2][2] 
_pdbx_refine_tls.T[2][2]_esd 
_pdbx_refine_tls.T[2][3] 
_pdbx_refine_tls.T[2][3]_esd 
_pdbx_refine_tls.T[3][3] 
_pdbx_refine_tls.T[3][3]_esd 
_pdbx_refine_tls.L[1][1] 
_pdbx_refine_tls.L[1][1]_esd 
_pdbx_refine_tls.L[1][2] 
_pdbx_refine_tls.L[1][2]_esd 
_pdbx_refine_tls.L[1][3] 
_pdbx_refine_tls.L[1][3]_esd 
_pdbx_refine_tls.L[2][2] 
_pdbx_refine_tls.L[2][2]_esd 
_pdbx_refine_tls.L[2][3] 
_pdbx_refine_tls.L[2][3]_esd 
_pdbx_refine_tls.L[3][3] 
_pdbx_refine_tls.L[3][3]_esd 
_pdbx_refine_tls.S[1][1] 
_pdbx_refine_tls.S[1][1]_esd 
_pdbx_refine_tls.S[1][2] 
_pdbx_refine_tls.S[1][2]_esd 
_pdbx_refine_tls.S[1][3] 
_pdbx_refine_tls.S[1][3]_esd 
_pdbx_refine_tls.S[2][1] 
_pdbx_refine_tls.S[2][1]_esd 
_pdbx_refine_tls.S[2][2] 
_pdbx_refine_tls.S[2][2]_esd 
_pdbx_refine_tls.S[2][3] 
_pdbx_refine_tls.S[2][3]_esd 
_pdbx_refine_tls.S[3][1] 
_pdbx_refine_tls.S[3][1]_esd 
_pdbx_refine_tls.S[3][2] 
_pdbx_refine_tls.S[3][2]_esd 
_pdbx_refine_tls.S[3][3] 
_pdbx_refine_tls.S[3][3]_esd 
1 'X-RAY DIFFRACTION' ? refined -4.33771526712 -2.037088943  3.9099672167   1.178304150772 ? -0.130606079933 ? -0.16900145607  ? 2.11707362995  ? 1.39335433114  ? 0.27319218448 ? 0.468982040239 ? -0.346773637247 ? -0.46548789852 ? 0.26607600881  ? 0.310132282972 ? 1.384327511713 ? 0.41407470456  ? 0.01581314543 ? -0.156403172969 ? -0.381083075277 ? 0.689697384669 ? 0.13932725217 ? 0.035069163845  ? -0.240040280288 ? -0.311633956821 ? 
2 'X-RAY DIFFRACTION' ? refined -4.5368305762  0.5397630403  -2.78816159589 0.574834552814 ? 0.48236224063   ? -0.778788662998 ? 1.002712743672 ? -0.40990880909 ? 1.19188022398 ? 2.43665676257  ? 0.233305164576  ? 0.00041368251  ? 2.95116956715  ? 1.81444471826  ? 1.0701167801   ? 1.032685183865 ? 0.6210879301  ? -1.585340068677 ? -0.960554639899 ? 0.81445986978  ? 0.3696736853  ? -1.217523307909 ? -0.935248124473 ? 0.05179304697   ? 
3 'X-RAY DIFFRACTION' ? refined 2.14273216639  -8.0289198369 -7.83380917729 1.62813563101  ? 0.570644404296  ? -0.010806824335 ? 0.865294873590 ? 0.287134797991 ? 0.89285772861 ? 3.31986833621  ? 2.44324369805   ? 1.05277612492  ? 2.536807668057 ? 1.25739649130  ? 0.67253636790  ? 1.775715883889 ? 0.7300389552  ? -2.093607114773 ? 0.298043063739  ? 0.20378903636  ? 0.60861231874 ? -0.609094861899 ? -0.28859785455  ? 1.49349787021   ? 
# 
loop_
_pdbx_refine_tls_group.id 
_pdbx_refine_tls_group.pdbx_refine_id 
_pdbx_refine_tls_group.refine_tls_id 
_pdbx_refine_tls_group.beg_label_asym_id 
_pdbx_refine_tls_group.beg_label_seq_id 
_pdbx_refine_tls_group.beg_auth_asym_id 
_pdbx_refine_tls_group.beg_auth_seq_id 
_pdbx_refine_tls_group.beg_PDB_ins_code 
_pdbx_refine_tls_group.end_label_asym_id 
_pdbx_refine_tls_group.end_label_seq_id 
_pdbx_refine_tls_group.end_auth_asym_id 
_pdbx_refine_tls_group.end_auth_seq_id 
_pdbx_refine_tls_group.end_PDB_ins_code 
_pdbx_refine_tls_group.selection 
_pdbx_refine_tls_group.selection_details 
1 'X-RAY DIFFRACTION' 1 A 1  AA 1  ? A 10 AA 10 ? ? 
;chain 'AA' and (resid 1 through 10 )
;
2 'X-RAY DIFFRACTION' 2 A 11 AA 11 ? A 46 AA 46 ? ? 
;chain 'AA' and (resid 11 through 46 )
;
3 'X-RAY DIFFRACTION' 3 A 47 AA 47 ? A 63 AA 63 ? ? 
;chain 'AA' and (resid 47 through 63 )
;
# 
loop_
_pdbx_unobs_or_zero_occ_residues.id 
_pdbx_unobs_or_zero_occ_residues.PDB_model_num 
_pdbx_unobs_or_zero_occ_residues.polymer_flag 
_pdbx_unobs_or_zero_occ_residues.occupancy_flag 
_pdbx_unobs_or_zero_occ_residues.auth_asym_id 
_pdbx_unobs_or_zero_occ_residues.auth_comp_id 
_pdbx_unobs_or_zero_occ_residues.auth_seq_id 
_pdbx_unobs_or_zero_occ_residues.PDB_ins_code 
_pdbx_unobs_or_zero_occ_residues.label_asym_id 
_pdbx_unobs_or_zero_occ_residues.label_comp_id 
_pdbx_unobs_or_zero_occ_residues.label_seq_id 
1 1 Y 1 AA GLU 64 ? A GLU 64 
2 1 Y 1 AA LYS 65 ? A LYS 65 
3 1 Y 1 AA LYS 66 ? A LYS 66 
# 
loop_
_chem_comp_atom.comp_id 
_chem_comp_atom.atom_id 
_chem_comp_atom.type_symbol 
_chem_comp_atom.pdbx_aromatic_flag 
_chem_comp_atom.pdbx_stereo_config 
_chem_comp_atom.pdbx_ordinal 
ALA N    N N N 1   
ALA CA   C N S 2   
ALA C    C N N 3   
ALA O    O N N 4   
ALA CB   C N N 5   
ALA OXT  O N N 6   
ALA H    H N N 7   
ALA H2   H N N 8   
ALA HA   H N N 9   
ALA HB1  H N N 10  
ALA HB2  H N N 11  
ALA HB3  H N N 12  
ALA HXT  H N N 13  
ARG N    N N N 14  
ARG CA   C N S 15  
ARG C    C N N 16  
ARG O    O N N 17  
ARG CB   C N N 18  
ARG CG   C N N 19  
ARG CD   C N N 20  
ARG NE   N N N 21  
ARG CZ   C N N 22  
ARG NH1  N N N 23  
ARG NH2  N N N 24  
ARG OXT  O N N 25  
ARG H    H N N 26  
ARG H2   H N N 27  
ARG HA   H N N 28  
ARG HB2  H N N 29  
ARG HB3  H N N 30  
ARG HG2  H N N 31  
ARG HG3  H N N 32  
ARG HD2  H N N 33  
ARG HD3  H N N 34  
ARG HE   H N N 35  
ARG HH11 H N N 36  
ARG HH12 H N N 37  
ARG HH21 H N N 38  
ARG HH22 H N N 39  
ARG HXT  H N N 40  
ASN N    N N N 41  
ASN CA   C N S 42  
ASN C    C N N 43  
ASN O    O N N 44  
ASN CB   C N N 45  
ASN CG   C N N 46  
ASN OD1  O N N 47  
ASN ND2  N N N 48  
ASN OXT  O N N 49  
ASN H    H N N 50  
ASN H2   H N N 51  
ASN HA   H N N 52  
ASN HB2  H N N 53  
ASN HB3  H N N 54  
ASN HD21 H N N 55  
ASN HD22 H N N 56  
ASN HXT  H N N 57  
ASP N    N N N 58  
ASP CA   C N S 59  
ASP C    C N N 60  
ASP O    O N N 61  
ASP CB   C N N 62  
ASP CG   C N N 63  
ASP OD1  O N N 64  
ASP OD2  O N N 65  
ASP OXT  O N N 66  
ASP H    H N N 67  
ASP H2   H N N 68  
ASP HA   H N N 69  
ASP HB2  H N N 70  
ASP HB3  H N N 71  
ASP HD2  H N N 72  
ASP HXT  H N N 73  
DBB N    N N N 74  
DBB CA   C N R 75  
DBB C    C N N 76  
DBB O    O N N 77  
DBB CB   C N N 78  
DBB CG   C N N 79  
DBB OXT  O N N 80  
DBB H    H N N 81  
DBB H2   H N N 82  
DBB HA   H N N 83  
DBB HB2  H N N 84  
DBB HB3  H N N 85  
DBB HG1  H N N 86  
DBB HG2  H N N 87  
DBB HG3  H N N 88  
DBB HXT  H N N 89  
DBU N    N N N 90  
DBU CA   C N N 91  
DBU CB   C N N 92  
DBU CG   C N N 93  
DBU C    C N N 94  
DBU O    O N N 95  
DBU OXT  O N N 96  
DBU H    H N N 97  
DBU H2   H N N 98  
DBU HB   H N N 99  
DBU HG1  H N N 100 
DBU HG2  H N N 101 
DBU HG3  H N N 102 
DBU HXT  H N N 103 
GLU N    N N N 104 
GLU CA   C N S 105 
GLU C    C N N 106 
GLU O    O N N 107 
GLU CB   C N N 108 
GLU CG   C N N 109 
GLU CD   C N N 110 
GLU OE1  O N N 111 
GLU OE2  O N N 112 
GLU OXT  O N N 113 
GLU H    H N N 114 
GLU H2   H N N 115 
GLU HA   H N N 116 
GLU HB2  H N N 117 
GLU HB3  H N N 118 
GLU HG2  H N N 119 
GLU HG3  H N N 120 
GLU HE2  H N N 121 
GLU HXT  H N N 122 
GLY N    N N N 123 
GLY CA   C N N 124 
GLY C    C N N 125 
GLY O    O N N 126 
GLY OXT  O N N 127 
GLY H    H N N 128 
GLY H2   H N N 129 
GLY HA2  H N N 130 
GLY HA3  H N N 131 
GLY HXT  H N N 132 
ILE N    N N N 133 
ILE CA   C N S 134 
ILE C    C N N 135 
ILE O    O N N 136 
ILE CB   C N S 137 
ILE CG1  C N N 138 
ILE CG2  C N N 139 
ILE CD1  C N N 140 
ILE OXT  O N N 141 
ILE H    H N N 142 
ILE H2   H N N 143 
ILE HA   H N N 144 
ILE HB   H N N 145 
ILE HG12 H N N 146 
ILE HG13 H N N 147 
ILE HG21 H N N 148 
ILE HG22 H N N 149 
ILE HG23 H N N 150 
ILE HD11 H N N 151 
ILE HD12 H N N 152 
ILE HD13 H N N 153 
ILE HXT  H N N 154 
LEU N    N N N 155 
LEU CA   C N S 156 
LEU C    C N N 157 
LEU O    O N N 158 
LEU CB   C N N 159 
LEU CG   C N N 160 
LEU CD1  C N N 161 
LEU CD2  C N N 162 
LEU OXT  O N N 163 
LEU H    H N N 164 
LEU H2   H N N 165 
LEU HA   H N N 166 
LEU HB2  H N N 167 
LEU HB3  H N N 168 
LEU HG   H N N 169 
LEU HD11 H N N 170 
LEU HD12 H N N 171 
LEU HD13 H N N 172 
LEU HD21 H N N 173 
LEU HD22 H N N 174 
LEU HD23 H N N 175 
LEU HXT  H N N 176 
LYS N    N N N 177 
LYS CA   C N S 178 
LYS C    C N N 179 
LYS O    O N N 180 
LYS CB   C N N 181 
LYS CG   C N N 182 
LYS CD   C N N 183 
LYS CE   C N N 184 
LYS NZ   N N N 185 
LYS OXT  O N N 186 
LYS H    H N N 187 
LYS H2   H N N 188 
LYS HA   H N N 189 
LYS HB2  H N N 190 
LYS HB3  H N N 191 
LYS HG2  H N N 192 
LYS HG3  H N N 193 
LYS HD2  H N N 194 
LYS HD3  H N N 195 
LYS HE2  H N N 196 
LYS HE3  H N N 197 
LYS HZ1  H N N 198 
LYS HZ2  H N N 199 
LYS HZ3  H N N 200 
LYS HXT  H N N 201 
MET N    N N N 202 
MET CA   C N S 203 
MET C    C N N 204 
MET O    O N N 205 
MET CB   C N N 206 
MET CG   C N N 207 
MET SD   S N N 208 
MET CE   C N N 209 
MET OXT  O N N 210 
MET H    H N N 211 
MET H2   H N N 212 
MET HA   H N N 213 
MET HB2  H N N 214 
MET HB3  H N N 215 
MET HG2  H N N 216 
MET HG3  H N N 217 
MET HE1  H N N 218 
MET HE2  H N N 219 
MET HE3  H N N 220 
MET HXT  H N N 221 
PHE N    N N N 222 
PHE CA   C N S 223 
PHE C    C N N 224 
PHE O    O N N 225 
PHE CB   C N N 226 
PHE CG   C Y N 227 
PHE CD1  C Y N 228 
PHE CD2  C Y N 229 
PHE CE1  C Y N 230 
PHE CE2  C Y N 231 
PHE CZ   C Y N 232 
PHE OXT  O N N 233 
PHE H    H N N 234 
PHE H2   H N N 235 
PHE HA   H N N 236 
PHE HB2  H N N 237 
PHE HB3  H N N 238 
PHE HD1  H N N 239 
PHE HD2  H N N 240 
PHE HE1  H N N 241 
PHE HE2  H N N 242 
PHE HZ   H N N 243 
PHE HXT  H N N 244 
PRO N    N N N 245 
PRO CA   C N S 246 
PRO C    C N N 247 
PRO O    O N N 248 
PRO CB   C N N 249 
PRO CG   C N N 250 
PRO CD   C N N 251 
PRO OXT  O N N 252 
PRO H    H N N 253 
PRO HA   H N N 254 
PRO HB2  H N N 255 
PRO HB3  H N N 256 
PRO HG2  H N N 257 
PRO HG3  H N N 258 
PRO HD2  H N N 259 
PRO HD3  H N N 260 
PRO HXT  H N N 261 
SER N    N N N 262 
SER CA   C N S 263 
SER C    C N N 264 
SER O    O N N 265 
SER CB   C N N 266 
SER OG   O N N 267 
SER OXT  O N N 268 
SER H    H N N 269 
SER H2   H N N 270 
SER HA   H N N 271 
SER HB2  H N N 272 
SER HB3  H N N 273 
SER HG   H N N 274 
SER HXT  H N N 275 
THR N    N N N 276 
THR CA   C N S 277 
THR C    C N N 278 
THR O    O N N 279 
THR CB   C N R 280 
THR OG1  O N N 281 
THR CG2  C N N 282 
THR OXT  O N N 283 
THR H    H N N 284 
THR H2   H N N 285 
THR HA   H N N 286 
THR HB   H N N 287 
THR HG1  H N N 288 
THR HG21 H N N 289 
THR HG22 H N N 290 
THR HG23 H N N 291 
THR HXT  H N N 292 
TRP N    N N N 293 
TRP CA   C N S 294 
TRP C    C N N 295 
TRP O    O N N 296 
TRP CB   C N N 297 
TRP CG   C Y N 298 
TRP CD1  C Y N 299 
TRP CD2  C Y N 300 
TRP NE1  N Y N 301 
TRP CE2  C Y N 302 
TRP CE3  C Y N 303 
TRP CZ2  C Y N 304 
TRP CZ3  C Y N 305 
TRP CH2  C Y N 306 
TRP OXT  O N N 307 
TRP H    H N N 308 
TRP H2   H N N 309 
TRP HA   H N N 310 
TRP HB2  H N N 311 
TRP HB3  H N N 312 
TRP HD1  H N N 313 
TRP HE1  H N N 314 
TRP HE3  H N N 315 
TRP HZ2  H N N 316 
TRP HZ3  H N N 317 
TRP HH2  H N N 318 
TRP HXT  H N N 319 
TYR N    N N N 320 
TYR CA   C N S 321 
TYR C    C N N 322 
TYR O    O N N 323 
TYR CB   C N N 324 
TYR CG   C Y N 325 
TYR CD1  C Y N 326 
TYR CD2  C Y N 327 
TYR CE1  C Y N 328 
TYR CE2  C Y N 329 
TYR CZ   C Y N 330 
TYR OH   O N N 331 
TYR OXT  O N N 332 
TYR H    H N N 333 
TYR H2   H N N 334 
TYR HA   H N N 335 
TYR HB2  H N N 336 
TYR HB3  H N N 337 
TYR HD1  H N N 338 
TYR HD2  H N N 339 
TYR HE1  H N N 340 
TYR HE2  H N N 341 
TYR HH   H N N 342 
TYR HXT  H N N 343 
V4F C    C N N 344 
V4F CAF  C Y N 345 
V4F CAD  C Y N 346 
V4F CAE  C Y N 347 
V4F CAL  C Y N 348 
V4F CAM  C Y N 349 
V4F CAJ  C Y N 350 
V4F CAK  C Y N 351 
V4F CAG  C Y N 352 
V4F CAI  C Y N 353 
V4F C01  C N N 354 
V4F CA   C N N 355 
V4F NAH  N Y N 356 
V4F N    N N N 357 
V4F O    O N N 358 
V4F O01  O N N 359 
V4F O3   O N N 360 
V4F O2   O N N 361 
V4F O1   O N N 362 
V4F P    P N N 363 
V4F HAD  H N N 364 
V4F HAK  H N N 365 
V4F HAG  H N N 366 
V4F HAI  H N N 367 
V4F H3   H N N 368 
V4F HA1  H N N 369 
V4F HA2  H N N 370 
V4F H    H N N 371 
V4F H2   H N N 372 
V4F HPO3 H N N 373 
V4F HPO2 H N N 374 
V4F OXT  O N N 375 
V4F H1   H N N 376 
V4F HXT  H N N 377 
V53 C    C N N 378 
V53 CAF  C Y N 379 
V53 CAD  C Y N 380 
V53 CAJ  C Y N 381 
V53 CAL  C Y N 382 
V53 CAM  C Y N 383 
V53 CA   C Y N 384 
V53 CAK  C Y N 385 
V53 CAG  C Y N 386 
V53 CAI  C Y N 387 
V53 C01  C N N 388 
V53 NAH  N Y N 389 
V53 N    N N N 390 
V53 O    O N N 391 
V53 O01  O N N 392 
V53 O1   O N N 393 
V53 O2   O N N 394 
V53 O3   O N N 395 
V53 P    P N N 396 
V53 HAK  H N N 397 
V53 HAG  H N N 398 
V53 HAI  H N N 399 
V53 H    H N N 400 
V53 H2   H N N 401 
V53 OXT  O N N 402 
V53 HXT  H N N 403 
V53 HAD  H N N 404 
V53 HPO2 H N N 405 
V53 HPO3 H N N 406 
V53 H1   H N N 407 
V53 H3   H N N 408 
V5F C    C N N 409 
V5F C6   C N R 410 
V5F C2   C Y N 411 
V5F C1   C Y N 412 
V5F CA   C Y N 413 
V5F C5   C Y N 414 
V5F C4   C Y N 415 
V5F C3   C Y N 416 
V5F CB   C N N 417 
V5F N    N N N 418 
V5F O    O N N 419 
V5F O1   O N N 420 
V5F H6   H N N 421 
V5F H5   H N N 422 
V5F H4   H N N 423 
V5F H1   H N N 424 
V5F H3   H N N 425 
V5F HB1  H N N 426 
V5F HB2  H N N 427 
V5F HB3  H N N 428 
V5F H    H N N 429 
V5F OXT  O N N 430 
V5F HXT  H N N 431 
V5F H2   H N N 432 
VAL N    N N N 433 
VAL CA   C N S 434 
VAL C    C N N 435 
VAL O    O N N 436 
VAL CB   C N N 437 
VAL CG1  C N N 438 
VAL CG2  C N N 439 
VAL OXT  O N N 440 
VAL H    H N N 441 
VAL H2   H N N 442 
VAL HA   H N N 443 
VAL HB   H N N 444 
VAL HG11 H N N 445 
VAL HG12 H N N 446 
VAL HG13 H N N 447 
VAL HG21 H N N 448 
VAL HG22 H N N 449 
VAL HG23 H N N 450 
VAL HXT  H N N 451 
# 
loop_
_chem_comp_bond.comp_id 
_chem_comp_bond.atom_id_1 
_chem_comp_bond.atom_id_2 
_chem_comp_bond.value_order 
_chem_comp_bond.pdbx_aromatic_flag 
_chem_comp_bond.pdbx_stereo_config 
_chem_comp_bond.pdbx_ordinal 
ALA N   CA   sing N N 1   
ALA N   H    sing N N 2   
ALA N   H2   sing N N 3   
ALA CA  C    sing N N 4   
ALA CA  CB   sing N N 5   
ALA CA  HA   sing N N 6   
ALA C   O    doub N N 7   
ALA C   OXT  sing N N 8   
ALA CB  HB1  sing N N 9   
ALA CB  HB2  sing N N 10  
ALA CB  HB3  sing N N 11  
ALA OXT HXT  sing N N 12  
ARG N   CA   sing N N 13  
ARG N   H    sing N N 14  
ARG N   H2   sing N N 15  
ARG CA  C    sing N N 16  
ARG CA  CB   sing N N 17  
ARG CA  HA   sing N N 18  
ARG C   O    doub N N 19  
ARG C   OXT  sing N N 20  
ARG CB  CG   sing N N 21  
ARG CB  HB2  sing N N 22  
ARG CB  HB3  sing N N 23  
ARG CG  CD   sing N N 24  
ARG CG  HG2  sing N N 25  
ARG CG  HG3  sing N N 26  
ARG CD  NE   sing N N 27  
ARG CD  HD2  sing N N 28  
ARG CD  HD3  sing N N 29  
ARG NE  CZ   sing N N 30  
ARG NE  HE   sing N N 31  
ARG CZ  NH1  sing N N 32  
ARG CZ  NH2  doub N N 33  
ARG NH1 HH11 sing N N 34  
ARG NH1 HH12 sing N N 35  
ARG NH2 HH21 sing N N 36  
ARG NH2 HH22 sing N N 37  
ARG OXT HXT  sing N N 38  
ASN N   CA   sing N N 39  
ASN N   H    sing N N 40  
ASN N   H2   sing N N 41  
ASN CA  C    sing N N 42  
ASN CA  CB   sing N N 43  
ASN CA  HA   sing N N 44  
ASN C   O    doub N N 45  
ASN C   OXT  sing N N 46  
ASN CB  CG   sing N N 47  
ASN CB  HB2  sing N N 48  
ASN CB  HB3  sing N N 49  
ASN CG  OD1  doub N N 50  
ASN CG  ND2  sing N N 51  
ASN ND2 HD21 sing N N 52  
ASN ND2 HD22 sing N N 53  
ASN OXT HXT  sing N N 54  
ASP N   CA   sing N N 55  
ASP N   H    sing N N 56  
ASP N   H2   sing N N 57  
ASP CA  C    sing N N 58  
ASP CA  CB   sing N N 59  
ASP CA  HA   sing N N 60  
ASP C   O    doub N N 61  
ASP C   OXT  sing N N 62  
ASP CB  CG   sing N N 63  
ASP CB  HB2  sing N N 64  
ASP CB  HB3  sing N N 65  
ASP CG  OD1  doub N N 66  
ASP CG  OD2  sing N N 67  
ASP OD2 HD2  sing N N 68  
ASP OXT HXT  sing N N 69  
DBB N   CA   sing N N 70  
DBB CA  C    sing N N 71  
DBB CA  CB   sing N N 72  
DBB C   O    doub N N 73  
DBB CB  CG   sing N N 74  
DBB C   OXT  sing N N 75  
DBB N   H    sing N N 76  
DBB N   H2   sing N N 77  
DBB CA  HA   sing N N 78  
DBB CB  HB2  sing N N 79  
DBB CB  HB3  sing N N 80  
DBB CG  HG1  sing N N 81  
DBB CG  HG2  sing N N 82  
DBB CG  HG3  sing N N 83  
DBB OXT HXT  sing N N 84  
DBU N   CA   sing N N 85  
DBU N   H    sing N N 86  
DBU N   H2   sing N N 87  
DBU CA  CB   doub N Z 88  
DBU CA  C    sing N N 89  
DBU CB  CG   sing N N 90  
DBU CB  HB   sing N N 91  
DBU CG  HG1  sing N N 92  
DBU CG  HG2  sing N N 93  
DBU CG  HG3  sing N N 94  
DBU C   O    doub N N 95  
DBU C   OXT  sing N N 96  
DBU OXT HXT  sing N N 97  
GLU N   CA   sing N N 98  
GLU N   H    sing N N 99  
GLU N   H2   sing N N 100 
GLU CA  C    sing N N 101 
GLU CA  CB   sing N N 102 
GLU CA  HA   sing N N 103 
GLU C   O    doub N N 104 
GLU C   OXT  sing N N 105 
GLU CB  CG   sing N N 106 
GLU CB  HB2  sing N N 107 
GLU CB  HB3  sing N N 108 
GLU CG  CD   sing N N 109 
GLU CG  HG2  sing N N 110 
GLU CG  HG3  sing N N 111 
GLU CD  OE1  doub N N 112 
GLU CD  OE2  sing N N 113 
GLU OE2 HE2  sing N N 114 
GLU OXT HXT  sing N N 115 
GLY N   CA   sing N N 116 
GLY N   H    sing N N 117 
GLY N   H2   sing N N 118 
GLY CA  C    sing N N 119 
GLY CA  HA2  sing N N 120 
GLY CA  HA3  sing N N 121 
GLY C   O    doub N N 122 
GLY C   OXT  sing N N 123 
GLY OXT HXT  sing N N 124 
ILE N   CA   sing N N 125 
ILE N   H    sing N N 126 
ILE N   H2   sing N N 127 
ILE CA  C    sing N N 128 
ILE CA  CB   sing N N 129 
ILE CA  HA   sing N N 130 
ILE C   O    doub N N 131 
ILE C   OXT  sing N N 132 
ILE CB  CG1  sing N N 133 
ILE CB  CG2  sing N N 134 
ILE CB  HB   sing N N 135 
ILE CG1 CD1  sing N N 136 
ILE CG1 HG12 sing N N 137 
ILE CG1 HG13 sing N N 138 
ILE CG2 HG21 sing N N 139 
ILE CG2 HG22 sing N N 140 
ILE CG2 HG23 sing N N 141 
ILE CD1 HD11 sing N N 142 
ILE CD1 HD12 sing N N 143 
ILE CD1 HD13 sing N N 144 
ILE OXT HXT  sing N N 145 
LEU N   CA   sing N N 146 
LEU N   H    sing N N 147 
LEU N   H2   sing N N 148 
LEU CA  C    sing N N 149 
LEU CA  CB   sing N N 150 
LEU CA  HA   sing N N 151 
LEU C   O    doub N N 152 
LEU C   OXT  sing N N 153 
LEU CB  CG   sing N N 154 
LEU CB  HB2  sing N N 155 
LEU CB  HB3  sing N N 156 
LEU CG  CD1  sing N N 157 
LEU CG  CD2  sing N N 158 
LEU CG  HG   sing N N 159 
LEU CD1 HD11 sing N N 160 
LEU CD1 HD12 sing N N 161 
LEU CD1 HD13 sing N N 162 
LEU CD2 HD21 sing N N 163 
LEU CD2 HD22 sing N N 164 
LEU CD2 HD23 sing N N 165 
LEU OXT HXT  sing N N 166 
LYS N   CA   sing N N 167 
LYS N   H    sing N N 168 
LYS N   H2   sing N N 169 
LYS CA  C    sing N N 170 
LYS CA  CB   sing N N 171 
LYS CA  HA   sing N N 172 
LYS C   O    doub N N 173 
LYS C   OXT  sing N N 174 
LYS CB  CG   sing N N 175 
LYS CB  HB2  sing N N 176 
LYS CB  HB3  sing N N 177 
LYS CG  CD   sing N N 178 
LYS CG  HG2  sing N N 179 
LYS CG  HG3  sing N N 180 
LYS CD  CE   sing N N 181 
LYS CD  HD2  sing N N 182 
LYS CD  HD3  sing N N 183 
LYS CE  NZ   sing N N 184 
LYS CE  HE2  sing N N 185 
LYS CE  HE3  sing N N 186 
LYS NZ  HZ1  sing N N 187 
LYS NZ  HZ2  sing N N 188 
LYS NZ  HZ3  sing N N 189 
LYS OXT HXT  sing N N 190 
MET N   CA   sing N N 191 
MET N   H    sing N N 192 
MET N   H2   sing N N 193 
MET CA  C    sing N N 194 
MET CA  CB   sing N N 195 
MET CA  HA   sing N N 196 
MET C   O    doub N N 197 
MET C   OXT  sing N N 198 
MET CB  CG   sing N N 199 
MET CB  HB2  sing N N 200 
MET CB  HB3  sing N N 201 
MET CG  SD   sing N N 202 
MET CG  HG2  sing N N 203 
MET CG  HG3  sing N N 204 
MET SD  CE   sing N N 205 
MET CE  HE1  sing N N 206 
MET CE  HE2  sing N N 207 
MET CE  HE3  sing N N 208 
MET OXT HXT  sing N N 209 
PHE N   CA   sing N N 210 
PHE N   H    sing N N 211 
PHE N   H2   sing N N 212 
PHE CA  C    sing N N 213 
PHE CA  CB   sing N N 214 
PHE CA  HA   sing N N 215 
PHE C   O    doub N N 216 
PHE C   OXT  sing N N 217 
PHE CB  CG   sing N N 218 
PHE CB  HB2  sing N N 219 
PHE CB  HB3  sing N N 220 
PHE CG  CD1  doub Y N 221 
PHE CG  CD2  sing Y N 222 
PHE CD1 CE1  sing Y N 223 
PHE CD1 HD1  sing N N 224 
PHE CD2 CE2  doub Y N 225 
PHE CD2 HD2  sing N N 226 
PHE CE1 CZ   doub Y N 227 
PHE CE1 HE1  sing N N 228 
PHE CE2 CZ   sing Y N 229 
PHE CE2 HE2  sing N N 230 
PHE CZ  HZ   sing N N 231 
PHE OXT HXT  sing N N 232 
PRO N   CA   sing N N 233 
PRO N   CD   sing N N 234 
PRO N   H    sing N N 235 
PRO CA  C    sing N N 236 
PRO CA  CB   sing N N 237 
PRO CA  HA   sing N N 238 
PRO C   O    doub N N 239 
PRO C   OXT  sing N N 240 
PRO CB  CG   sing N N 241 
PRO CB  HB2  sing N N 242 
PRO CB  HB3  sing N N 243 
PRO CG  CD   sing N N 244 
PRO CG  HG2  sing N N 245 
PRO CG  HG3  sing N N 246 
PRO CD  HD2  sing N N 247 
PRO CD  HD3  sing N N 248 
PRO OXT HXT  sing N N 249 
SER N   CA   sing N N 250 
SER N   H    sing N N 251 
SER N   H2   sing N N 252 
SER CA  C    sing N N 253 
SER CA  CB   sing N N 254 
SER CA  HA   sing N N 255 
SER C   O    doub N N 256 
SER C   OXT  sing N N 257 
SER CB  OG   sing N N 258 
SER CB  HB2  sing N N 259 
SER CB  HB3  sing N N 260 
SER OG  HG   sing N N 261 
SER OXT HXT  sing N N 262 
THR N   CA   sing N N 263 
THR N   H    sing N N 264 
THR N   H2   sing N N 265 
THR CA  C    sing N N 266 
THR CA  CB   sing N N 267 
THR CA  HA   sing N N 268 
THR C   O    doub N N 269 
THR C   OXT  sing N N 270 
THR CB  OG1  sing N N 271 
THR CB  CG2  sing N N 272 
THR CB  HB   sing N N 273 
THR OG1 HG1  sing N N 274 
THR CG2 HG21 sing N N 275 
THR CG2 HG22 sing N N 276 
THR CG2 HG23 sing N N 277 
THR OXT HXT  sing N N 278 
TRP N   CA   sing N N 279 
TRP N   H    sing N N 280 
TRP N   H2   sing N N 281 
TRP CA  C    sing N N 282 
TRP CA  CB   sing N N 283 
TRP CA  HA   sing N N 284 
TRP C   O    doub N N 285 
TRP C   OXT  sing N N 286 
TRP CB  CG   sing N N 287 
TRP CB  HB2  sing N N 288 
TRP CB  HB3  sing N N 289 
TRP CG  CD1  doub Y N 290 
TRP CG  CD2  sing Y N 291 
TRP CD1 NE1  sing Y N 292 
TRP CD1 HD1  sing N N 293 
TRP CD2 CE2  doub Y N 294 
TRP CD2 CE3  sing Y N 295 
TRP NE1 CE2  sing Y N 296 
TRP NE1 HE1  sing N N 297 
TRP CE2 CZ2  sing Y N 298 
TRP CE3 CZ3  doub Y N 299 
TRP CE3 HE3  sing N N 300 
TRP CZ2 CH2  doub Y N 301 
TRP CZ2 HZ2  sing N N 302 
TRP CZ3 CH2  sing Y N 303 
TRP CZ3 HZ3  sing N N 304 
TRP CH2 HH2  sing N N 305 
TRP OXT HXT  sing N N 306 
TYR N   CA   sing N N 307 
TYR N   H    sing N N 308 
TYR N   H2   sing N N 309 
TYR CA  C    sing N N 310 
TYR CA  CB   sing N N 311 
TYR CA  HA   sing N N 312 
TYR C   O    doub N N 313 
TYR C   OXT  sing N N 314 
TYR CB  CG   sing N N 315 
TYR CB  HB2  sing N N 316 
TYR CB  HB3  sing N N 317 
TYR CG  CD1  doub Y N 318 
TYR CG  CD2  sing Y N 319 
TYR CD1 CE1  sing Y N 320 
TYR CD1 HD1  sing N N 321 
TYR CD2 CE2  doub Y N 322 
TYR CD2 HD2  sing N N 323 
TYR CE1 CZ   doub Y N 324 
TYR CE1 HE1  sing N N 325 
TYR CE2 CZ   sing Y N 326 
TYR CE2 HE2  sing N N 327 
TYR CZ  OH   sing N N 328 
TYR OH  HH   sing N N 329 
TYR OXT HXT  sing N N 330 
V4F CAK CAG  doub Y N 331 
V4F CAK CAJ  sing Y N 332 
V4F CA  CAJ  sing N N 333 
V4F CA  N    sing N N 334 
V4F CAG CAI  sing Y N 335 
V4F CAJ CAM  doub Y N 336 
V4F CAI CAL  doub Y N 337 
V4F CAM CAL  sing Y N 338 
V4F CAM NAH  sing Y N 339 
V4F CAL CAF  sing Y N 340 
V4F NAH CAE  doub Y N 341 
V4F CAF O01  sing N N 342 
V4F CAF CAD  doub Y N 343 
V4F O1  P    doub N N 344 
V4F O01 C01  sing N N 345 
V4F CAE CAD  sing Y N 346 
V4F CAE C    sing N N 347 
V4F C   O    doub N N 348 
V4F P   C01  sing N N 349 
V4F P   O3   sing N N 350 
V4F P   O2   sing N N 351 
V4F CAD HAD  sing N N 352 
V4F CAK HAK  sing N N 353 
V4F CAG HAG  sing N N 354 
V4F CAI HAI  sing N N 355 
V4F C01 H3   sing N N 356 
V4F CA  HA1  sing N N 357 
V4F CA  HA2  sing N N 358 
V4F N   H    sing N N 359 
V4F N   H2   sing N N 360 
V4F O3  HPO3 sing N N 361 
V4F O2  HPO2 sing N N 362 
V4F C   OXT  sing N N 363 
V4F C01 H1   sing N N 364 
V4F OXT HXT  sing N N 365 
V53 O   C    doub N N 366 
V53 C   CAJ  sing N N 367 
V53 CAJ CAD  doub Y N 368 
V53 CAJ NAH  sing Y N 369 
V53 O1  P    doub N N 370 
V53 CAD CAF  sing Y N 371 
V53 C01 P    sing N N 372 
V53 C01 O01  sing N N 373 
V53 NAH CAM  doub Y N 374 
V53 P   O3   sing N N 375 
V53 P   O2   sing N N 376 
V53 CAF O01  sing N N 377 
V53 CAF CAL  doub Y N 378 
V53 CAM CAL  sing Y N 379 
V53 CAM CA   sing Y N 380 
V53 CAL CAI  sing Y N 381 
V53 N   CA   sing N N 382 
V53 CA  CAK  doub Y N 383 
V53 CAI CAG  doub Y N 384 
V53 CAK CAG  sing Y N 385 
V53 CAK HAK  sing N N 386 
V53 CAG HAG  sing N N 387 
V53 CAI HAI  sing N N 388 
V53 N   H    sing N N 389 
V53 C   OXT  sing N N 390 
V53 OXT HXT  sing N N 391 
V53 H2  N    sing N N 392 
V53 CAD HAD  sing N N 393 
V53 O2  HPO2 sing N N 394 
V53 O3  HPO3 sing N N 395 
V53 C01 H1   sing N N 396 
V53 C01 H3   sing N N 397 
V5F C3  C2   doub Y N 398 
V5F C3  C4   sing Y N 399 
V5F C2  C1   sing Y N 400 
V5F C4  C5   doub Y N 401 
V5F CB  C6   sing N N 402 
V5F C6  O1   sing N N 403 
V5F C6  C    sing N N 404 
V5F C1  CA   doub Y N 405 
V5F C1  O1   sing N N 406 
V5F C5  CA   sing Y N 407 
V5F O   C    doub N N 408 
V5F CA  N    sing N N 409 
V5F C6  H6   sing N N 410 
V5F C2  H5   sing N N 411 
V5F C5  H4   sing N N 412 
V5F C4  H1   sing N N 413 
V5F C3  H3   sing N N 414 
V5F CB  HB1  sing N N 415 
V5F CB  HB2  sing N N 416 
V5F CB  HB3  sing N N 417 
V5F N   H    sing N N 418 
V5F C   OXT  sing N N 419 
V5F OXT HXT  sing N N 420 
V5F N   H2   sing N N 421 
VAL N   CA   sing N N 422 
VAL N   H    sing N N 423 
VAL N   H2   sing N N 424 
VAL CA  C    sing N N 425 
VAL CA  CB   sing N N 426 
VAL CA  HA   sing N N 427 
VAL C   O    doub N N 428 
VAL C   OXT  sing N N 429 
VAL CB  CG1  sing N N 430 
VAL CB  CG2  sing N N 431 
VAL CB  HB   sing N N 432 
VAL CG1 HG11 sing N N 433 
VAL CG1 HG12 sing N N 434 
VAL CG1 HG13 sing N N 435 
VAL CG2 HG21 sing N N 436 
VAL CG2 HG22 sing N N 437 
VAL CG2 HG23 sing N N 438 
VAL OXT HXT  sing N N 439 
# 
loop_
_pdbx_audit_support.funding_organization 
_pdbx_audit_support.country 
_pdbx_audit_support.grant_number 
_pdbx_audit_support.ordinal 
'German Research Foundation (DFG)' Germany          '325871075 (CRC1309-C7)' 1 
'European Research Council (ERC)'  'European Union' ERC-2021-ADG-320892      2 
# 
_pdbx_initial_refinement_model.id               1 
_pdbx_initial_refinement_model.entity_id_list   ? 
_pdbx_initial_refinement_model.type             'experimental model' 
_pdbx_initial_refinement_model.source_name      PDB 
_pdbx_initial_refinement_model.accession_code   8CMN 
_pdbx_initial_refinement_model.details          ? 
# 
_space_group.name_H-M_alt     'P 64 2 2' 
_space_group.name_Hall        'P 64 2 (x,y,z+1/6)' 
_space_group.IT_number        181 
_space_group.crystal_system   hexagonal 
_space_group.id               1 
# 
_atom_sites.entry_id                    8QPC 
_atom_sites.Cartn_transf_matrix[1][1]   ? 
_atom_sites.Cartn_transf_matrix[1][2]   ? 
_atom_sites.Cartn_transf_matrix[1][3]   ? 
_atom_sites.Cartn_transf_matrix[2][1]   ? 
_atom_sites.Cartn_transf_matrix[2][2]   ? 
_atom_sites.Cartn_transf_matrix[2][3]   ? 
_atom_sites.Cartn_transf_matrix[3][1]   ? 
_atom_sites.Cartn_transf_matrix[3][2]   ? 
_atom_sites.Cartn_transf_matrix[3][3]   ? 
_atom_sites.Cartn_transf_vector[1]      ? 
_atom_sites.Cartn_transf_vector[2]      ? 
_atom_sites.Cartn_transf_vector[3]      ? 
_atom_sites.Cartn_transform_axes        ? 
_atom_sites.fract_transf_matrix[1][1]   0.01324209 
_atom_sites.fract_transf_matrix[1][2]   -0.00905040 
_atom_sites.fract_transf_matrix[1][3]   0.00281498 
_atom_sites.fract_transf_matrix[2][1]   0.00650714 
_atom_sites.fract_transf_matrix[2][2]   -0.00886536 
_atom_sites.fract_transf_matrix[2][3]   -0.01201099 
_atom_sites.fract_transf_matrix[3][1]   0.00477043 
_atom_sites.fract_transf_matrix[3][2]   0.00633040 
_atom_sites.fract_transf_matrix[3][3]   -0.00208804 
_atom_sites.fract_transf_vector[1]      -0.227147 
_atom_sites.fract_transf_vector[2]      -0.284043 
_atom_sites.fract_transf_vector[3]      0.068335 
_atom_sites.solution_primary            ? 
_atom_sites.solution_secondary          ? 
_atom_sites.solution_hydrogens          ? 
_atom_sites.special_details             ? 
# 
loop_
_atom_type.symbol 
_atom_type.scat_dispersion_real 
_atom_type.scat_dispersion_imag 
_atom_type.scat_Cromer_Mann_a1 
_atom_type.scat_Cromer_Mann_a2 
_atom_type.scat_Cromer_Mann_a3 
_atom_type.scat_Cromer_Mann_a4 
_atom_type.scat_Cromer_Mann_b1 
_atom_type.scat_Cromer_Mann_b2 
_atom_type.scat_Cromer_Mann_b3 
_atom_type.scat_Cromer_Mann_b4 
_atom_type.scat_Cromer_Mann_c 
_atom_type.scat_source 
_atom_type.scat_dispersion_source 
C ? ? 3.54356 2.42580 ? ? 25.62398 1.50364  ? ? 0.0 
;2-Gaussian fit: Grosse-Kunstleve RW, Sauter NK, Adams PD: Newsletter of the IUCr Commission on Crystallographic Computing 2004, 3, 22-31.
;
? 
N ? ? 6.96715 ?       ? ? 11.43723 ?        ? ? 0.0 
;1-Gaussian fit: Grosse-Kunstleve RW, Sauter NK, Adams PD: Newsletter of the IUCr Commission on Crystallographic Computing 2004, 3, 22-31.
;
? 
O ? ? 7.96527 ?       ? ? 9.05267  ?        ? ? 0.0 
;1-Gaussian fit: Grosse-Kunstleve RW, Sauter NK, Adams PD: Newsletter of the IUCr Commission on Crystallographic Computing 2004, 3, 22-31.
;
? 
P ? ? 9.51135 5.44231 ? ? 1.42069  35.72801 ? ? 0.0 
;2-Gaussian fit: Grosse-Kunstleve RW, Sauter NK, Adams PD: Newsletter of the IUCr Commission on Crystallographic Computing 2004, 3, 22-31.
;
? 
S ? ? 9.55732 6.39887 ? ? 1.23737  29.19336 ? ? 0.0 
;2-Gaussian fit: Grosse-Kunstleve RW, Sauter NK, Adams PD: Newsletter of the IUCr Commission on Crystallographic Computing 2004, 3, 22-31.
;
? 
# 
loop_
_atom_site.group_PDB 
_atom_site.id 
_atom_site.type_symbol 
_atom_site.label_atom_id 
_atom_site.label_alt_id 
_atom_site.label_comp_id 
_atom_site.label_asym_id 
_atom_site.label_entity_id 
_atom_site.label_seq_id 
_atom_site.pdbx_PDB_ins_code 
_atom_site.Cartn_x 
_atom_site.Cartn_y 
_atom_site.Cartn_z 
_atom_site.occupancy 
_atom_site.B_iso_or_equiv 
_atom_site.pdbx_formal_charge 
_atom_site.auth_seq_id 
_atom_site.auth_comp_id 
_atom_site.auth_asym_id 
_atom_site.auth_atom_id 
_atom_site.pdbx_PDB_model_num 
ATOM   1   N N   . MET A 1 1  ? -10.51331 -12.50740 -3.83630  1.000 148.20384 ?  1  MET AA N   1 
ATOM   2   C CA  . MET A 1 1  ? -10.84989 -12.69375 -2.42500  1.000 153.59709 ?  1  MET AA CA  1 
ATOM   3   C C   . MET A 1 1  ? -9.57031  -12.66529 -1.53914  1.000 149.52367 ?  1  MET AA C   1 
ATOM   4   O O   . MET A 1 1  ? -9.43324  -13.40687 -0.57799  1.000 153.19091 ?  1  MET AA O   1 
ATOM   5   C CB  . MET A 1 1  ? -11.70888 -13.95346 -2.24043  1.000 150.87843 ?  1  MET AA CB  1 
ATOM   6   C CG  . MET A 1 1  ? -12.00216 -14.43482 -0.79245  1.000 158.78364 ?  1  MET AA CG  1 
ATOM   7   S SD  . MET A 1 1  ? -12.20869 -13.19311 0.50031   1.000 170.82205 ?  1  MET AA SD  1 
ATOM   8   C CE  . MET A 1 1  ? -13.35132 -11.99602 -0.23789  1.000 153.49327 ?  1  MET AA CE  1 
ATOM   9   N N   . VAL A 1 2  ? -8.60572  -11.83894 -1.93779  1.000 151.27392 ?  2  VAL AA N   1 
ATOM   10  C CA  . VAL A 1 2  ? -7.39351  -11.69557 -1.16005  1.000 149.33289 ?  2  VAL AA CA  1 
ATOM   11  C C   . VAL A 1 2  ? -7.47786  -10.36548 -0.42141  1.000 144.46933 ?  2  VAL AA C   1 
ATOM   12  O O   . VAL A 1 2  ? -7.81113  -9.33889  -1.02403  1.000 152.18283 ?  2  VAL AA O   1 
ATOM   13  C CB  . VAL A 1 2  ? -6.17132  -11.75999 -2.08362  1.000 147.00963 ?  2  VAL AA CB  1 
ATOM   14  C CG1 . VAL A 1 2  ? -4.87826  -11.50631 -1.32843  1.000 139.62540 ?  2  VAL AA CG1 1 
ATOM   15  C CG2 . VAL A 1 2  ? -6.14884  -13.12159 -2.79605  1.000 152.41563 ?  2  VAL AA CG2 1 
ATOM   16  N N   . LYS A 1 3  ? -7.07978  -10.33215 0.85330   1.000 139.81459 ?  3  LYS AA N   1 
ATOM   17  C CA  . LYS A 1 3  ? -7.08535  -9.05198  1.55366   1.000 138.59462 ?  3  LYS AA CA  1 
ATOM   18  C C   . LYS A 1 3  ? -5.71005  -8.42481  1.56563   1.000 139.33254 ?  3  LYS AA C   1 
ATOM   19  O O   . LYS A 1 3  ? -4.69394  -9.12325  1.62038   1.000 141.17228 ?  3  LYS AA O   1 
ATOM   20  C CB  . LYS A 1 3  ? -7.58060  -9.24253  2.99019   1.000 141.43388 ?  3  LYS AA CB  1 
ATOM   21  N N   . VAL A 1 4  ? -5.69567  -7.09027  1.55907   1.000 139.05288 ?  4  VAL AA N   1 
ATOM   22  C CA  . VAL A 1 4  ? -4.44495  -6.34459  1.67757   1.000 137.11244 ?  4  VAL AA CA  1 
ATOM   23  C C   . VAL A 1 4  ? -4.54412  -5.33063  2.79123   1.000 141.76155 ?  4  VAL AA C   1 
ATOM   24  O O   . VAL A 1 4  ? -5.35956  -4.42378  2.70811   1.000 136.43657 ?  4  VAL AA O   1 
ATOM   25  C CB  . VAL A 1 4  ? -4.06105  -5.65976  0.35941   1.000 132.26810 ?  4  VAL AA CB  1 
ATOM   26  C CG1 . VAL A 1 4  ? -2.83110  -4.80158  0.55994   1.000 141.72573 ?  4  VAL AA CG1 1 
ATOM   27  C CG2 . VAL A 1 4  ? -3.85128  -6.67620  -0.72876  1.000 133.77012 ?  4  VAL AA CG2 1 
ATOM   28  N N   . LYS A 1 5  ? -3.64499  -5.41487  3.75392   1.000 143.54984 ?  5  LYS AA N   1 
ATOM   29  C CA  . LYS A 1 5  ? -3.66412  -4.65709  5.00422   1.000 143.30628 ?  5  LYS AA CA  1 
ATOM   30  C C   . LYS A 1 5  ? -2.48538  -3.69485  4.96273   1.000 139.60662 ?  5  LYS AA C   1 
ATOM   31  O O   . LYS A 1 5  ? -1.30853  -4.12996  4.88735   1.000 131.25224 ?  5  LYS AA O   1 
ATOM   32  C CB  . LYS A 1 5  ? -3.57985  -5.59301  6.23778   1.000 134.12506 ?  5  LYS AA CB  1 
ATOM   33  N N   . PHE A 1 6  ? -2.78170  -2.39765  5.13074   1.000 147.58960 ?  6  PHE AA N   1 
ATOM   34  C CA  . PHE A 1 6  ? -1.74731  -1.38796  4.95780   1.000 134.74852 ?  6  PHE AA CA  1 
ATOM   35  C C   . PHE A 1 6  ? -1.96338  -0.23919  5.93385   1.000 138.06145 ?  6  PHE AA C   1 
ATOM   36  O O   . PHE A 1 6  ? -3.07610  -0.00058  6.40539   1.000 144.18616 ?  6  PHE AA O   1 
ATOM   37  C CB  . PHE A 1 6  ? -1.81080  -0.80617  3.53705   1.000 130.01225 ?  6  PHE AA CB  1 
ATOM   38  C CG  . PHE A 1 6  ? -3.14679  -0.17485  3.23392   1.000 130.80508 ?  6  PHE AA CG  1 
ATOM   39  C CD1 . PHE A 1 6  ? -4.27026  -0.96406  3.01467   1.000 136.50036 ?  6  PHE AA CD1 1 
ATOM   40  C CD2 . PHE A 1 6  ? -3.29115  1.18598   3.21913   1.000 133.21196 ?  6  PHE AA CD2 1 
ATOM   41  C CE1 . PHE A 1 6  ? -5.48519  -0.41093  2.75117   1.000 144.62542 ?  6  PHE AA CE1 1 
ATOM   42  C CE2 . PHE A 1 6  ? -4.51122  1.76883   2.95938   1.000 135.78852 ?  6  PHE AA CE2 1 
ATOM   43  C CZ  . PHE A 1 6  ? -5.61393  0.98330   2.72021   1.000 139.22913 ?  6  PHE AA CZ  1 
ATOM   44  N N   . LYS A 1 7  ? -0.86100  0.44305   6.25193   1.000 132.93927 ?  7  LYS AA N   1 
ATOM   45  C CA  . LYS A 1 7  ? -0.91946  1.60145   7.13025   1.000 132.20975 ?  7  LYS AA CA  1 
ATOM   46  C C   . LYS A 1 7  ? -1.04919  2.87866   6.28361   1.000 130.39256 ?  7  LYS AA C   1 
ATOM   47  O O   . LYS A 1 7  ? -0.21997  3.10967   5.40531   1.000 125.57724 ?  7  LYS AA O   1 
ATOM   48  C CB  . LYS A 1 7  ? 0.29863   1.63277   8.03750   1.000 123.09829 ?  7  LYS AA CB  1 
ATOM   49  C CG  . LYS A 1 7  ? 0.04050   2.46667   9.26686   1.000 127.84243 ?  7  LYS AA CG  1 
ATOM   50  C CD  . LYS A 1 7  ? 0.66911   1.81639   10.47880  1.000 132.78342 ?  7  LYS AA CD  1 
ATOM   51  C CE  . LYS A 1 7  ? 0.90970   2.86524   11.54011  1.000 123.03831 ?  7  LYS AA CE  1 
ATOM   52  N NZ  . LYS A 1 7  ? 1.46438   2.36659   12.81553  1.000 115.48349 ?  7  LYS AA NZ  1 
ATOM   53  N N   . TYR A 1 8  ? -2.09609  3.67105   6.53098   1.000 138.14925 ?  8  TYR AA N   1 
ATOM   54  C CA  . TYR A 1 8  ? -2.31277  4.96514   5.90280   1.000 144.31868 ?  8  TYR AA CA  1 
ATOM   55  C C   . TYR A 1 8  ? -2.29782  6.04666   6.96764   1.000 146.36548 ?  8  TYR AA C   1 
ATOM   56  O O   . TYR A 1 8  ? -3.22889  6.15128   7.75136   1.000 143.79986 ?  8  TYR AA O   1 
ATOM   57  C CB  . TYR A 1 8  ? -3.60500  5.03419   5.09955   1.000 141.28833 ?  8  TYR AA CB  1 
ATOM   58  C CG  . TYR A 1 8  ? -3.78874  6.40918   4.54494   1.000 139.40872 ?  8  TYR AA CG  1 
ATOM   59  C CD1 . TYR A 1 8  ? -3.16094  6.77657   3.36365   1.000 139.94664 ?  8  TYR AA CD1 1 
ATOM   60  C CD2 . TYR A 1 8  ? -4.55385  7.36844   5.21370   1.000 140.91615 ?  8  TYR AA CD2 1 
ATOM   61  C CE1 . TYR A 1 8  ? -3.30281  8.04732   2.84785   1.000 147.12279 ?  8  TYR AA CE1 1 
ATOM   62  C CE2 . TYR A 1 8  ? -4.69126  8.64130   4.69876   1.000 146.89830 ?  8  TYR AA CE2 1 
ATOM   63  C CZ  . TYR A 1 8  ? -4.07439  8.99006   3.51848   1.000 152.35487 ?  8  TYR AA CZ  1 
ATOM   64  O OH  . TYR A 1 8  ? -4.20935  10.24721  3.01651   1.000 154.38419 ?  8  TYR AA OH  1 
ATOM   65  N N   . LYS A 1 9  ? -1.27521  6.88448   6.96559   1.000 149.78454 ?  9  LYS AA N   1 
ATOM   66  C CA  . LYS A 1 9  ? -1.13330  8.02708   7.88882   1.000 147.13533 ?  9  LYS AA CA  1 
ATOM   67  C C   . LYS A 1 9  ? -1.14849  7.52143   9.31358   1.000 139.29568 ?  9  LYS AA C   1 
ATOM   68  O O   . LYS A 1 9  ? -1.80387  8.07053   10.21099  1.000 138.40551 ?  9  LYS AA O   1 
ATOM   69  C CB  . LYS A 1 9  ? -2.21626  9.07968   7.66343   1.000 141.49311 ?  9  LYS AA CB  1 
ATOM   70  N N   . GLY A 1 10 ? -0.35959  6.46961   9.53287   1.000 135.48662 ?  10 GLY AA N   1 
ATOM   71  C CA  . GLY A 1 10 ? -0.35927  5.85639   10.87451  1.000 143.25616 ?  10 GLY AA CA  1 
ATOM   72  C C   . GLY A 1 10 ? -1.64358  5.14767   11.26440  1.000 149.88412 ?  10 GLY AA C   1 
ATOM   73  O O   . GLY A 1 10 ? -1.77353  4.72246   12.40280  1.000 147.25298 ?  10 GLY AA O   1 
ATOM   74  N N   . GLU A 1 11 ? -2.58237  4.98636   10.33808  1.000 146.05954 ?  11 GLU AA N   1 
ATOM   75  C CA  . GLU A 1 11 ? -3.85404  4.30017   10.58513  1.000 151.81628 ?  11 GLU AA CA  1 
ATOM   76  C C   . GLU A 1 11 ? -3.91793  2.97871   9.82038   1.000 155.38678 ?  11 GLU AA C   1 
ATOM   77  O O   . GLU A 1 11 ? -3.74352  2.95201   8.61803   1.000 155.45842 ?  11 GLU AA O   1 
ATOM   78  C CB  . GLU A 1 11 ? -5.06075  5.18160   10.18524  1.000 146.32804 ?  11 GLU AA CB  1 
ATOM   79  C CG  . GLU A 1 11 ? -6.39156  4.43327   10.21785  1.000 151.11533 ?  11 GLU AA CG  1 
ATOM   80  C CD  . GLU A 1 11 ? -7.55117  5.20921   9.55363   1.000 153.29015 ?  11 GLU AA CD  1 
ATOM   81  O OE1 . GLU A 1 11 ? -7.33141  6.34210   9.06537   1.000 150.00859 ?  11 GLU AA OE1 1 
ATOM   82  O OE2 . GLU A 1 11 ? -8.65157  4.65173   9.50562   1.000 149.81476 ?  11 GLU AA OE2 1 
ATOM   83  N N   . GLU A 1 12 ? -4.21538  1.89596   10.51166  1.000 154.94926 ?  12 GLU AA N   1 
ATOM   84  C CA  . GLU A 1 12 ? -4.39387  0.59521   9.87416   1.000 150.21325 ?  12 GLU AA CA  1 
ATOM   85  C C   . GLU A 1 12 ? -5.68851  0.47433   9.07830   1.000 153.50109 ?  12 GLU AA C   1 
ATOM   86  O O   . GLU A 1 12 ? -6.74261  0.96648   9.48668   1.000 152.53523 ?  12 GLU AA O   1 
ATOM   87  C CB  . GLU A 1 12 ? -4.37055  -0.50990  10.94157  1.000 143.03722 ?  12 GLU AA CB  1 
ATOM   88  C CG  . GLU A 1 12 ? -3.02669  -0.78950  11.57692  1.000 149.85317 ?  12 GLU AA CG  1 
ATOM   89  C CD  . GLU A 1 12 ? -1.95475  -1.13625  10.52895  1.000 159.25612 ?  12 GLU AA CD  1 
ATOM   90  O OE1 . GLU A 1 12 ? -2.30787  -1.42041  9.35829   1.000 162.64395 ?  12 GLU AA OE1 1 
ATOM   91  O OE2 . GLU A 1 12 ? -0.75363  -1.16769  10.89486  1.000 142.51661 ?  12 GLU AA OE2 1 
ATOM   92  N N   . LYS A 1 13 ? -5.60286  -0.18010  7.91686   1.000 144.43362 ?  13 LYS AA N   1 
ATOM   93  C CA  . LYS A 1 13 ? -6.76436  -0.30038  7.03021   1.000 145.74890 ?  13 LYS AA CA  1 
ATOM   94  C C   . LYS A 1 13 ? -6.58737  -1.59727  6.23471   1.000 147.56824 ?  13 LYS AA C   1 
ATOM   95  O O   . LYS A 1 13 ? -5.49319  -2.11486  6.15215   1.000 143.81235 ?  13 LYS AA O   1 
ATOM   96  C CB  . LYS A 1 13 ? -6.77019  0.87484   6.01149   1.000 143.79448 ?  13 LYS AA CB  1 
ATOM   97  C CG  . LYS A 1 13 ? -6.89794  2.27140   6.58497   1.000 145.63907 ?  13 LYS AA CG  1 
ATOM   98  C CD  . LYS A 1 13 ? -7.31812  3.27970   5.53025   1.000 146.44338 ?  13 LYS AA CD  1 
ATOM   99  C CE  . LYS A 1 13 ? -7.75882  4.57142   6.18985   1.000 144.75683 ?  13 LYS AA CE  1 
ATOM   100 N NZ  . LYS A 1 13 ? -7.07554  5.74982   5.60293   1.000 143.68581 ?  13 LYS AA NZ  1 
ATOM   101 N N   . GLU A 1 14 ? -7.65051  -2.06132  5.56352   1.000 143.84415 ?  14 GLU AA N   1 
ATOM   102 C CA  . GLU A 1 14 ? -7.40941  -3.00430  4.49107   1.000 143.90340 ?  14 GLU AA CA  1 
ATOM   103 C C   . GLU A 1 14 ? -8.61525  -3.03635  3.55846   1.000 146.31905 ?  14 GLU AA C   1 
ATOM   104 O O   . GLU A 1 14 ? -9.68005  -2.51198  3.83943   1.000 147.58958 ?  14 GLU AA O   1 
ATOM   105 C CB  . GLU A 1 14 ? -7.03200  -4.42489  4.92156   1.000 145.31797 ?  14 GLU AA CB  1 
ATOM   106 C CG  . GLU A 1 14 ? -7.96400  -5.55262  4.88726   1.000 150.75853 ?  14 GLU AA CG  1 
ATOM   107 C CD  . GLU A 1 14 ? -8.99337  -5.51967  5.94060   1.000 160.95044 ?  14 GLU AA CD  1 
ATOM   108 O OE1 . GLU A 1 14 ? -9.12458  -4.49183  6.63680   1.000 163.06878 ?  14 GLU AA OE1 1 
ATOM   109 O OE2 . GLU A 1 14 ? -9.57739  -6.60772  6.12782   1.000 164.62457 ?  14 GLU AA OE2 1 
ATOM   110 N N   . VAL A 1 15 ? -8.40699  -3.68955  2.41410   1.000 140.44596 ?  15 VAL AA N   1 
ATOM   111 C CA  . VAL A 1 15 ? -9.43863  -3.84020  1.39393   1.000 149.38673 ?  15 VAL AA CA  1 
ATOM   112 C C   . VAL A 1 15 ? -9.21300  -5.06473  0.49677   1.000 150.96028 ?  15 VAL AA C   1 
ATOM   113 O O   . VAL A 1 15 ? -8.10372  -5.58520  0.41643   1.000 143.00090 ?  15 VAL AA O   1 
ATOM   114 C CB  . VAL A 1 15 ? -9.55506  -2.58415  0.52128   1.000 150.10583 ?  15 VAL AA CB  1 
ATOM   115 C CG1 . VAL A 1 15 ? -9.64157  -1.34310  1.38977   1.000 147.81453 ?  15 VAL AA CG1 1 
ATOM   116 C CG2 . VAL A 1 15 ? -8.37165  -2.50482  -0.43194  1.000 145.60041 ?  15 VAL AA CG2 1 
ATOM   117 N N   . ASP A 1 16 ? -10.27141 -5.49689  -0.18864  1.000 149.60076 ?  16 ASP AA N   1 
ATOM   118 C CA  . ASP A 1 16 ? -10.22870 -6.65502  -1.08255  1.000 149.41499 ?  16 ASP AA CA  1 
ATOM   119 C C   . ASP A 1 16 ? -9.36239  -6.42076  -2.31510  1.000 146.21814 ?  16 ASP AA C   1 
ATOM   120 O O   . ASP A 1 16 ? -9.23931  -5.29399  -2.78366  1.000 146.56565 ?  16 ASP AA O   1 
ATOM   121 C CB  . ASP A 1 16 ? -11.64493 -7.03357  -1.51520  1.000 150.62301 ?  16 ASP AA CB  1 
ATOM   122 N N   . THR A 1 17 ? -8.76913  -7.48778  -2.84308  1.000 146.64959 ?  17 THR AA N   1 
ATOM   123 C CA  . THR A 1 17 ? -7.90445  -7.37971  -4.01037  1.000 141.19187 ?  17 THR AA CA  1 
ATOM   124 C C   . THR A 1 17 ? -8.73400  -6.83597  -5.14855  1.000 142.47232 ?  17 THR AA C   1 
ATOM   125 O O   . THR A 1 17 ? -8.30459  -5.97093  -5.90430  1.000 139.91578 ?  17 THR AA O   1 
ATOM   126 C CB  . THR A 1 17 ? -7.36764  -8.75470  -4.43106  1.000 140.26253 ?  17 THR AA CB  1 
ATOM   127 O OG1 . THR A 1 17 ? -6.31234  -9.15161  -3.54584  1.000 134.49943 ?  17 THR AA OG1 1 
ATOM   128 C CG2 . THR A 1 17 ? -6.84866  -8.71355  -5.85418  1.000 140.67789 ?  17 THR AA CG2 1 
ATOM   129 N N   . SER A 1 18 ? -9.94326  -7.36453  -5.25967  1.000 140.57270 ?  18 SER AA N   1 
ATOM   130 C CA  . SER A 1 18 ? -10.89504 -6.89942  -6.25157  1.000 145.25894 ?  18 SER AA CA  1 
ATOM   131 C C   . SER A 1 18 ? -10.95008 -5.37306  -6.23140  1.000 148.93232 ?  18 SER AA C   1 
ATOM   132 O O   . SER A 1 18 ? -10.84165 -4.72810  -7.29006  1.000 149.67269 ?  18 SER AA O   1 
ATOM   133 C CB  . SER A 1 18 ? -12.24973 -7.52220  -5.97038  1.000 156.67466 ?  18 SER AA CB  1 
ATOM   134 O OG  . SER A 1 18 ? -12.78122 -7.06996  -4.73689  1.000 158.18579 ?  18 SER AA OG  1 
ATOM   135 N N   . LYS A 1 19 ? -11.18251 -4.76412  -5.05255  1.000 148.87354 ?  19 LYS AA N   1 
ATOM   136 C CA  . LYS A 1 19 ? -11.55480 -3.34623  -5.03419  1.000 150.97711 ?  19 LYS AA CA  1 
ATOM   137 C C   . LYS A 1 19 ? -10.43093 -2.44818  -5.57825  1.000 151.10552 ?  19 LYS AA C   1 
ATOM   138 O O   . LYS A 1 19 ? -10.63534 -1.23381  -5.71168  1.000 150.43415 ?  19 LYS AA O   1 
ATOM   139 C CB  . LYS A 1 19 ? -11.97418 -2.88811  -3.61630  1.000 157.77957 ?  19 LYS AA CB  1 
ATOM   140 C CG  . LYS A 1 19 ? -12.95178 -3.85211  -2.87447  1.000 160.25059 ?  19 LYS AA CG  1 
ATOM   141 C CD  . LYS A 1 19 ? -13.43932 -3.32968  -1.48018  1.000 166.22871 ?  19 LYS AA CD  1 
ATOM   142 C CE  . LYS A 1 19 ? -12.84362 -4.10104  -0.25913  1.000 157.19890 ?  19 LYS AA CE  1 
ATOM   143 N NZ  . LYS A 1 19 ? -13.63059 -5.02311  0.61811   1.000 170.48199 ?  19 LYS AA NZ  1 
ATOM   144 N N   . ILE A 1 20 ? -9.23662  -3.01865  -5.85227  1.000 152.54123 ?  20 ILE AA N   1 
ATOM   145 C CA  . ILE A 1 20 ? -8.05651  -2.24267  -6.22515  1.000 146.79686 ?  20 ILE AA CA  1 
ATOM   146 C C   . ILE A 1 20 ? -8.15450  -1.89297  -7.71039  1.000 155.64539 ?  20 ILE AA C   1 
ATOM   147 O O   . ILE A 1 20 ? -8.69306  -2.65545  -8.53212  1.000 154.96455 ?  20 ILE AA O   1 
ATOM   148 C CB  . ILE A 1 20 ? -6.77064  -3.03791  -5.90150  1.000 143.65679 ?  20 ILE AA CB  1 
ATOM   149 C CG1 . ILE A 1 20 ? -6.65062  -3.20873  -4.39255  1.000 144.61508 ?  20 ILE AA CG1 1 
ATOM   150 C CG2 . ILE A 1 20 ? -5.51410  -2.33472  -6.41922  1.000 143.63807 ?  20 ILE AA CG2 1 
ATOM   151 C CD1 . ILE A 1 20 ? -5.51021  -4.08692  -3.94972  1.000 140.32226 ?  20 ILE AA CD1 1 
ATOM   152 N N   . LYS A 1 21 ? -7.55944  -0.75074  -8.06202  1.000 146.19965 ?  21 LYS AA N   1 
ATOM   153 C CA  . LYS A 1 21 ? -7.50973  -0.28640  -9.43877  1.000 148.15910 ?  21 LYS AA CA  1 
ATOM   154 C C   . LYS A 1 21 ? -6.06595  -0.23828  -9.91732  1.000 137.40373 ?  21 LYS AA C   1 
ATOM   155 O O   . LYS A 1 21 ? -5.62650  -1.10999  -10.68038 1.000 135.29804 ?  21 LYS AA O   1 
ATOM   156 C CB  . LYS A 1 21 ? -8.18759  1.06885   -9.58690  1.000 151.82940 ?  21 LYS AA CB  1 
ATOM   157 C CG  . LYS A 1 21 ? -9.39103  1.28318   -8.65260  1.000 155.70715 ?  21 LYS AA CG  1 
ATOM   158 C CD  . LYS A 1 21 ? -10.30663 2.45664   -9.04041  1.000 163.11576 ?  21 LYS AA CD  1 
ATOM   159 C CE  . LYS A 1 21 ? -9.60926  3.81005   -8.82970  1.000 161.60480 ?  21 LYS AA CE  1 
ATOM   160 N NZ  . LYS A 1 21 ? -10.57997 4.88283   -8.42489  1.000 173.48461 ?  21 LYS AA NZ  1 
ATOM   161 N N   . LYS A 1 22 ? -5.29867  0.76230   -9.49727  1.000 129.94536 ?  22 LYS AA N   1 
ATOM   162 C CA  . LYS A 1 22 ? -3.97389  1.00524   -10.07340 1.000 127.06036 ?  22 LYS AA CA  1 
ATOM   163 C C   . LYS A 1 22 ? -2.86723  0.49780   -9.15857  1.000 134.60468 ?  22 LYS AA C   1 
ATOM   164 O O   . LYS A 1 22 ? -2.82945  0.83548   -7.98082  1.000 128.88247 ?  22 LYS AA O   1 
ATOM   165 C CB  . LYS A 1 22 ? -3.76902  2.48847   -10.29379 1.000 129.33632 ?  22 LYS AA CB  1 
ATOM   166 C CG  . LYS A 1 22 ? -4.96382  3.22401   -10.87400 1.000 142.90241 ?  22 LYS AA CG  1 
ATOM   167 C CD  . LYS A 1 22 ? -5.09630  3.00569   -12.36275 1.000 158.80287 ?  22 LYS AA CD  1 
ATOM   168 C CE  . LYS A 1 22 ? -5.13420  4.34048   -13.07562 1.000 167.12525 ?  22 LYS AA CE  1 
ATOM   169 N NZ  . LYS A 1 22 ? -4.80698  4.17260   -14.50307 1.000 181.04211 ?  22 LYS AA NZ  1 
ATOM   170 N N   . VAL A 1 23 ? -1.94562  -0.29038  -9.70416  1.000 137.57880 ?  23 VAL AA N   1 
ATOM   171 C CA  . VAL A 1 23 ? -0.79279  -0.81750  -8.96009  1.000 127.85521 ?  23 VAL AA CA  1 
ATOM   172 C C   . VAL A 1 23 ? 0.53463   -0.44765  -9.62455  1.000 126.23774 ?  23 VAL AA C   1 
ATOM   173 O O   . VAL A 1 23 ? 0.82362   -0.83190  -10.75808 1.000 128.40302 ?  23 VAL AA O   1 
ATOM   174 C CB  . VAL A 1 23 ? -0.87954  -2.34787  -8.70290  1.000 122.99759 ?  23 VAL AA CB  1 
ATOM   175 C CG1 . VAL A 1 23 ? -0.70877  -3.13928  -9.96787  1.000 124.84284 ?  23 VAL AA CG1 1 
ATOM   176 C CG2 . VAL A 1 23 ? 0.19263   -2.73325  -7.74777  1.000 111.72565 ?  23 VAL AA CG2 1 
ATOM   177 N N   . TRP A 1 24 ? 1.34306   0.32902   -8.90515  1.000 116.31178 ?  24 TRP AA N   1 
ATOM   178 C CA  . TRP A 1 24 ? 2.59940   0.87033   -9.44319  1.000 117.68851 ?  24 TRP AA CA  1 
ATOM   179 C C   . TRP A 1 24 ? 3.69410   0.24900   -8.61091  1.000 113.02432 ?  24 TRP AA C   1 
ATOM   180 O O   . TRP A 1 24 ? 3.47693   -0.02541  -7.41837  1.000 117.53003 ?  24 TRP AA O   1 
ATOM   181 C CB  . TRP A 1 24 ? 2.71560   2.34735   -9.34203  1.000 110.75852 ?  24 TRP AA CB  1 
ATOM   182 C CG  . TRP A 1 24 ? 1.82906   2.98785   -10.26508 1.000 128.56159 ?  24 TRP AA CG  1 
ATOM   183 C CD1 . TRP A 1 24 ? 1.85768   3.10548   -11.62649 1.000 130.42774 ?  24 TRP AA CD1 1 
ATOM   184 C CD2 . TRP A 1 24 ? 0.71740   3.75766   -9.84486  1.000 135.76901 ?  24 TRP AA CD2 1 
ATOM   185 N NE1 . TRP A 1 24 ? 0.77424   3.84950   -12.08706 1.000 136.05052 ?  24 TRP AA NE1 1 
ATOM   186 C CE2 . TRP A 1 24 ? 0.07078   4.27290   -11.00480 1.000 138.67660 ?  24 TRP AA CE2 1 
ATOM   187 C CE3 . TRP A 1 24 ? 0.17347   4.06507   -8.58035  1.000 122.38601 ?  24 TRP AA CE3 1 
ATOM   188 C CZ2 . TRP A 1 24 ? -1.07422  5.06525   -10.91953 1.000 155.10732 ?  24 TRP AA CZ2 1 
ATOM   189 C CZ3 . TRP A 1 24 ? -0.94237  4.83574   -8.52968  1.000 132.72299 ?  24 TRP AA CZ3 1 
ATOM   190 C CH2 . TRP A 1 24 ? -1.54537  5.32105   -9.64915  1.000 139.83483 ?  24 TRP AA CH2 1 
ATOM   191 N N   . ARG A 1 25 ? 4.87169   0.08791   -9.19809  1.000 128.07188 ?  25 ARG AA N   1 
ATOM   192 C CA  . ARG A 1 25 ? 6.02778   -0.34610  -8.45861  1.000 125.79017 ?  25 ARG AA CA  1 
ATOM   193 C C   . ARG A 1 25 ? 6.88731   0.87482   -8.17287  1.000 123.30527 ?  25 ARG AA C   1 
ATOM   194 O O   . ARG A 1 25 ? 7.36692   1.55588   -9.09384  1.000 121.12310 ?  25 ARG AA O   1 
ATOM   195 C CB  . ARG A 1 25 ? 6.84225   -1.37199  -9.22093  1.000 127.65834 ?  25 ARG AA CB  1 
ATOM   196 C CG  . ARG A 1 25 ? 8.02453   -1.84899  -8.39464  1.000 124.62102 ?  25 ARG AA CG  1 
ATOM   197 C CD  . ARG A 1 25 ? 8.62013   -3.09577  -8.97584  1.000 130.63584 ?  25 ARG AA CD  1 
ATOM   198 N NE  . ARG A 1 25 ? 8.54380   -4.17485  -8.01053  1.000 134.68215 ?  25 ARG AA NE  1 
ATOM   199 C CZ  . ARG A 1 25 ? 7.98233   -5.34771  -8.28197  1.000 144.16820 ?  25 ARG AA CZ  1 
ATOM   200 N NH1 . ARG A 1 25 ? 7.25888   -5.53448  -9.38302  1.000 143.23707 ?  25 ARG AA NH1 1 
ATOM   201 N NH2 . ARG A 1 25 ? 8.09959   -6.34591  -7.40668  1.000 147.50981 ?  25 ARG AA NH2 1 
ATOM   202 N N   . ALA A 1 26 ? 7.06212   1.18229   -6.88312  1.000 121.52720 ?  26 ALA AA N   1 
ATOM   203 C CA  . ALA A 1 26 ? 7.74967   2.40798   -6.42174  1.000 119.26324 ?  26 ALA AA CA  1 
ATOM   204 C C   . ALA A 1 26 ? 8.89346   1.88859   -5.55660  1.000 120.37171 ?  26 ALA AA C   1 
ATOM   205 O O   . ALA A 1 26 ? 8.70257   1.74809   -4.34146  1.000 116.57507 ?  26 ALA AA O   1 
ATOM   206 C CB  . ALA A 1 26 ? 6.80739   3.31306   -5.68191  1.000 116.97775 ?  26 ALA AA CB  1 
ATOM   207 N N   . GLY A 1 27 ? 10.04896  1.58722   -6.19197  1.000 128.23448 ?  27 GLY AA N   1 
ATOM   208 C CA  . GLY A 1 27 ? 11.19499  1.12948   -5.42959  1.000 124.58144 ?  27 GLY AA CA  1 
ATOM   209 C C   . GLY A 1 27 ? 10.94809  -0.18105  -4.69713  1.000 118.59938 ?  27 GLY AA C   1 
ATOM   210 O O   . GLY A 1 27 ? 10.71321  -1.20770  -5.34670  1.000 111.34357 ?  27 GLY AA O   1 
ATOM   211 N N   . LYS A 1 28 ? 10.96936  -0.15907  -3.34792  1.000 115.56795 ?  28 LYS AA N   1 
ATOM   212 C CA  . LYS A 1 28 ? 10.69847  -1.38207  -2.60499  1.000 119.59655 ?  28 LYS AA CA  1 
ATOM   213 C C   . LYS A 1 28 ? 9.22716   -1.50089  -2.26299  1.000 118.94821 ?  28 LYS AA C   1 
ATOM   214 O O   . LYS A 1 28 ? 8.79707   -2.53160  -1.74904  1.000 122.57220 ?  28 LYS AA O   1 
ATOM   215 C CB  . LYS A 1 28 ? 11.54730  -1.43798  -1.34441  1.000 124.69009 ?  28 LYS AA CB  1 
ATOM   216 N N   . ALA A 1 29 ? 8.44240   -0.47910  -2.57595  1.000 113.57727 ?  29 ALA AA N   1 
ATOM   217 C CA  . ALA A 1 29 ? 7.03299   -0.40931  -2.23100  1.000 107.04491 ?  29 ALA AA CA  1 
ATOM   218 C C   . ALA A 1 29 ? 6.12668   -0.63169  -3.40272  1.000 112.72511 ?  29 ALA AA C   1 
ATOM   219 O O   . ALA A 1 29 ? 6.52039   -0.43694  -4.53923  1.000 120.32373 ?  29 ALA AA O   1 
ATOM   220 C CB  . ALA A 1 29 ? 6.71479   0.97471   -1.57691  1.000 108.26397 ?  29 ALA AA CB  1 
ATOM   221 N N   . VAL A 1 30 ? 4.92627   -1.09635  -3.08234  1.000 104.61113 ?  30 VAL AA N   1 
ATOM   222 C CA  . VAL A 1 30 ? 3.80445   -1.22449  -4.01623  1.000 99.38419  ?  30 VAL AA CA  1 
ATOM   223 C C   . VAL A 1 30 ? 2.82064   -0.12125  -3.66688  1.000 103.52751 ?  30 VAL AA C   1 
ATOM   224 O O   . VAL A 1 30 ? 2.29398   -0.07330  -2.53789  1.000 113.01769 ?  30 VAL AA O   1 
ATOM   225 C CB  . VAL A 1 30 ? 3.11395   -2.58857  -3.91654  1.000 97.14437  ?  30 VAL AA CB  1 
ATOM   226 C CG1 . VAL A 1 30 ? 2.09775   -2.74907  -4.99433  1.000 112.04288 ?  30 VAL AA CG1 1 
ATOM   227 C CG2 . VAL A 1 30 ? 4.14231   -3.70095  -4.03386  1.000 102.77896 ?  30 VAL AA CG2 1 
ATOM   228 N N   . SER A 1 31 ? 2.59186   0.78257   -4.62826  1.000 92.76716  ?  31 SER AA N   1 
ATOM   229 C CA  . SER A 1 31 ? 1.71658   1.91579   -4.45103  1.000 99.41099  ?  31 SER AA CA  1 
ATOM   230 C C   . SER A 1 31 ? 0.46540   1.59153   -5.23441  1.000 110.63253 ?  31 SER AA C   1 
ATOM   231 O O   . SER A 1 31 ? 0.55330   0.92499   -6.25802  1.000 122.70940 ?  31 SER AA O   1 
ATOM   232 C CB  . SER A 1 31 ? 2.41581   3.20416   -4.91094  1.000 93.68580  ?  31 SER AA CB  1 
ATOM   233 O OG  . SER A 1 31 ? 1.61073   4.37091   -4.71885  1.000 91.87898  ?  31 SER AA OG  1 
ATOM   234 N N   . PHE A 1 32 ? -0.70629  2.02494   -4.75437  1.000 110.46680 ?  32 PHE AA N   1 
ATOM   235 C CA  . PHE A 1 32 ? -1.90272  1.60039   -5.47314  1.000 121.79239 ?  32 PHE AA CA  1 
ATOM   236 C C   . PHE A 1 32 ? -3.09035  2.44746   -5.09443  1.000 131.27771 ?  32 PHE AA C   1 
ATOM   237 O O   . PHE A 1 32 ? -3.05052  3.25024   -4.16301  1.000 130.37081 ?  32 PHE AA O   1 
ATOM   238 C CB  . PHE A 1 32 ? -2.23075  0.15885   -5.10494  1.000 117.08360 ?  32 PHE AA CB  1 
ATOM   239 C CG  . PHE A 1 32 ? -2.50281  -0.04465  -3.62541  1.000 118.00714 ?  32 PHE AA CG  1 
ATOM   240 C CD1 . PHE A 1 32 ? -3.77252  0.18299   -3.09421  1.000 129.65135 ?  32 PHE AA CD1 1 
ATOM   241 C CD2 . PHE A 1 32 ? -1.49495  -0.43980  -2.76872  1.000 105.32109 ?  32 PHE AA CD2 1 
ATOM   242 C CE1 . PHE A 1 32 ? -4.01497  0.00571   -1.74284  1.000 118.93107 ?  32 PHE AA CE1 1 
ATOM   243 C CE2 . PHE A 1 32 ? -1.74764  -0.62108  -1.42541  1.000 111.29341 ?  32 PHE AA CE2 1 
ATOM   244 C CZ  . PHE A 1 32 ? -3.00332  -0.39529  -0.91101  1.000 111.23382 ?  32 PHE AA CZ  1 
ATOM   245 N N   . THR A 1 33 ? -4.18012  2.16887   -5.76652  1.000 126.38855 ?  33 THR AA N   1 
ATOM   246 C CA  . THR A 1 33 ? -5.43099  2.87473   -5.63566  1.000 136.70910 ?  33 THR AA CA  1 
ATOM   247 C C   . THR A 1 33 ? -6.55004  1.85694   -5.74461  1.000 149.44254 ?  33 THR AA C   1 
ATOM   248 O O   . THR A 1 33 ? -6.45405  0.91566   -6.54574  1.000 150.37558 ?  33 THR AA O   1 
ATOM   249 C CB  . THR A 1 33 ? -5.70329  3.88321   -6.75654  1.000 139.43191 ?  33 THR AA CB  1 
ATOM   250 O OG1 . THR A 1 33 ? -6.22678  3.19627   -7.88119  1.000 149.13813 ?  33 THR AA OG1 1 
ATOM   251 C CG2 . THR A 1 33 ? -4.41397  4.57007   -7.17780  1.000 137.19963 ?  33 THR AA CG2 1 
ATOM   252 N N   . TYR A 1 34 ? -7.70852  2.22904   -5.17266  1.000 154.07235 ?  34 TYR AA N   1 
ATOM   253 C CA  . TYR A 1 34 ? -8.76583  1.26224   -4.96109  1.000 152.87606 ?  34 TYR AA CA  1 
ATOM   254 C C   . TYR A 1 34 ? -10.03768 2.08838   -4.94961  1.000 157.97940 ?  34 TYR AA C   1 
ATOM   255 O O   . TYR A 1 34 ? -10.01518 3.31673   -4.79583  1.000 160.03169 ?  34 TYR AA O   1 
ATOM   256 C CB  . TYR A 1 34 ? -8.69578  0.47428   -3.63283  1.000 158.29704 ?  34 TYR AA CB  1 
ATOM   257 C CG  . TYR A 1 34 ? -8.68000  1.27991   -2.34592  1.000 146.16804 ?  34 TYR AA CG  1 
ATOM   258 C CD1 . TYR A 1 34 ? -9.86916  1.66585   -1.71944  1.000 153.65060 ?  34 TYR AA CD1 1 
ATOM   259 C CD2 . TYR A 1 34 ? -7.48991  1.69369   -1.76116  1.000 145.81218 ?  34 TYR AA CD2 1 
ATOM   260 C CE1 . TYR A 1 34 ? -9.87614  2.38873   -0.57115  1.000 152.02394 ?  34 TYR AA CE1 1 
ATOM   261 C CE2 . TYR A 1 34 ? -7.49287  2.41539   -0.57177  1.000 149.59990 ?  34 TYR AA CE2 1 
ATOM   262 C CZ  . TYR A 1 34 ? -8.69085  2.77447   0.02357   1.000 151.09624 ?  34 TYR AA CZ  1 
ATOM   263 O OH  . TYR A 1 34 ? -8.71081  3.49641   1.16685   1.000 143.41573 ?  34 TYR AA OH  1 
ATOM   264 N N   . ASP A 1 35 ? -11.15535 1.38985   -4.95436  1.000 156.72629 ?  35 ASP AA N   1 
ATOM   265 C CA  . ASP A 1 35 ? -12.43957 2.02748   -4.91074  1.000 172.09928 ?  35 ASP AA CA  1 
ATOM   266 C C   . ASP A 1 35 ? -13.13859 1.71738   -3.60016  1.000 172.78799 ?  35 ASP AA C   1 
ATOM   267 O O   . ASP A 1 35 ? -13.65635 0.61050   -3.40496  1.000 172.64684 ?  35 ASP AA O   1 
ATOM   268 C CB  . ASP A 1 35 ? -13.21488 1.54918   -6.13549  1.000 179.26588 ?  35 ASP AA CB  1 
ATOM   269 C CG  . ASP A 1 35 ? -14.48931 2.30443   -6.38126  1.000 186.46254 ?  35 ASP AA CG  1 
ATOM   270 O OD1 . ASP A 1 35 ? -14.44472 3.34216   -7.06445  1.000 188.65437 ?  35 ASP AA OD1 1 
ATOM   271 O OD2 . ASP A 1 35 ? -15.54235 1.76800   -5.98855  1.000 200.24036 ?  35 ASP AA OD2 1 
ATOM   272 N N   . ASP A 1 36 ? -13.21470 2.72477   -2.72163  1.000 181.21729 ?  36 ASP AA N   1 
ATOM   273 C CA  . ASP A 1 36 ? -13.83456 2.56251   -1.42964  1.000 192.43395 ?  36 ASP AA CA  1 
ATOM   274 C C   . ASP A 1 36 ? -15.22968 3.09104   -1.64150  1.000 200.03007 ?  36 ASP AA C   1 
ATOM   275 O O   . ASP A 1 36 ? -15.45620 4.30370   -1.63770  1.000 199.58224 ?  36 ASP AA O   1 
ATOM   276 C CB  . ASP A 1 36 ? -13.07697 3.20058   -0.26750  1.000 180.84892 ?  36 ASP AA CB  1 
ATOM   277 C CG  . ASP A 1 36 ? -12.58276 4.60685   -0.53528  1.000 180.20120 ?  36 ASP AA CG  1 
ATOM   278 O OD1 . ASP A 1 36 ? -12.96218 5.19571   -1.57544  1.000 186.64668 ?  36 ASP AA OD1 1 
ATOM   279 O OD2 . ASP A 1 36 ? -11.78998 5.10304   0.27567   1.000 165.86666 ?  36 ASP AA OD2 1 
ATOM   280 N N   . ASN A 1 37 ? -16.14099 2.15535   -1.89884  1.000 196.56250 ?  37 ASN AA N   1 
ATOM   281 C CA  . ASN A 1 37 ? -17.46452 2.41914   -2.44896  1.000 204.95928 ?  37 ASN AA CA  1 
ATOM   282 C C   . ASN A 1 37 ? -17.32467 3.52545   -3.48125  1.000 202.63385 ?  37 ASN AA C   1 
ATOM   283 O O   . ASN A 1 37 ? -16.57461 3.38102   -4.43882  1.000 197.66512 ?  37 ASN AA O   1 
ATOM   284 C CB  . ASN A 1 37 ? -18.41011 2.73258   -1.29930  1.000 215.48989 ?  37 ASN AA CB  1 
ATOM   285 C CG  . ASN A 1 37 ? -19.72957 2.00408   -1.42861  1.000 229.19998 ?  37 ASN AA CG  1 
ATOM   286 O OD1 . ASN A 1 37 ? -19.73984 0.76590   -1.48969  1.000 225.00146 ?  37 ASN AA OD1 1 
ATOM   287 N ND2 . ASN A 1 37 ? -20.83108 2.73010   -1.39822  1.000 246.30035 ?  37 ASN AA ND2 1 
ATOM   288 N N   . GLY A 1 38 ? -17.95090 4.66935   -3.28745  1.000 208.90134 ?  38 GLY AA N   1 
ATOM   289 C CA  . GLY A 1 38 ? -17.95828 5.67759   -4.34517  1.000 212.38069 ?  38 GLY AA CA  1 
ATOM   290 C C   . GLY A 1 38 ? -16.60302 6.33639   -4.55084  1.000 199.57891 ?  38 GLY AA C   1 
ATOM   291 O O   . GLY A 1 38 ? -16.16525 6.55620   -5.68727  1.000 198.72810 ?  38 GLY AA O   1 
ATOM   292 N N   . LYS A 1 39 ? -15.90580 6.63075   -3.46623  1.000 206.92619 ?  39 LYS AA N   1 
ATOM   293 C CA  . LYS A 1 39 ? -14.67890 7.39017   -3.61667  1.000 197.96061 ?  39 LYS AA CA  1 
ATOM   294 C C   . LYS A 1 39 ? -13.50048 6.49874   -4.00970  1.000 185.32637 ?  39 LYS AA C   1 
ATOM   295 O O   . LYS A 1 39 ? -13.59873 5.26720   -4.08293  1.000 184.23351 ?  39 LYS AA O   1 
ATOM   296 C CB  . LYS A 1 39 ? -14.35056 8.15753   -2.34014  1.000 191.08015 ?  39 LYS AA CB  1 
ATOM   297 N N   . THR A 1 40 ? -12.37079 7.15144   -4.28634  1.000 182.93135 ?  40 THR AA N   1 
ATOM   298 C CA  . THR A 1 40 ? -11.10590 6.48657   -4.61096  1.000 173.98171 ?  40 THR AA CA  1 
ATOM   299 C C   . THR A 1 40 ? -10.14016 6.73277   -3.47469  1.000 174.01979 ?  40 THR AA C   1 
ATOM   300 O O   . THR A 1 40 ? -9.99778  7.86485   -3.01189  1.000 179.43351 ?  40 THR AA O   1 
ATOM   301 C CB  . THR A 1 40 ? -10.50067 7.01993   -5.92592  1.000 179.33372 ?  40 THR AA CB  1 
ATOM   302 N N   . GLY A 1 41 ? -9.51483  5.67220   -3.01494  1.000 161.15670 ?  41 GLY AA N   1 
ATOM   303 C CA  . GLY A 1 41 ? -8.55533  5.77791   -1.93844  1.000 148.75414 ?  41 GLY AA CA  1 
ATOM   304 C C   . GLY A 1 41 ? -7.20284  5.24259   -2.36131  1.000 146.80927 ?  41 GLY AA C   1 
ATOM   305 O O   . GLY A 1 41 ? -7.12478  4.49818   -3.34902  1.000 147.54803 ?  41 GLY AA O   1 
ATOM   306 N N   . ARG A 1 42 ? -6.13914  5.62539   -1.64061  1.000 135.00534 ?  42 ARG AA N   1 
ATOM   307 C CA  . ARG A 1 42 ? -4.77465  5.41460   -2.10407  1.000 119.72415 ?  42 ARG AA CA  1 
ATOM   308 C C   . ARG A 1 42 ? -4.03566  4.74056   -0.95559  1.000 114.76716 ?  42 ARG AA C   1 
ATOM   309 O O   . ARG A 1 42 ? -4.35843  4.94654   0.23156   1.000 121.74559 ?  42 ARG AA O   1 
ATOM   310 C CB  . ARG A 1 42 ? -4.05191  6.74028   -2.46738  1.000 121.96401 ?  42 ARG AA CB  1 
ATOM   311 C CG  . ARG A 1 42 ? -4.46801  7.35604   -3.80137  1.000 138.35923 ?  42 ARG AA CG  1 
ATOM   312 C CD  . ARG A 1 42 ? -3.88384  8.74712   -4.05095  1.000 131.66950 ?  42 ARG AA CD  1 
ATOM   313 N NE  . ARG A 1 42 ? -3.35291  8.86558   -5.42015  1.000 116.60857 ?  42 ARG AA NE  1 
ATOM   314 C CZ  . ARG A 1 42 ? -2.28551  8.21756   -5.87850  1.000 125.17886 ?  42 ARG AA CZ  1 
ATOM   315 N NH1 . ARG A 1 42 ? -1.62283  7.34658   -5.14205  1.000 125.94741 ?  42 ARG AA NH1 1 
ATOM   316 N NH2 . ARG A 1 42 ? -1.90866  8.39056   -7.13168  1.000 128.43609 ?  42 ARG AA NH2 1 
ATOM   317 N N   . GLY A 1 43 ? -3.03351  3.94914   -1.29869  1.000 116.74563 ?  43 GLY AA N   1 
ATOM   318 C CA  . GLY A 1 43 ? -2.36563  3.22254   -0.23297  1.000 118.48846 ?  43 GLY AA CA  1 
ATOM   319 C C   . GLY A 1 43 ? -1.11672  2.55988   -0.76485  1.000 109.95678 ?  43 GLY AA C   1 
ATOM   320 O O   . GLY A 1 43 ? -0.80744  2.62230   -1.95005  1.000 110.40401 ?  43 GLY AA O   1 
ATOM   321 N N   . ALA A 1 44 ? -0.39740  1.89555   0.11586   1.000 93.08726  ?  44 ALA AA N   1 
ATOM   322 C CA  . ALA A 1 44 ? 0.83095   1.26200   -0.30753  1.000 92.48387  ?  44 ALA AA CA  1 
ATOM   323 C C   . ALA A 1 44 ? 1.30371   0.31980   0.78132   1.000 98.84963  ?  44 ALA AA C   1 
ATOM   324 O O   . ALA A 1 44 ? 0.92623   0.43962   1.96297   1.000 111.95682 ?  44 ALA AA O   1 
ATOM   325 C CB  . ALA A 1 44 ? 1.89704   2.30011   -0.60505  1.000 92.19792  ?  44 ALA AA CB  1 
ATOM   326 N N   . VAL A 1 45 ? 2.14293   -0.62070  0.36726   1.000 96.08121  ?  45 VAL AA N   1 
ATOM   327 C CA  . VAL A 1 45 ? 2.77169   -1.56294  1.28183   1.000 107.20463 ?  45 VAL AA CA  1 
ATOM   328 C C   . VAL A 1 45 ? 4.11238   -1.91450  0.70171   1.000 110.95516 ?  45 VAL AA C   1 
ATOM   329 O O   . VAL A 1 45 ? 4.37752   -1.66689  -0.45842  1.000 114.02005 ?  45 VAL AA O   1 
ATOM   330 C CB  . VAL A 1 45 ? 1.95909   -2.88111  1.46974   1.000 107.04379 ?  45 VAL AA CB  1 
ATOM   331 C CG1 . VAL A 1 45 ? 0.45951   -2.64208  1.61866   1.000 99.76106  ?  45 VAL AA CG1 1 
ATOM   332 C CG2 . VAL A 1 45 ? 2.22265   -3.81524  0.29843   1.000 94.85957  ?  45 VAL AA CG2 1 
ATOM   333 N N   . SER A 1 46 ? 4.94677   -2.54421  1.49464   1.000 108.24345 ?  46 SER AA N   1 
ATOM   334 C CA  . SER A 1 46 ? 6.24669   -2.93087  0.98207   1.000 112.26466 ?  46 SER AA CA  1 
ATOM   335 C C   . SER A 1 46 ? 6.11268   -4.19049  0.16596   1.000 119.22196 ?  46 SER AA C   1 
ATOM   336 O O   . SER A 1 46 ? 5.29496   -5.05907  0.46950   1.000 124.03046 ?  46 SER AA O   1 
ATOM   337 C CB  . SER A 1 46 ? 7.26211   -3.16296  2.11612   1.000 120.98985 ?  46 SER AA CB  1 
ATOM   338 O OG  . SER A 1 46 ? 7.11373   -4.51585  2.57512   1.000 133.01716 ?  46 SER AA OG  1 
ATOM   339 N N   . GLU A 1 47 ? 6.97717   -4.33073  -0.83552  1.000 124.09088 ?  47 GLU AA N   1 
ATOM   340 C CA  . GLU A 1 47 ? 6.90369   -5.50407  -1.67970  1.000 128.75809 ?  47 GLU AA CA  1 
ATOM   341 C C   . GLU A 1 47 ? 7.16725   -6.75702  -0.85813  1.000 131.87206 ?  47 GLU AA C   1 
ATOM   342 O O   . GLU A 1 47 ? 6.67372   -7.82460  -1.22467  1.000 137.39665 ?  47 GLU AA O   1 
ATOM   343 C CB  . GLU A 1 47 ? 7.89862   -5.38514  -2.83831  1.000 127.55896 ?  47 GLU AA CB  1 
ATOM   344 C CG  . GLU A 1 47 ? 8.21072   -6.70544  -3.48580  1.000 136.57436 ?  47 GLU AA CG  1 
ATOM   345 C CD  . GLU A 1 47 ? 9.55084   -7.23990  -2.98859  1.000 150.95825 ?  47 GLU AA CD  1 
ATOM   346 O OE1 . GLU A 1 47 ? 10.42987  -6.41724  -2.68838  1.000 156.41818 ?  47 GLU AA OE1 1 
ATOM   347 O OE2 . GLU A 1 47 ? 9.69453   -8.47970  -2.87489  1.000 161.70999 ?  47 GLU AA OE2 1 
ATOM   348 N N   . LYS A 1 48 ? 7.86055   -6.64633  0.26916   1.000 124.18458 ?  48 LYS AA N   1 
ATOM   349 C CA  . LYS A 1 48 ? 8.17099   -7.83593  1.02466   1.000 120.88384 ?  48 LYS AA CA  1 
ATOM   350 C C   . LYS A 1 48 ? 6.92754   -8.38556  1.70488   1.000 129.64855 ?  48 LYS AA C   1 
ATOM   351 O O   . LYS A 1 48 ? 6.66712   -9.59052  1.63220   1.000 137.27901 ?  48 LYS AA O   1 
ATOM   352 C CB  . LYS A 1 48 ? 9.27688   -7.50509  2.06616   1.000 121.42655 ?  48 LYS AA CB  1 
ATOM   353 N N   . ASP A 1 49 ? 6.17798   -7.54142  2.43327   1.000 119.29630 ?  49 ASP AA N   1 
ATOM   354 C CA  . ASP A 1 49 ? 4.86152   -7.89033  3.00539   1.000 120.63628 ?  49 ASP AA CA  1 
ATOM   355 C C   . ASP A 1 49 ? 3.64517   -8.08245  2.06183   1.000 129.72949 ?  49 ASP AA C   1 
ATOM   356 O O   . ASP A 1 49 ? 2.51448   -8.08981  2.52753   1.000 144.24087 ?  49 ASP AA O   1 
ATOM   357 C CB  . ASP A 1 49 ? 4.44607   -6.85757  4.01823   1.000 118.98307 ?  49 ASP AA CB  1 
ATOM   358 C CG  . ASP A 1 49 ? 5.61287   -6.39749  4.93085   1.000 131.48817 ?  49 ASP AA CG  1 
ATOM   359 O OD1 . ASP A 1 49 ? 6.49934   -7.22988  5.15923   1.000 139.12689 ?  49 ASP AA OD1 1 
ATOM   360 O OD2 . ASP A 1 49 ? 5.58427   -5.23538  5.39634   1.000 135.66872 ?  49 ASP AA OD2 1 
ATOM   361 N N   . ALA A 1 50 ? 3.86696   -8.29293  0.72787   1.000 120.75674 ?  50 ALA AA N   1 
ATOM   362 C CA  . ALA A 1 50 ? 2.65106   -8.26593  -0.06377  1.000 129.06995 ?  50 ALA AA CA  1 
ATOM   363 C C   . ALA A 1 50 ? 2.07157   -9.63380  -0.39097  1.000 135.47353 ?  50 ALA AA C   1 
ATOM   364 O O   . ALA A 1 50 ? 2.81639   -10.58716 -0.63517  1.000 139.17911 ?  50 ALA AA O   1 
ATOM   365 C CB  . ALA A 1 50 ? 2.86672   -7.52571  -1.37068  1.000 129.74706 ?  50 ALA AA CB  1 
ATOM   366 N N   . PRO A 1 51 ? 0.73661   -9.80985  -0.38721  1.000 124.77676 ?  51 PRO AA N   1 
ATOM   367 C CA  . PRO A 1 51 ? 0.15889   -11.13807 -0.71968  1.000 128.77380 ?  51 PRO AA CA  1 
ATOM   368 C C   . PRO A 1 51 ? 0.40440   -11.40698 -2.18897  1.000 138.94090 ?  51 PRO AA C   1 
ATOM   369 O O   . PRO A 1 51 ? 0.51537   -10.46886 -2.98772  1.000 138.43516 ?  51 PRO AA O   1 
ATOM   370 C CB  . PRO A 1 51 ? -1.35302  -10.97647 -0.41703  1.000 130.71005 ?  51 PRO AA CB  1 
ATOM   371 C CG  . PRO A 1 51 ? -1.56765  -9.49931  -0.33345  1.000 131.58230 ?  51 PRO AA CG  1 
ATOM   372 C CD  . PRO A 1 51 ? -0.30364  -8.89863  0.14258   1.000 124.86047 ?  51 PRO AA CD  1 
ATOM   373 N N   . LYS A 1 52 ? 0.48090   -12.69294 -2.53541  1.000 138.83722 ?  52 LYS AA N   1 
ATOM   374 C CA  . LYS A 1 52 ? 0.80494   -13.04823 -3.91023  1.000 141.04951 ?  52 LYS AA CA  1 
ATOM   375 C C   . LYS A 1 52 ? -0.16407  -12.45189 -4.92435  1.000 142.32310 ?  52 LYS AA C   1 
ATOM   376 O O   . LYS A 1 52 ? 0.24672   -12.10747 -6.04676  1.000 141.71273 ?  52 LYS AA O   1 
ATOM   377 C CB  . LYS A 1 52 ? 0.88266   -14.57604 -4.03645  1.000 148.06010 ?  52 LYS AA CB  1 
ATOM   378 C CG  . LYS A 1 52 ? 1.14744   -15.07848 -5.44343  1.000 150.86620 ?  52 LYS AA CG  1 
ATOM   379 C CD  . LYS A 1 52 ? 0.95609   -16.57996 -5.50771  1.000 153.55852 ?  52 LYS AA CD  1 
ATOM   380 C CE  . LYS A 1 52 ? 1.35503   -17.12058 -6.86898  1.000 160.17095 ?  52 LYS AA CE  1 
ATOM   381 N NZ  . LYS A 1 52 ? 0.37866   -16.75405 -7.91004  1.000 164.25290 ?  52 LYS AA NZ  1 
ATOM   382 N N   . GLU A 1 53 ? -1.44514  -12.32034 -4.56595  1.000 146.65714 ?  53 GLU AA N   1 
ATOM   383 C CA  . GLU A 1 53 ? -2.40758  -11.85583 -5.56049  1.000 145.87408 ?  53 GLU AA CA  1 
ATOM   384 C C   . GLU A 1 53 ? -2.11526  -10.41779 -5.97000  1.000 138.00992 ?  53 GLU AA C   1 
ATOM   385 O O   . GLU A 1 53 ? -2.19694  -10.06383 -7.16842  1.000 140.52060 ?  53 GLU AA O   1 
ATOM   386 C CB  . GLU A 1 53 ? -3.83601  -11.96833 -5.02596  1.000 144.25113 ?  53 GLU AA CB  1 
ATOM   387 C CG  . GLU A 1 53 ? -4.79646  -11.16609 -5.84681  1.000 151.15905 ?  53 GLU AA CG  1 
ATOM   388 C CD  . GLU A 1 53 ? -5.17869  -11.80369 -7.16720  1.000 160.40935 ?  53 GLU AA CD  1 
ATOM   389 O OE1 . GLU A 1 53 ? -4.41481  -12.65647 -7.67227  1.000 165.75385 ?  53 GLU AA OE1 1 
ATOM   390 O OE2 . GLU A 1 53 ? -6.21415  -11.40213 -7.73271  1.000 168.14145 ?  53 GLU AA OE2 1 
ATOM   391 N N   . LEU A 1 54 ? -1.74105  -9.58581  -4.99054  1.000 133.68982 ?  54 LEU AA N   1 
ATOM   392 C CA  . LEU A 1 54 ? -1.30041  -8.23124  -5.29821  1.000 131.45592 ?  54 LEU AA CA  1 
ATOM   393 C C   . LEU A 1 54 ? -0.14410  -8.24931  -6.29876  1.000 130.47897 ?  54 LEU AA C   1 
ATOM   394 O O   . LEU A 1 54 ? -0.18329  -7.53056  -7.32952  1.000 134.85971 ?  54 LEU AA O   1 
ATOM   395 C CB  . LEU A 1 54 ? -0.95245  -7.50867  -4.01451  1.000 130.09818 ?  54 LEU AA CB  1 
ATOM   396 C CG  . LEU A 1 54 ? -0.58658  -6.02935  -4.18087  1.000 127.86345 ?  54 LEU AA CG  1 
ATOM   397 C CD1 . LEU A 1 54 ? -1.85317  -5.31370  -4.58048  1.000 128.51921 ?  54 LEU AA CD1 1 
ATOM   398 C CD2 . LEU A 1 54 ? -0.08213  -5.48753  -2.85204  1.000 126.65305 ?  54 LEU AA CD2 1 
ATOM   399 N N   . LEU A 1 55 ? 0.89689   -9.06434  -6.01388  1.000 131.90673 ?  55 LEU AA N   1 
ATOM   400 C CA  . LEU A 1 55 ? 2.12054   -8.98116  -6.80000  1.000 133.94978 ?  55 LEU AA CA  1 
ATOM   401 C C   . LEU A 1 55 ? 1.90428   -9.48204  -8.22194  1.000 143.92647 ?  55 LEU AA C   1 
ATOM   402 O O   . LEU A 1 55 ? 2.47181   -8.94394  -9.17938  1.000 146.34421 ?  55 LEU AA O   1 
ATOM   403 C CB  . LEU A 1 55 ? 3.19398   -9.78505  -6.09149  1.000 128.79431 ?  55 LEU AA CB  1 
ATOM   404 C CG  . LEU A 1 55 ? 3.60484   -9.23883  -4.73138  1.000 124.95032 ?  55 LEU AA CG  1 
ATOM   405 C CD1 . LEU A 1 55 ? 4.35183   -10.26906 -3.89232  1.000 139.63500 ?  55 LEU AA CD1 1 
ATOM   406 C CD2 . LEU A 1 55 ? 4.43223   -7.98648  -4.93997  1.000 118.73093 ?  55 LEU AA CD2 1 
ATOM   407 N N   . ASP A 1 56 ? 1.10952   -10.53412 -8.37313  1.000 145.35982 ?  56 ASP AA N   1 
ATOM   408 C CA  . ASP A 1 56 ? 0.53738   -10.87302 -9.67300  1.000 143.06543 ?  56 ASP AA CA  1 
ATOM   409 C C   . ASP A 1 56 ? -0.12803  -9.68343  -10.35996 1.000 143.55592 ?  56 ASP AA C   1 
ATOM   410 O O   . ASP A 1 56 ? 0.13192   -9.43360  -11.54496 1.000 145.39173 ?  56 ASP AA O   1 
ATOM   411 C CB  . ASP A 1 56 ? -0.45148  -12.02628 -9.48586  1.000 144.23024 ?  56 ASP AA CB  1 
ATOM   412 C CG  . ASP A 1 56 ? 0.25084   -13.29963 -9.08348  1.000 154.60851 ?  56 ASP AA CG  1 
ATOM   413 O OD1 . ASP A 1 56 ? 1.52453   -13.24418 -8.94865  1.000 153.17187 ?  56 ASP AA OD1 1 
ATOM   414 O OD2 . ASP A 1 56 ? -0.40544  -14.31850 -8.86323  1.000 161.03070 ?  56 ASP AA OD2 1 
ATOM   415 N N   . MET A 1 57 ? -1.07760  -9.00750  -9.68825  1.000 142.92488 ?  57 MET AA N   1 
ATOM   416 C CA  . MET A 1 57 ? -1.67081  -7.79002  -10.25872 1.000 138.81510 ?  57 MET AA CA  1 
ATOM   417 C C   . MET A 1 57 ? -0.60117  -6.80276  -10.74619 1.000 139.49606 ?  57 MET AA C   1 
ATOM   418 O O   . MET A 1 57 ? -0.73907  -6.20301  -11.82971 1.000 144.98177 ?  57 MET AA O   1 
ATOM   419 C CB  . MET A 1 57 ? -2.59004  -7.12570  -9.24139  1.000 134.89574 ?  57 MET AA CB  1 
ATOM   420 N N   . LEU A 1 58 ? 0.50871   -6.67334  -9.98951  1.000 141.40421 ?  58 LEU AA N   1 
ATOM   421 C CA  . LEU A 1 58 ? 1.57443   -5.75891  -10.38454 1.000 140.92501 ?  58 LEU AA CA  1 
ATOM   422 C C   . LEU A 1 58 ? 2.28972   -6.23011  -11.62463 1.000 145.83408 ?  58 LEU AA C   1 
ATOM   423 O O   . LEU A 1 58 ? 2.63657   -5.41356  -12.49275 1.000 153.33197 ?  58 LEU AA O   1 
ATOM   424 C CB  . LEU A 1 58 ? 2.55764   -5.57948  -9.23418  1.000 131.16948 ?  58 LEU AA CB  1 
ATOM   425 C CG  . LEU A 1 58 ? 3.69722   -4.59615  -9.52989  1.000 127.30600 ?  58 LEU AA CG  1 
ATOM   426 C CD1 . LEU A 1 58 ? 3.22410   -3.28687  -10.17197 1.000 134.19979 ?  58 LEU AA CD1 1 
ATOM   427 C CD2 . LEU A 1 58 ? 4.55309   -4.33786  -8.27779  1.000 119.96143 ?  58 LEU AA CD2 1 
ATOM   428 N N   . ALA A 1 59 ? 2.52480   -7.53615  -11.73937 1.000 144.74388 ?  59 ALA AA N   1 
ATOM   429 C CA  . ALA A 1 59 ? 3.21405   -7.99830  -12.94060 1.000 150.68672 ?  59 ALA AA CA  1 
ATOM   430 C C   . ALA A 1 59 ? 2.30895   -7.83207  -14.15999 1.000 156.86436 ?  59 ALA AA C   1 
ATOM   431 O O   . ALA A 1 59 ? 2.76770   -7.45649  -15.25485 1.000 155.78218 ?  59 ALA AA O   1 
ATOM   432 C CB  . ALA A 1 59 ? 3.63286   -9.45192  -12.78767 1.000 152.74479 ?  59 ALA AA CB  1 
ATOM   433 N N   . ARG A 1 60 ? 1.01105   -8.06965  -13.96695 1.000 154.21916 ?  60 ARG AA N   1 
ATOM   434 C CA  . ARG A 1 60 ? 0.03435   -7.86080  -15.03556 1.000 160.47084 ?  60 ARG AA CA  1 
ATOM   435 C C   . ARG A 1 60 ? 0.01329   -6.41496  -15.52938 1.000 161.24895 ?  60 ARG AA C   1 
ATOM   436 O O   . ARG A 1 60 ? -0.07268  -6.17088  -16.73716 1.000 168.59774 ?  60 ARG AA O   1 
ATOM   437 C CB  . ARG A 1 60 ? -1.36392  -8.26505  -14.55948 1.000 157.94278 ?  60 ARG AA CB  1 
ATOM   438 N N   . ALA A 1 61 ? 0.04216   -5.43643  -14.62795 1.000 157.97321 ?  61 ALA AA N   1 
ATOM   439 C CA  . ALA A 1 61 ? 0.09265   -4.04441  -15.07421 1.000 162.72549 ?  61 ALA AA CA  1 
ATOM   440 C C   . ALA A 1 61 ? 1.40556   -3.64810  -15.73084 1.000 164.21672 ?  61 ALA AA C   1 
ATOM   441 O O   . ALA A 1 61 ? 1.45511   -2.60195  -16.38494 1.000 157.46730 ?  61 ALA AA O   1 
ATOM   442 C CB  . ALA A 1 61 ? -0.18078  -3.10272  -13.92610 1.000 155.41496 ?  61 ALA AA CB  1 
ATOM   443 N N   . GLU A 1 62 ? 2.46063   -4.45798  -15.61863 1.000 164.16030 ?  62 GLU AA N   1 
ATOM   444 C CA  . GLU A 1 62 ? 3.68782   -4.19025  -16.36680 1.000 167.52895 ?  62 GLU AA CA  1 
ATOM   445 C C   . GLU A 1 62 ? 3.69926   -4.86375  -17.74472 1.000 175.74742 ?  62 GLU AA C   1 
ATOM   446 O O   . GLU A 1 62 ? 4.63694   -4.63073  -18.51783 1.000 176.60776 ?  62 GLU AA O   1 
ATOM   447 C CB  . GLU A 1 62 ? 4.95365   -4.57535  -15.52624 1.000 153.73850 ?  62 GLU AA CB  1 
ATOM   448 C CG  . GLU A 1 62 ? 5.01092   -3.80284  -14.15826 1.000 147.08262 ?  62 GLU AA CG  1 
ATOM   449 C CD  . GLU A 1 62 ? 6.01423   -4.38919  -13.11381 1.000 157.36831 ?  62 GLU AA CD  1 
ATOM   450 O OE1 . GLU A 1 62 ? 5.87966   -5.53710  -12.68476 1.000 156.43321 ?  62 GLU AA OE1 1 
ATOM   451 O OE2 . GLU A 1 62 ? 6.89731   -3.60254  -12.67747 1.000 151.04212 ?  62 GLU AA OE2 1 
ATOM   452 N N   . ARG A 1 63 ? 2.67677   -5.67580  -18.06582 1.000 170.73537 ?  63 ARG AA N   1 
ATOM   453 C CA  . ARG A 1 63 ? 2.49885   -6.31629  -19.36771 1.000 165.46060 ?  63 ARG AA CA  1 
ATOM   454 C C   . ARG A 1 63 ? 3.58953   -7.34084  -19.59882 1.000 174.72316 ?  63 ARG AA C   1 
ATOM   455 O O   . ARG A 1 63 ? 3.50773   -8.46320  -19.08520 1.000 172.45975 ?  63 ARG AA O   1 
ATOM   456 C CB  . ARG A 1 63 ? 2.47763   -5.34105  -20.54980 1.000 166.36217 ?  63 ARG AA CB  1 
ATOM   457 C CG  . ARG A 1 63 ? 1.25857   -4.41961  -20.67097 1.000 167.46858 ?  63 ARG AA CG  1 
ATOM   458 C CD  . ARG A 1 63 ? 1.45224   -3.25430  -19.76076 1.000 173.11560 ?  63 ARG AA CD  1 
ATOM   459 N NE  . ARG A 1 63 ? 2.85292   -2.82556  -19.82179 1.000 176.23504 ?  63 ARG AA NE  1 
ATOM   460 C CZ  . ARG A 1 63 ? 3.33774   -1.87610  -20.61517 1.000 177.33575 ?  63 ARG AA CZ  1 
ATOM   461 N NH1 . ARG A 1 63 ? 2.52549   -1.20810  -21.43384 1.000 164.07819 ?  63 ARG AA NH1 1 
ATOM   462 N NH2 . ARG A 1 63 ? 4.67294   -1.63643  -20.60201 1.000 176.14351 ?  63 ARG AA NH2 1 
HETATM 463 N N   . DBU B 2 1  ? 15.98407  5.34646   22.69404  1.000 79.30405  ?  1  DBU B  N   1 
HETATM 464 C CA  . DBU B 2 1  ? 15.75379  6.84738   22.73373  1.000 77.86405  ?  1  DBU B  CA  1 
HETATM 465 C CB  . DBU B 2 1  ? 16.22815  7.96989   22.41167  1.000 77.59405  ?  1  DBU B  CB  1 
HETATM 466 C CG  . DBU B 2 1  ? 17.71893  7.64864   21.93468  1.000 80.45405  ?  1  DBU B  CG  1 
HETATM 467 C C   . DBU B 2 1  ? 14.34391  7.11296   23.21107  1.000 81.37405  ?  1  DBU B  C   1 
HETATM 468 O O   . DBU B 2 1  ? 14.01601  8.27086   23.56987  1.000 77.87405  ?  1  DBU B  O   1 
HETATM 469 C C   . V4F B 2 2  ? 15.08051  4.16071   19.85739  1.000 86.81405  ?  2  V4F B  C   1 
HETATM 470 C CAF . V4F B 2 2  ? 12.87181  1.67126   21.60056  1.000 98.05405  ?  2  V4F B  CAF 1 
HETATM 471 C CAD . V4F B 2 2  ? 13.87068  2.16256   20.72018  1.000 92.08405  ?  2  V4F B  CAD 1 
HETATM 472 C CAE . V4F B 2 2  ? 14.16737  3.53491   20.72216  1.000 96.59405  ?  2  V4F B  CAE 1 
HETATM 473 C CAL . V4F B 2 2  ? 12.28297  2.53560   22.47532  1.000 97.09405  ?  2  V4F B  CAL 1 
HETATM 474 C CAM . V4F B 2 2  ? 12.57726  3.90253   22.48678  1.000 96.98405  ?  2  V4F B  CAM 1 
HETATM 475 C CAJ . V4F B 2 2  ? 11.86945  4.69564   23.39982  1.000 94.79405  ?  2  V4F B  CAJ 1 
HETATM 476 C CAK . V4F B 2 2  ? 10.95676  4.12952   24.27773  1.000 93.18405  ?  2  V4F B  CAK 1 
HETATM 477 C CAG . V4F B 2 2  ? 10.66332  2.78138   24.26236  1.000 99.54405  ?  2  V4F B  CAG 1 
HETATM 478 C CAI . V4F B 2 2  ? 11.34857  1.98904   23.34330  1.000 99.09405  ?  2  V4F B  CAI 1 
HETATM 479 C C01 . V4F B 2 2  ? 12.82907  -0.81121  21.20784  1.000 118.06405 ?  2  V4F B  C01 1 
HETATM 480 C CA  . V4F B 2 2  ? 12.12657  6.01997   23.52699  1.000 91.73405  ?  2  V4F B  CA  1 
HETATM 481 N NAH . V4F B 2 2  ? 13.46365  4.34262   21.57105  1.000 90.47405  ?  2  V4F B  NAH 1 
HETATM 482 N N   . V4F B 2 2  ? 13.55231  6.08854   23.14108  1.000 91.87405  ?  2  V4F B  N   1 
HETATM 483 O O   . V4F B 2 2  ? 16.00160  3.55284   19.32585  1.000 79.42405  ?  2  V4F B  O   1 
HETATM 484 O O01 . V4F B 2 2  ? 12.39712  0.40195   21.83013  1.000 109.64405 ?  2  V4F B  O01 1 
HETATM 485 O O3  . V4F B 2 2  ? 11.28414  -2.29450  19.92951  1.000 128.78405 -1 2  V4F B  O3  1 
HETATM 486 O O2  . V4F B 2 2  ? 10.35304  -1.60944  22.08938  1.000 107.05405 -1 2  V4F B  O2  1 
HETATM 487 O O1  . V4F B 2 2  ? 12.23384  -3.25670  22.05179  1.000 122.77405 ?  2  V4F B  O1  1 
HETATM 488 P P   . V4F B 2 2  ? 11.54542  -2.14428  21.37839  1.000 129.64405 ?  2  V4F B  P   1 
HETATM 489 C C   . V53 B 2 3  ? 12.14576  9.47338   20.48133  1.000 81.89405  ?  3  V53 B  C   1 
HETATM 490 C CAF . V53 B 2 3  ? 15.38796  10.23220  18.91455  1.000 89.27405  ?  3  V53 B  CAF 1 
HETATM 491 C CAD . V53 B 2 3  ? 14.04057  10.30157  19.26956  1.000 82.17405  ?  3  V53 B  CAD 1 
HETATM 492 C CAJ . V53 B 2 3  ? 13.39787  9.26150   19.90057  1.000 81.25405  ?  3  V53 B  CAJ 1 
HETATM 493 C CAL . V53 B 2 3  ? 15.83272  8.87818   18.67569  1.000 81.35405  ?  3  V53 B  CAL 1 
HETATM 494 C CAM . V53 B 2 3  ? 15.08193  7.80481   19.20220  1.000 81.23405  ?  3  V53 B  CAM 1 
HETATM 495 C CA  . V53 B 2 3  ? 15.54425  6.45748   19.06689  1.000 80.67405  ?  3  V53 B  CA  1 
HETATM 496 C CAK . V53 B 2 3  ? 16.80712  6.16623   18.57630  1.000 80.06405  ?  3  V53 B  CAK 1 
HETATM 497 C CAG . V53 B 2 3  ? 17.56769  7.17246   18.05312  1.000 80.99405  ?  3  V53 B  CAG 1 
HETATM 498 C CAI . V53 B 2 3  ? 17.04130  8.39870   18.12243  1.000 81.46405  ?  3  V53 B  CAI 1 
HETATM 499 C C01 . V53 B 2 3  ? 17.36407  11.04266  18.18024  1.000 92.29405  ?  3  V53 B  C01 1 
HETATM 500 N NAH . V53 B 2 3  ? 13.87930  8.00991   19.75376  1.000 80.60405  ?  3  V53 B  NAH 1 
HETATM 501 N N   . V53 B 2 3  ? 14.87307  5.54937   19.78166  1.000 82.27405  ?  3  V53 B  N   1 
HETATM 502 O O   . V53 B 2 3  ? 11.74200  10.59767  20.75333  1.000 82.59405  ?  3  V53 B  O   1 
HETATM 503 O O01 . V53 B 2 3  ? 15.95339  11.42624  18.30295  1.000 102.57405 ?  3  V53 B  O01 1 
HETATM 504 O O1  . V53 B 2 3  ? 19.39782  10.12664  17.28580  1.000 89.29405  -1 3  V53 B  O1  1 
HETATM 505 O O2  . V53 B 2 3  ? 19.28067  12.55709  17.78758  1.000 91.91405  -1 3  V53 B  O2  1 
HETATM 506 O O3  . V53 B 2 3  ? 17.97456  11.60591  15.87301  1.000 118.43405 ?  3  V53 B  O3  1 
HETATM 507 P P   . V53 B 2 3  ? 18.60680  11.36304  17.12289  1.000 111.55405 ?  3  V53 B  P   1 
HETATM 508 C C   . V4F B 2 4  ? 11.83478  4.18573   18.49674  1.000 93.88405  ?  4  V4F B  C   1 
HETATM 509 C CAF . V4F B 2 4  ? 9.21787   3.58253   21.08059  1.000 100.83405 ?  4  V4F B  CAF 1 
HETATM 510 C CAD . V4F B 2 4  ? 10.10798  3.32325   20.01194  1.000 97.04405  ?  4  V4F B  CAD 1 
HETATM 511 C CAE . V4F B 2 4  ? 10.85125  4.37746   19.48871  1.000 95.01405  ?  4  V4F B  CAE 1 
HETATM 512 C CAL . V4F B 2 4  ? 9.07048   4.85534   21.54457  1.000 98.52405  ?  4  V4F B  CAL 1 
HETATM 513 C CAM . V4F B 2 4  ? 9.86172   5.91195   21.07539  1.000 90.98405  ?  4  V4F B  CAM 1 
HETATM 514 C CAJ . V4F B 2 4  ? 9.54777   7.22620   21.55141  1.000 85.90405  ?  4  V4F B  CAJ 1 
HETATM 515 C CAK . V4F B 2 4  ? 8.67738   7.35002   22.61954  1.000 93.38405  ?  4  V4F B  CAK 1 
HETATM 516 C CAG . V4F B 2 4  ? 7.93636   6.28804   23.13616  1.000 102.81405 ?  4  V4F B  CAG 1 
HETATM 517 C CAI . V4F B 2 4  ? 8.14724   5.03026   22.57618  1.000 100.88405 ?  4  V4F B  CAI 1 
HETATM 518 C C01 . V4F B 2 4  ? 8.21565   1.31587   21.42698  1.000 117.77405 ?  4  V4F B  C01 1 
HETATM 519 C CA  . V4F B 2 4  ? 10.21708  8.40308   21.30568  1.000 85.19405  ?  4  V4F B  CA  1 
HETATM 520 N NAH . V4F B 2 4  ? 10.65472  5.64824   19.99129  1.000 90.95405  ?  4  V4F B  NAH 1 
HETATM 521 N N   . V4F B 2 4  ? 11.45371  8.31884   20.73892  1.000 82.77405  ?  4  V4F B  N   1 
HETATM 522 O O   . V4F B 2 4  ? 12.24640  3.07420   18.26568  1.000 89.94405  ?  4  V4F B  O   1 
HETATM 523 O O01 . V4F B 2 4  ? 8.37192   2.71233   21.72692  1.000 109.13405 ?  4  V4F B  O01 1 
HETATM 524 O O3  . V4F B 2 4  ? 7.86418   -0.11184  23.63264  1.000 125.40405 -1 4  V4F B  O3  1 
HETATM 525 O O2  . V4F B 2 4  ? 6.33563   1.72953   23.20664  1.000 119.08405 -1 4  V4F B  O2  1 
HETATM 526 O O1  . V4F B 2 4  ? 6.23771   -0.29665  21.73542  1.000 138.66405 ?  4  V4F B  O1  1 
HETATM 527 P P   . V4F B 2 4  ? 7.02625   0.56860   22.61136  1.000 143.30405 ?  4  V4F B  P   1 
HETATM 528 C C   . V53 B 2 5  ? 11.82220  10.07074  16.78736  1.000 85.65405  ?  5  V53 B  C   1 
HETATM 529 C CAF . V53 B 2 5  ? 14.76342  8.38437   15.27734  1.000 87.69405  ?  5  V53 B  CAF 1 
HETATM 530 C CAD . V53 B 2 5  ? 13.83239  9.36372   15.64048  1.000 84.43405  ?  5  V53 B  CAD 1 
HETATM 531 C CAJ . V53 B 2 5  ? 12.77997  9.07970   16.52054  1.000 84.82405  ?  5  V53 B  CAJ 1 
HETATM 532 C CAL . V53 B 2 5  ? 14.56211  7.06108   15.75587  1.000 84.61405  ?  5  V53 B  CAL 1 
HETATM 533 C CAM . V53 B 2 5  ? 13.47982  6.82108   16.58727  1.000 83.98405  ?  5  V53 B  CAM 1 
HETATM 534 C CA  . V53 B 2 5  ? 13.19077  5.47399   16.98161  1.000 87.51405  ?  5  V53 B  CA  1 
HETATM 535 C CAK . V53 B 2 5  ? 14.11652  4.46060   16.75055  1.000 84.08405  ?  5  V53 B  CAK 1 
HETATM 536 C CAG . V53 B 2 5  ? 15.20398  4.67014   15.94851  1.000 85.01405  ?  5  V53 B  CAG 1 
HETATM 537 C CAI . V53 B 2 5  ? 15.38268  5.96822   15.48718  1.000 85.56405  ?  5  V53 B  CAI 1 
HETATM 538 C C01 . V53 B 2 5  ? 16.87580  7.87712   13.98821  1.000 97.92405  ?  5  V53 B  C01 1 
HETATM 539 N NAH . V53 B 2 5  ? 12.58855  7.77675   16.86740  1.000 84.80405  ?  5  V53 B  NAH 1 
HETATM 540 N N   . V53 B 2 5  ? 12.27086  5.33139   17.93755  1.000 91.49405  ?  5  V53 B  N   1 
HETATM 541 O O   . V53 B 2 5  ? 12.04945  11.24833  16.57413  1.000 84.74405  ?  5  V53 B  O   1 
HETATM 542 O O01 . V53 B 2 5  ? 15.84033  8.79837   14.43121  1.000 105.08405 ?  5  V53 B  O01 1 
HETATM 543 O O1  . V53 B 2 5  ? 19.34984  7.48903   13.51753  1.000 97.67405  -1 5  V53 B  O1  1 
HETATM 544 O O2  . V53 B 2 5  ? 17.68290  8.47558   11.92286  1.000 136.42405 ?  5  V53 B  O2  1 
HETATM 545 O O3  . V53 B 2 5  ? 18.58913  9.84591   13.83340  1.000 97.01405  -1 5  V53 B  O3  1 
HETATM 546 P P   . V53 B 2 5  ? 18.29436  8.50677   13.25342  1.000 116.42405 ?  5  V53 B  P   1 
HETATM 547 C C   . V5F B 2 6  ? 7.17976   5.95258   17.22646  1.000 104.01405 ?  6  V5F B  C   1 
HETATM 548 C C6  . V5F B 2 6  ? 7.30923   7.41425   17.61968  1.000 101.00405 ?  6  V5F B  C6  1 
HETATM 549 C C2  . V5F B 2 6  ? 7.18215   10.08202  18.03310  1.000 110.53405 ?  6  V5F B  C2  1 
HETATM 550 C C1  . V5F B 2 6  ? 8.37601   9.45817   17.67198  1.000 93.08405  ?  6  V5F B  C1  1 
HETATM 551 C CA  . V5F B 2 6  ? 9.49783   10.25448  17.40048  1.000 90.04405  ?  6  V5F B  CA  1 
HETATM 552 C C5  . V5F B 2 6  ? 9.47832   11.59455  17.77562  1.000 92.77405  ?  6  V5F B  C5  1 
HETATM 553 C C4  . V5F B 2 6  ? 8.30022   12.22069  18.20325  1.000 105.31405 ?  6  V5F B  C4  1 
HETATM 554 C C3  . V5F B 2 6  ? 7.12118   11.44480  18.33919  1.000 117.44405 ?  6  V5F B  C3  1 
HETATM 555 C CB  . V5F B 2 6  ? 7.82545   7.05647   18.98235  1.000 101.17405 ?  6  V5F B  CB  1 
HETATM 556 N N   . V5F B 2 6  ? 10.59963  9.55849   17.10103  1.000 87.08405  ?  6  V5F B  N   1 
HETATM 557 O O   . V5F B 2 6  ? 6.17291   5.31296   17.57611  1.000 100.28405 ?  6  V5F B  O   1 
HETATM 558 O O1  . V5F B 2 6  ? 8.47847   8.15522   17.29268  1.000 92.75405  ?  6  V5F B  O1  1 
HETATM 559 C C   . V4F B 2 7  ? 10.88789  7.84876   13.76558  1.000 93.46405  ?  7  V4F B  C   1 
HETATM 560 C CAF . V4F B 2 7  ? 12.48811  4.59638   13.56352  1.000 90.21405  ?  7  V4F B  CAF 1 
HETATM 561 C CAD . V4F B 2 7  ? 12.25228  5.94418   13.40901  1.000 87.17405  ?  7  V4F B  CAD 1 
HETATM 562 C CAE . V4F B 2 7  ? 11.11824  6.51014   13.95509  1.000 91.38405  ?  7  V4F B  CAE 1 
HETATM 563 C CAL . V4F B 2 7  ? 11.52502  3.83551   14.28941  1.000 92.53405  ?  7  V4F B  CAL 1 
HETATM 564 C CAM . V4F B 2 7  ? 10.38264  4.46769   14.84445  1.000 96.54405  ?  7  V4F B  CAM 1 
HETATM 565 C CAJ . V4F B 2 7  ? 9.34863   3.71211   15.44396  1.000 99.51405  ?  7  V4F B  CAJ 1 
HETATM 566 C CAK . V4F B 2 7  ? 9.59553   2.37194   15.70187  1.000 98.38405  ?  7  V4F B  CAK 1 
HETATM 567 C CAG . V4F B 2 7  ? 10.71682  1.74153   15.21002  1.000 97.96405  ?  7  V4F B  CAG 1 
HETATM 568 C CAI . V4F B 2 7  ? 11.68188  2.46777   14.50534  1.000 99.36405  ?  7  V4F B  CAI 1 
HETATM 569 C C01 . V4F B 2 7  ? 14.52069  5.07793   12.37719  1.000 105.28405 ?  7  V4F B  C01 1 
HETATM 570 C CA  . V4F B 2 7  ? 8.21078   4.16151   16.15400  1.000 98.24405  ?  7  V4F B  CA  1 
HETATM 571 N NAH . V4F B 2 7  ? 10.18983  5.76692   14.57420  1.000 96.63405  ?  7  V4F B  NAH 1 
HETATM 572 N N   . V4F B 2 7  ? 8.22989   5.45772   16.54719  1.000 99.83405  ?  7  V4F B  N   1 
HETATM 573 O O   . V4F B 2 7  ? 11.75125  8.57295   13.25814  1.000 88.94405  ?  7  V4F B  O   1 
HETATM 574 O O01 . V4F B 2 7  ? 13.67096  4.04024   13.04884  1.000 99.77405  ?  7  V4F B  O01 1 
HETATM 575 O O3  . V4F B 2 7  ? 16.44531  5.77617   10.65110  1.000 108.63405 -1 7  V4F B  O3  1 
HETATM 576 O O2  . V4F B 2 7  ? 17.01559  4.03371   12.27329  1.000 130.92405 -1 7  V4F B  O2  1 
HETATM 577 O O1  . V4F B 2 7  ? 15.47746  3.50036   10.40053  1.000 130.88405 ?  7  V4F B  O1  1 
HETATM 578 P P   . V4F B 2 7  ? 15.99568  4.47969   11.33055  1.000 136.15405 ?  7  V4F B  P   1 
HETATM 579 C C   . V53 B 2 8  ? 4.81351   7.31720   14.70135  1.000 96.87405  ?  8  V53 B  C   1 
HETATM 580 C CAF . V53 B 2 8  ? 5.76125   10.84488  14.60682  1.000 107.21405 ?  8  V53 B  CAF 1 
HETATM 581 C CAD . V53 B 2 8  ? 5.02311   9.66712   14.69659  1.000 100.40405 ?  8  V53 B  CAD 1 
HETATM 582 C CAJ . V53 B 2 8  ? 5.65746   8.43494   14.71456  1.000 95.09405  ?  8  V53 B  CAJ 1 
HETATM 583 C CAL . V53 B 2 8  ? 7.12978   10.75114  14.35580  1.000 100.34405 ?  8  V53 B  CAL 1 
HETATM 584 C CAM . V53 B 2 8  ? 7.73174   9.49207   14.31642  1.000 97.19405  ?  8  V53 B  CAM 1 
HETATM 585 C CA  . V53 B 2 8  ? 9.07156   9.39528   13.97482  1.000 96.02405  ?  8  V53 B  CA  1 
HETATM 586 C CAK . V53 B 2 8  ? 9.86111   10.53421  13.92800  1.000 92.05405  ?  8  V53 B  CAK 1 
HETATM 587 C CAG . V53 B 2 8  ? 9.25830   11.78284  14.00446  1.000 95.54405  ?  8  V53 B  CAG 1 
HETATM 588 C CAI . V53 B 2 8  ? 7.89141   11.90622  14.21956  1.000 104.00405 ?  8  V53 B  CAI 1 
HETATM 589 C C01 . V53 B 2 8  ? 3.82496   12.27787  14.72776  1.000 125.17405 ?  8  V53 B  C01 1 
HETATM 590 N NAH . V53 B 2 8  ? 6.95005   8.38353   14.38303  1.000 92.83405  ?  8  V53 B  NAH 1 
HETATM 591 N N   . V53 B 2 8  ? 9.59747   8.17142   14.06078  1.000 94.79405  ?  8  V53 B  N   1 
HETATM 592 O O   . V53 B 2 8  ? 3.74805   7.30478   15.33864  1.000 93.88405  ?  8  V53 B  O   1 
HETATM 593 O O01 . V53 B 2 8  ? 5.25285   12.13658  14.62128  1.000 129.90405 ?  8  V53 B  O01 1 
HETATM 594 O O1  . V53 B 2 8  ? 2.80316   14.22267  16.18526  1.000 147.94405 -1 8  V53 B  O1  1 
HETATM 595 O O2  . V53 B 2 8  ? 4.66927   14.71747  14.61559  1.000 142.30405 -1 8  V53 B  O2  1 
HETATM 596 O O3  . V53 B 2 8  ? 2.43401   14.29344  13.72708  1.000 143.85405 ?  8  V53 B  O3  1 
HETATM 597 P P   . V53 B 2 8  ? 3.36990   14.05527  14.83699  1.000 153.96405 ?  8  V53 B  P   1 
HETATM 598 C C   . V4F B 2 9  ? 8.94619   6.29629   11.24545  1.000 92.78405  ?  9  V4F B  C   1 
HETATM 599 C CAF . V4F B 2 9  ? 8.70614   2.68800   11.83306  1.000 92.36405  ?  9  V4F B  CAF 1 
HETATM 600 C CAD . V4F B 2 9  ? 9.17825   3.94256   11.54112  1.000 92.96405  ?  9  V4F B  CAD 1 
HETATM 601 C CAE . V4F B 2 9  ? 8.43729   5.09605   11.75939  1.000 93.95405  ?  9  V4F B  CAE 1 
HETATM 602 C CAL . V4F B 2 9  ? 7.50364   2.66635   12.62391  1.000 94.27405  ?  9  V4F B  CAL 1 
HETATM 603 C CAM . V4F B 2 9  ? 6.75361   3.86008   12.87672  1.000 95.02405  ?  9  V4F B  CAM 1 
HETATM 604 C CAJ . V4F B 2 9  ? 5.51425   3.82714   13.59627  1.000 98.33405  ?  9  V4F B  CAJ 1 
HETATM 605 C CAK . V4F B 2 9  ? 5.04558   2.59616   14.04216  1.000 99.79405  ?  9  V4F B  CAK 1 
HETATM 606 C CAG . V4F B 2 9  ? 5.76186   1.42129   13.80867  1.000 91.12405  ?  9  V4F B  CAG 1 
HETATM 607 C CAI . V4F B 2 9  ? 6.97255   1.46685   13.10901  1.000 92.82405  ?  9  V4F B  CAI 1 
HETATM 608 C C01 . V4F B 2 9  ? 10.91652  2.03163   11.19112  1.000 100.82405 ?  9  V4F B  C01 1 
HETATM 609 C CA  . V4F B 2 9  ? 4.66838   4.88548   13.94589  1.000 100.36405 ?  9  V4F B  CA  1 
HETATM 610 N NAH . V4F B 2 9  ? 7.23460   5.03142   12.39204  1.000 92.48405  ?  9  V4F B  NAH 1 
HETATM 611 N N   . V4F B 2 9  ? 5.35003   6.20915   14.09881  1.000 100.24405 ?  9  V4F B  N   1 
HETATM 612 O O   . V4F B 2 9  ? 10.08801  6.31102   10.77393  1.000 85.79405  ?  9  V4F B  O   1 
HETATM 613 O O01 . V4F B 2 9  ? 9.54189   1.60501   11.66428  1.000 92.65405  ?  9  V4F B  O01 1 
HETATM 614 O O3  . V4F B 2 9  ? 13.02914  2.22175   9.51213   1.000 100.86405 -1 9  V4F B  O3  1 
HETATM 615 O O2  . V4F B 2 9  ? 11.18609  0.72999   8.85001   1.000 117.97405 ?  9  V4F B  O2  1 
HETATM 616 O O1  . V4F B 2 9  ? 12.77218  0.10291   10.65889  1.000 113.57405 -1 9  V4F B  O1  1 
HETATM 617 P P   . V4F B 2 9  ? 12.04055  1.17810   9.88381   1.000 124.02405 ?  9  V4F B  P   1 
HETATM 618 C C   . V53 B 2 10 ? 3.70115   8.96506   11.78555  1.000 96.29405  ?  10 V53 B  C   1 
HETATM 619 C CAF . V53 B 2 10 ? 6.12596   11.55721  10.71005  1.000 100.98405 ?  10 V53 B  CAF 1 
HETATM 620 C CAD . V53 B 2 10 ? 4.93089   10.95710  11.12246  1.000 98.36405  ?  10 V53 B  CAD 1 
HETATM 621 C CAJ . V53 B 2 10 ? 4.88712   9.60609   11.36649  1.000 95.20405  ?  10 V53 B  CAJ 1 
HETATM 622 C CAL . V53 B 2 10 ? 7.27925   10.74442  10.64131  1.000 98.62405  ?  10 V53 B  CAL 1 
HETATM 623 C CAM . V53 B 2 10 ? 7.17691   9.38822   10.97134  1.000 99.16405  ?  10 V53 B  CAM 1 
HETATM 624 C CA  . V53 B 2 10 ? 8.27810   8.54518   10.83704  1.000 99.30405  ?  10 V53 B  CA  1 
HETATM 625 C CAK . V53 B 2 10 ? 9.54349   9.08753   10.51622  1.000 93.41405  ?  10 V53 B  CAK 1 
HETATM 626 C CAG . V53 B 2 10 ? 9.62796   10.43840  10.21163  1.000 95.02405  ?  10 V53 B  CAG 1 
HETATM 627 C CAI . V53 B 2 10 ? 8.50559   11.27682  10.27956  1.000 93.53405  ?  10 V53 B  CAI 1 
HETATM 628 C C01 . V53 B 2 10 ? 4.91297   13.48086  10.59495  1.000 122.36405 ?  10 V53 B  C01 1 
HETATM 629 N NAH . V53 B 2 10 ? 5.98135   8.86845   11.31604  1.000 93.14405  ?  10 V53 B  NAH 1 
HETATM 630 N N   . V53 B 2 10 ? 8.06520   7.29642   11.26378  1.000 96.39405  ?  10 V53 B  N   1 
HETATM 631 O O   . V53 B 2 10 ? 2.63419   9.61259   12.05693  1.000 110.61405 -1 10 V53 B  O   1 
HETATM 632 O O01 . V53 B 2 10 ? 6.27256   12.92765  10.43010  1.000 110.87405 ?  10 V53 B  O01 1 
HETATM 633 O O1  . V53 B 2 10 ? 3.11240   15.10282  10.54282  1.000 125.37405 ?  10 V53 B  O1  1 
HETATM 634 O O2  . V53 B 2 10 ? 5.12626   15.62736  11.97614  1.000 146.11405 -1 10 V53 B  O2  1 
HETATM 635 O O3  . V53 B 2 10 ? 5.17754   16.08092  9.49166   1.000 140.58405 -1 10 V53 B  O3  1 
HETATM 636 P P   . V53 B 2 10 ? 4.54168   15.40181  10.64769  1.000 155.75405 ?  10 V53 B  P   1 
HETATM 637 O OXT . V53 B 2 10 ? 3.60642   7.71627   11.64993  1.000 95.18405  ?  10 V53 B  OXT 1 
HETATM 638 N N   . DBB C 3 1  ? 4.60805   10.14667  -5.80355  1.000 96.06837  ?  1  DBB C  N   1 
HETATM 639 C CA  . DBB C 3 1  ? 5.18030   8.77313   -5.50479  1.000 94.35837  ?  1  DBB C  CA  1 
HETATM 640 C C   . DBB C 3 1  ? 3.92557   7.97241   -5.06748  1.000 91.51837  ?  1  DBB C  C   1 
HETATM 641 O O   . DBB C 3 1  ? 3.80115   6.72309   -5.29608  1.000 85.94837  ?  1  DBB C  O   1 
HETATM 642 C CB  . DBB C 3 1  ? 5.95045   7.66715   -6.08941  1.000 85.56837  ?  1  DBB C  CB  1 
HETATM 643 C CG  . DBB C 3 1  ? 6.78228   8.17429   -6.81596  1.000 84.88837  ?  1  DBB C  CG  1 
HETATM 644 C C   . V4F C 3 2  ? 5.89873   11.12927  -3.00134  1.000 89.02837  ?  2  V4F C  C   1 
HETATM 645 C CAF . V4F C 3 2  ? 2.68364   12.80251  -2.36488  1.000 106.88837 ?  2  V4F C  CAF 1 
HETATM 646 C CAD . V4F C 3 2  ? 4.03715   12.57382  -2.51764  1.000 103.73837 ?  2  V4F C  CAD 1 
HETATM 647 C CAE . V4F C 3 2  ? 4.49576   11.30838  -2.97843  1.000 100.30837 ?  2  V4F C  CAE 1 
HETATM 648 C CAL . V4F C 3 2  ? 1.71130   11.80324  -2.71270  1.000 108.20837 ?  2  V4F C  CAL 1 
HETATM 649 C CAM . V4F C 3 2  ? 2.18352   10.57658  -3.16221  1.000 106.56837 ?  2  V4F C  CAM 1 
HETATM 650 C CAJ . V4F C 3 2  ? 1.24969   9.57213   -3.50839  1.000 105.00837 ?  2  V4F C  CAJ 1 
HETATM 651 C CAK . V4F C 3 2  ? -0.12587  9.71402   -3.43367  1.000 107.80837 ?  2  V4F C  CAK 1 
HETATM 652 C CAG . V4F C 3 2  ? -0.63012  10.92460  -2.98829  1.000 115.29837 ?  2  V4F C  CAG 1 
HETATM 653 C CAI . V4F C 3 2  ? 0.31721   11.92266  -2.64635  1.000 113.36837 ?  2  V4F C  CAI 1 
HETATM 654 C C01 . V4F C 3 2  ? 1.10555   14.51075  -1.57648  1.000 112.25837 ?  2  V4F C  C01 1 
HETATM 655 C CA  . V4F C 3 2  ? 1.69948   8.32769   -3.96099  1.000 100.19837 ?  2  V4F C  CA  1 
HETATM 656 N NAH . V4F C 3 2  ? 3.52627   10.36132  -3.20461  1.000 104.38837 ?  2  V4F C  NAH 1 
HETATM 657 N N   . V4F C 3 2  ? 3.00807   8.73133   -4.49770  1.000 100.46837 ?  2  V4F C  N   1 
HETATM 658 O O   . V4F C 3 2  ? 6.62563   12.04906  -3.21186  1.000 90.51837  ?  2  V4F C  O   1 
HETATM 659 O O01 . V4F C 3 2  ? 2.44616   14.09059  -1.84845  1.000 110.31837 ?  2  V4F C  O01 1 
HETATM 660 O O3  . V4F C 3 2  ? 0.47850   16.61007  -2.42307  1.000 122.30837 ?  2  V4F C  O3  1 
HETATM 661 O O2  . V4F C 3 2  ? 1.78844   16.62440  -0.22305  1.000 124.16837 -1 2  V4F C  O2  1 
HETATM 662 O O1  . V4F C 3 2  ? -0.44432  15.59062  -0.29678  1.000 112.17837 -1 2  V4F C  O1  1 
HETATM 663 P P   . V4F C 3 2  ? 0.73057   16.03309  -1.09187  1.000 123.53837 ?  2  V4F C  P   1 
HETATM 664 C C   . V53 C 3 3  ? 4.98267   5.38105   -2.30008  1.000 84.88837  ?  3  V53 C  C   1 
HETATM 665 C CAF . V53 C 3 3  ? 8.59532   5.84458   -3.08348  1.000 89.16837  ?  3  V53 C  CAF 1 
HETATM 666 C CAD . V53 C 3 3  ? 7.39120   5.18466   -2.75929  1.000 87.11837  ?  3  V53 C  CAD 1 
HETATM 667 C CAJ . V53 C 3 3  ? 6.24995   5.94200   -2.63089  1.000 84.76837  ?  3  V53 C  CAJ 1 
HETATM 668 C CAL . V53 C 3 3  ? 8.66575   7.19752   -3.08807  1.000 88.34837  ?  3  V53 C  CAL 1 
HETATM 669 C CAM . V53 C 3 3  ? 7.48534   7.90345   -2.83990  1.000 87.46837  ?  3  V53 C  CAM 1 
HETATM 670 C CA  . V53 C 3 3  ? 7.51187   9.34368   -2.93135  1.000 87.50837  ?  3  V53 C  CA  1 
HETATM 671 C CAK . V53 C 3 3  ? 8.71226   9.96668   -3.28184  1.000 88.92837  ?  3  V53 C  CAK 1 
HETATM 672 C CAG . V53 C 3 3  ? 9.88829   9.23105   -3.44944  1.000 90.91837  ?  3  V53 C  CAG 1 
HETATM 673 C CAI . V53 C 3 3  ? 9.87089   7.84521   -3.36066  1.000 89.27837  ?  3  V53 C  CAI 1 
HETATM 674 C C01 . V53 C 3 3  ? 9.81974   3.91904   -3.08146  1.000 111.06837 ?  3  V53 C  C01 1 
HETATM 675 N NAH . V53 C 3 3  ? 6.32154   7.26164   -2.62384  1.000 85.10837  ?  3  V53 C  NAH 1 
HETATM 676 N N   . V53 C 3 3  ? 6.26179   9.81379   -2.92922  1.000 86.82837  ?  3  V53 C  N   1 
HETATM 677 O O   . V53 C 3 3  ? 4.69796   4.20481   -2.40642  1.000 84.49837  ?  3  V53 C  O   1 
HETATM 678 O O01 . V53 C 3 3  ? 9.85256   5.32603   -3.23580  1.000 102.36837 ?  3  V53 C  O01 1 
HETATM 679 O O1  . V53 C 3 3  ? 11.50836  2.08778   -3.05210  1.000 104.71837 ?  3  V53 C  O1  1 
HETATM 680 O O2  . V53 C 3 3  ? 12.33602  4.34998   -3.46536  1.000 107.31837 -1 3  V53 C  O2  1 
HETATM 681 O O3  . V53 C 3 3  ? 11.42775  3.73631   -1.20226  1.000 125.35837 -1 3  V53 C  O3  1 
HETATM 682 P P   . V53 C 3 3  ? 11.45176  3.49585   -2.65370  1.000 134.38837 ?  3  V53 C  P   1 
HETATM 683 C C   . V4F C 3 4  ? 4.62382   10.38563  0.18136   1.000 102.83837 ?  4  V4F C  C   1 
HETATM 684 C CAF . V4F C 3 4  ? 0.94959   9.96838   0.30881   1.000 101.45837 ?  4  V4F C  CAF 1 
HETATM 685 C CAD . V4F C 3 4  ? 2.17939   10.61635  0.41138   1.000 101.55837 ?  4  V4F C  CAD 1 
HETATM 686 C CAE . V4F C 3 4  ? 3.34976   9.84711   0.10147   1.000 101.89837 ?  4  V4F C  CAE 1 
HETATM 687 C CAL . V4F C 3 4  ? 0.87790   8.69903   -0.23302  1.000 93.82837  ?  4  V4F C  CAL 1 
HETATM 688 C CAM . V4F C 3 4  ? 2.01592   8.01265   -0.59723  1.000 88.96837  ?  4  V4F C  CAM 1 
HETATM 689 C CAJ . V4F C 3 4  ? 1.90204   6.69473   -1.01759  1.000 89.40837  ?  4  V4F C  CAJ 1 
HETATM 690 C CAK . V4F C 3 4  ? 0.60618   6.16026   -1.20177  1.000 95.36837  ?  4  V4F C  CAK 1 
HETATM 691 C CAG . V4F C 3 4  ? -0.57935  6.85154   -0.87235  1.000 110.45837 ?  4  V4F C  CAG 1 
HETATM 692 C CAI . V4F C 3 4  ? -0.39911  8.14906   -0.37792  1.000 105.38837 ?  4  V4F C  CAI 1 
HETATM 693 C C01 . V4F C 3 4  ? -0.28314  11.98346  0.79480   1.000 110.14837 ?  4  V4F C  C01 1 
HETATM 694 C CA  . V4F C 3 4  ? 2.87015   5.82824   -1.49953  1.000 87.11837  ?  4  V4F C  CA  1 
HETATM 695 N NAH . V4F C 3 4  ? 3.21539   8.59649   -0.35798  1.000 94.05837  ?  4  V4F C  NAH 1 
HETATM 696 N N   . V4F C 3 4  ? 4.07809   6.31333   -1.82685  1.000 85.91837  ?  4  V4F C  N   1 
HETATM 697 O O   . V4F C 3 4  ? 4.78813   11.61258  0.36266   1.000 104.11837 ?  4  V4F C  O   1 
HETATM 698 O O01 . V4F C 3 4  ? -0.26560  10.58988  0.50419   1.000 106.24837 ?  4  V4F C  O01 1 
HETATM 699 O O3  . V4F C 3 4  ? -2.31004  13.14179  -0.43019  1.000 117.13837 ?  4  V4F C  O3  1 
HETATM 700 O O2  . V4F C 3 4  ? -1.90565  13.66279  1.93977   1.000 122.70837 -1 4  V4F C  O2  1 
HETATM 701 O O1  . V4F C 3 4  ? -2.82517  11.44620  1.29610   1.000 115.23837 -1 4  V4F C  O1  1 
HETATM 702 P P   . V4F C 3 4  ? -2.01103  12.61719  0.90405   1.000 121.28837 ?  4  V4F C  P   1 
HETATM 703 C C   . V53 C 3 5  ? 7.30494   5.04231   0.71442   1.000 83.00837  ?  5  V53 C  C   1 
HETATM 704 C CAF . V53 C 3 5  ? 9.88482   7.57274   -0.05254  1.000 88.23837  ?  5  V53 C  CAF 1 
HETATM 705 C CAD . V53 C 3 5  ? 9.29286   6.35030   0.25923   1.000 86.97837  ?  5  V53 C  CAD 1 
HETATM 706 C CAJ . V53 C 3 5  ? 7.90884   6.23482   0.34308   1.000 84.52837  ?  5  V53 C  CAJ 1 
HETATM 707 C CAL . V53 C 3 5  ? 9.07135   8.68877   -0.08996  1.000 88.03837  ?  5  V53 C  CAL 1 
HETATM 708 C CAM . V53 C 3 5  ? 7.69146   8.56314   0.05107   1.000 86.24837  ?  5  V53 C  CAM 1 
HETATM 709 C CA  . V53 C 3 5  ? 6.88557   9.67891   0.14404   1.000 86.58837  ?  5  V53 C  CA  1 
HETATM 710 C CAK . V53 C 3 5  ? 7.46033   10.88544  -0.23174  1.000 88.35837  ?  5  V53 C  CAK 1 
HETATM 711 C CAG . V53 C 3 5  ? 8.82737   11.04997  -0.40980  1.000 91.13837  ?  5  V53 C  CAG 1 
HETATM 712 C CAI . V53 C 3 5  ? 9.64632   9.92967   -0.32965  1.000 90.56837  ?  5  V53 C  CAI 1 
HETATM 713 C C01 . V53 C 3 5  ? 12.13831  6.85496   0.03043   1.000 111.92837 ?  5  V53 C  C01 1 
HETATM 714 N NAH . V53 C 3 5  ? 7.17377   7.34818   0.37857   1.000 85.20837  ?  5  V53 C  NAH 1 
HETATM 715 N N   . V53 C 3 5  ? 5.58297   9.45297   0.09863   1.000 91.76837  ?  5  V53 C  N   1 
HETATM 716 O O   . V53 C 3 5  ? 7.91857   3.97836   0.63767   1.000 81.95837  ?  5  V53 C  O   1 
HETATM 717 O O01 . V53 C 3 5  ? 11.18539  7.93133   -0.20241  1.000 95.61837  ?  5  V53 C  O01 1 
HETATM 718 O O1  . V53 C 3 5  ? 14.48041  6.19685   0.45362   1.000 101.67837 ?  5  V53 C  O1  1 
HETATM 719 O O2  . V53 C 3 5  ? 14.36569  8.13134   -1.13943  1.000 115.00837 -1 5  V53 C  O2  1 
HETATM 720 O O3  . V53 C 3 5  ? 13.73922  8.38257   1.27656   1.000 107.92837 -1 5  V53 C  O3  1 
HETATM 721 P P   . V53 C 3 5  ? 13.85305  7.48530   0.11182   1.000 121.68837 ?  5  V53 C  P   1 
HETATM 722 C C   . V5F C 3 6  ? 2.84284   7.60663   3.85326   1.000 93.38837  ?  6  V5F C  C   1 
HETATM 723 C C6  . V5F C 3 6  ? 2.86087   6.19339   3.39032   1.000 86.87837  ?  6  V5F C  C6  1 
HETATM 724 C C2  . V5F C 3 6  ? 3.29567   3.54315   2.95576   1.000 88.60837  ?  6  V5F C  C2  1 
HETATM 725 C C1  . V5F C 3 6  ? 4.16611   4.51910   2.44260   1.000 83.33837  ?  6  V5F C  C1  1 
HETATM 726 C CA  . V5F C 3 6  ? 5.33828   4.15776   1.81496   1.000 82.12837  ?  6  V5F C  CA  1 
HETATM 727 C C5  . V5F C 3 6  ? 5.51135   2.82126   1.47563   1.000 80.47837  ?  6  V5F C  C5  1 
HETATM 728 C C4  . V5F C 3 6  ? 4.62656   1.84546   1.91719   1.000 82.00837  ?  6  V5F C  C4  1 
HETATM 729 C C3  . V5F C 3 6  ? 3.48823   2.19133   2.66949   1.000 87.64837  ?  6  V5F C  C3  1 
HETATM 730 C CB  . V5F C 3 6  ? 1.93041   6.37401   2.19295   1.000 90.30837  ?  6  V5F C  CB  1 
HETATM 731 N N   . V5F C 3 6  ? 6.08939   5.18698   1.36730   1.000 82.19837  ?  6  V5F C  N   1 
HETATM 732 O O   . V5F C 3 6  ? 1.81432   8.05850   4.38480   1.000 89.60837  ?  6  V5F C  O   1 
HETATM 733 O O1  . V5F C 3 6  ? 4.08434   5.84112   2.76209   1.000 83.78837  ?  6  V5F C  O1  1 
HETATM 734 C C   . V4F C 3 7  ? 8.43858   7.07553   3.78420   1.000 82.91837  ?  7  V4F C  C   1 
HETATM 735 C CAF . V4F C 3 7  ? 8.67815   10.71310  3.27641   1.000 89.95837  ?  7  V4F C  CAF 1 
HETATM 736 C CAD . V4F C 3 7  ? 9.08188   9.38795   3.38856   1.000 87.42837  ?  7  V4F C  CAD 1 
HETATM 737 C CAE . V4F C 3 7  ? 8.12628   8.41692   3.65536   1.000 85.22837  ?  7  V4F C  CAE 1 
HETATM 738 C CAL . V4F C 3 7  ? 7.33263   11.03189  3.44971   1.000 93.90837  ?  7  V4F C  CAL 1 
HETATM 739 C CAM . V4F C 3 7  ? 6.39356   10.00837  3.68150   1.000 93.19837  ?  7  V4F C  CAM 1 
HETATM 740 C CAJ . V4F C 3 7  ? 5.07275   10.34126  3.98929   1.000 96.48837  ?  7  V4F C  CAJ 1 
HETATM 741 C CAK . V4F C 3 7  ? 4.67102   11.65025  3.78168   1.000 93.36837  ?  7  V4F C  CAK 1 
HETATM 742 C CAG . V4F C 3 7  ? 5.57658   12.65351  3.51008   1.000 94.38837  ?  7  V4F C  CAG 1 
HETATM 743 C CAI . V4F C 3 7  ? 6.92801   12.34736  3.34150   1.000 97.56837  ?  7  V4F C  CAI 1 
HETATM 744 C C01 . V4F C 3 7  ? 10.91554  11.23106  2.91175   1.000 96.72837  ?  7  V4F C  C01 1 
HETATM 745 C CA  . V4F C 3 7  ? 3.93293   9.55419   4.11813   1.000 95.35837  ?  7  V4F C  CA  1 
HETATM 746 N NAH . V4F C 3 7  ? 6.83291   8.76013   3.86872   1.000 85.98837  ?  7  V4F C  NAH 1 
HETATM 747 N N   . V4F C 3 7  ? 3.97340   8.28277   3.69282   1.000 94.84837  ?  7  V4F C  N   1 
HETATM 748 O O   . V4F C 3 7  ? 9.50184   6.63208   3.39679   1.000 80.81837  ?  7  V4F C  O   1 
HETATM 749 O O01 . V4F C 3 7  ? 9.55244   11.74564  3.02998   1.000 93.06837  ?  7  V4F C  O01 1 
HETATM 750 O O3  . V4F C 3 7  ? 11.64840  13.70016  2.51271   1.000 113.78837 ?  7  V4F C  O3  1 
HETATM 751 O O2  . V4F C 3 7  ? 13.35131  11.88019  2.67570   1.000 111.92837 -1 7  V4F C  O2  1 
HETATM 752 O O1  . V4F C 3 7  ? 12.03696  12.52086  4.68511   1.000 119.27837 -1 7  V4F C  O1  1 
HETATM 753 P P   . V4F C 3 7  ? 12.09135  12.50783  3.21921   1.000 128.26837 ?  7  V4F C  P   1 
HETATM 754 C C   . V53 C 3 8  ? 3.42978   5.90473   7.14393   1.000 91.16837  ?  8  V53 C  C   1 
HETATM 755 C CAF . V53 C 3 8  ? 4.94145   2.76290   6.08150   1.000 87.64837  ?  8  V53 C  CAF 1 
HETATM 756 C CAD . V53 C 3 8  ? 4.03434   3.65810   6.64851   1.000 89.50837  ?  8  V53 C  CAD 1 
HETATM 757 C CAJ . V53 C 3 8  ? 4.22993   5.01888   6.45511   1.000 88.13837  ?  8  V53 C  CAJ 1 
HETATM 758 C CAL . V53 C 3 8  ? 6.02217   3.26718   5.36467   1.000 84.28837  ?  8  V53 C  CAL 1 
HETATM 759 C CAM . V53 C 3 8  ? 6.16169   4.63328   5.23595   1.000 84.46837  ?  8  V53 C  CAM 1 
HETATM 760 C CA  . V53 C 3 8  ? 7.35017   5.11861   4.62540   1.000 83.01837  ?  8  V53 C  CA  1 
HETATM 761 C CAK . V53 C 3 8  ? 8.16076   4.23789   3.96422   1.000 80.91837  ?  8  V53 C  CAK 1 
HETATM 762 C CAG . V53 C 3 8  ? 8.00494   2.85928   4.06486   1.000 79.96837  ?  8  V53 C  CAG 1 
HETATM 763 C CAI . V53 C 3 8  ? 6.91386   2.37207   4.77839   1.000 82.07837  ?  8  V53 C  CAI 1 
HETATM 764 C C01 . V53 C 3 8  ? 3.58584   1.11134   6.88471   1.000 95.60837  ?  8  V53 C  C01 1 
HETATM 765 N NAH . V53 C 3 8  ? 5.32632   5.46766   5.86096   1.000 86.30837  ?  8  V53 C  NAH 1 
HETATM 766 N N   . V53 C 3 8  ? 7.39639   6.41406   4.35591   1.000 83.08837  ?  8  V53 C  N   1 
HETATM 767 O O   . V53 C 3 8  ? 2.29766   5.63301   7.56905   1.000 100.99837 ?  8  V53 C  O   1 
HETATM 768 O O01 . V53 C 3 8  ? 4.80260   1.38295   6.14623   1.000 87.83837  ?  8  V53 C  O01 1 
HETATM 769 O O1  . V53 C 3 8  ? 1.99972   -0.84890  6.24117   1.000 115.13837 ?  8  V53 C  O1  1 
HETATM 770 O O2  . V53 C 3 8  ? 4.30496   -1.46027  6.85529   1.000 88.52837  -1 8  V53 C  O2  1 
HETATM 771 O O3  . V53 C 3 8  ? 2.80790   -0.52527  8.57016   1.000 121.43837 -1 8  V53 C  O3  1 
HETATM 772 P P   . V53 C 3 8  ? 3.06588   -0.59311  7.15198   1.000 101.64837 ?  8  V53 C  P   1 
HETATM 773 C C   . V4F C 3 9  ? 8.42615   8.30155   7.13124   1.000 87.27837  ?  9  V4F C  C   1 
HETATM 774 C CAF . V4F C 3 9  ? 6.81061   11.60966  7.17676   1.000 93.41837  ?  9  V4F C  CAF 1 
HETATM 775 C CAD . V4F C 3 9  ? 7.78804   10.62606  7.12661   1.000 91.12837  ?  9  V4F C  CAD 1 
HETATM 776 C CAE . V4F C 3 9  ? 7.43684   9.28283   7.23360   1.000 90.23837  ?  9  V4F C  CAE 1 
HETATM 777 C CAL . V4F C 3 9  ? 5.49532   11.21773  7.43138   1.000 93.73837  ?  9  V4F C  CAL 1 
HETATM 778 C CAM . V4F C 3 9  ? 5.18041   9.85653   7.55502   1.000 92.24837  ?  9  V4F C  CAM 1 
HETATM 779 C CAJ . V4F C 3 9  ? 3.84194   9.49126   7.77470   1.000 93.22837  ?  9  V4F C  CAJ 1 
HETATM 780 C CAK . V4F C 3 9  ? 2.86742   10.45198  7.87991   1.000 96.72837  ?  9  V4F C  CAK 1 
HETATM 781 C CAG . V4F C 3 9  ? 3.17341   11.80621  7.75794   1.000 103.81837 ?  9  V4F C  CAG 1 
HETATM 782 C CAI . V4F C 3 9  ? 4.50328   12.19079  7.52613   1.000 101.96837 ?  9  V4F C  CAI 1 
HETATM 783 C C01 . V4F C 3 9  ? 8.60634   13.00969  6.96982   1.000 106.20837 ?  9  V4F C  C01 1 
HETATM 784 C CA  . V4F C 3 9  ? 3.30767   8.20678   7.94387   1.000 94.19837  ?  9  V4F C  CA  1 
HETATM 785 N NAH . V4F C 3 9  ? 6.16195   8.93898   7.48683   1.000 91.10837  ?  9  V4F C  NAH 1 
HETATM 786 N N   . V4F C 3 9  ? 4.00804   7.12802   7.24306   1.000 90.36837  ?  9  V4F C  N   1 
HETATM 787 O O   . V4F C 3 9  ? 9.48242   8.57525   6.53882   1.000 86.07837  ?  9  V4F C  O   1 
HETATM 788 O O01 . V4F C 3 9  ? 7.15536   12.95334  7.09171   1.000 101.81837 ?  9  V4F C  O01 1 
HETATM 789 O O3  . V4F C 3 9  ? 10.71753  14.55705  6.77217   1.000 106.47837 ?  9  V4F C  O3  1 
HETATM 790 O O2  . V4F C 3 9  ? 8.53179   15.66390  6.36687   1.000 109.56837 -1 9  V4F C  O2  1 
HETATM 791 O O1  . V4F C 3 9  ? 9.36487   14.00880  4.75192   1.000 116.80837 -1 9  V4F C  O1  1 
HETATM 792 P P   . V4F C 3 9  ? 9.38649   14.47578  6.15036   1.000 116.83837 ?  9  V4F C  P   1 
HETATM 793 C C   . V53 C 3 10 ? 4.95897   3.97694   9.65697   1.000 93.29837  ?  10 V53 C  C   1 
HETATM 794 C CAF . V53 C 3 10 ? 8.05056   2.42978   8.36294   1.000 87.96837  ?  10 V53 C  CAF 1 
HETATM 795 C CAD . V53 C 3 10 ? 6.83413   2.61982   9.00220   1.000 87.83837  ?  10 V53 C  CAD 1 
HETATM 796 C CAJ . V53 C 3 10 ? 6.22333   3.84786   9.05292   1.000 87.53837  ?  10 V53 C  CAJ 1 
HETATM 797 C CAL . V53 C 3 10 ? 8.73762   3.58237   7.98206   1.000 86.91837  ?  10 V53 C  CAL 1 
HETATM 798 C CAM . V53 C 3 10 ? 8.05526   4.82902   7.99247   1.000 86.08837  ?  10 V53 C  CAM 1 
HETATM 799 C CA  . V53 C 3 10 ? 8.72152   5.95640   7.53079   1.000 84.73837  ?  10 V53 C  CA  1 
HETATM 800 C CAK . V53 C 3 10 ? 9.96330   5.83419   6.89995   1.000 82.36837  ?  10 V53 C  CAK 1 
HETATM 801 C CAG . V53 C 3 10 ? 10.60748  4.60497   6.83158   1.000 83.30837  ?  10 V53 C  CAG 1 
HETATM 802 C CAI . V53 C 3 10 ? 9.97446   3.48551   7.34610   1.000 85.62837  ?  10 V53 C  CAI 1 
HETATM 803 C C01 . V53 C 3 10 ? 7.90396   0.05902   8.75075   1.000 97.26837  ?  10 V53 C  C01 1 
HETATM 804 N NAH . V53 C 3 10 ? 6.83019   4.92638   8.56259   1.000 88.56837  ?  10 V53 C  NAH 1 
HETATM 805 N N   . V53 C 3 10 ? 8.00131   7.08679   7.51839   1.000 86.39837  ?  10 V53 C  N   1 
HETATM 806 O O   . V53 C 3 10 ? 4.43679   5.11349   9.84086   1.000 91.34837  ?  10 V53 C  O   1 
HETATM 807 O O01 . V53 C 3 10 ? 8.73693   1.21192   8.38226   1.000 98.23837  ?  10 V53 C  O01 1 
HETATM 808 O O1  . V53 C 3 10 ? 7.45412   -2.27104  9.29541   1.000 108.35837 ?  10 V53 C  O1  1 
HETATM 809 O O2  . V53 C 3 10 ? 9.48303   -1.99889  7.91727   1.000 101.12837 -1 10 V53 C  O2  1 
HETATM 810 O O3  . V53 C 3 10 ? 9.45748   -1.13034  10.34689  1.000 109.96837 -1 10 V53 C  O3  1 
HETATM 811 P P   . V53 C 3 10 ? 8.74792   -1.59337  9.13958   1.000 117.66837 ?  10 V53 C  P   1 
HETATM 812 O OXT . V53 C 3 10 ? 4.35076   2.95964   10.12173  1.000 93.91837  -1 10 V53 C  OXT 1 
# 
loop_
_atom_site_anisotrop.id 
_atom_site_anisotrop.type_symbol 
_atom_site_anisotrop.pdbx_label_atom_id 
_atom_site_anisotrop.pdbx_label_alt_id 
_atom_site_anisotrop.pdbx_label_comp_id 
_atom_site_anisotrop.pdbx_label_asym_id 
_atom_site_anisotrop.pdbx_label_seq_id 
_atom_site_anisotrop.pdbx_PDB_ins_code 
_atom_site_anisotrop.U[1][1] 
_atom_site_anisotrop.U[2][2] 
_atom_site_anisotrop.U[3][3] 
_atom_site_anisotrop.U[1][2] 
_atom_site_anisotrop.U[1][3] 
_atom_site_anisotrop.U[2][3] 
_atom_site_anisotrop.pdbx_auth_seq_id 
_atom_site_anisotrop.pdbx_auth_comp_id 
_atom_site_anisotrop.pdbx_auth_asym_id 
_atom_site_anisotrop.pdbx_auth_atom_id 
1   N N   . MET A 1  ? 1.85058 2.32142 1.45908 -0.14675 -0.19422 0.76264  1  MET AA N   
2   C CA  . MET A 1  ? 1.89269 2.40553 1.53777 -0.15141 -0.19197 0.76748  1  MET AA CA  
3   C C   . MET A 1  ? 1.83343 2.36038 1.48740 -0.14481 -0.18002 0.76217  1  MET AA C   
4   O O   . MET A 1  ? 1.86817 2.41413 1.53825 -0.14662 -0.17809 0.76510  1  MET AA O   
5   C CB  . MET A 1  ? 1.85672 2.37033 1.50562 -0.16058 -0.20152 0.77551  1  MET AA CB  
6   C CG  . MET A 1  ? 1.93273 2.48496 1.61537 -0.16545 -0.19948 0.78119  1  MET AA CG  
7   S SD  . MET A 1  ? 2.05316 2.65827 1.77903 -0.16430 -0.19146 0.78175  1  MET AA SD  
8   C CE  . MET A 1  ? 1.83207 2.43961 1.56037 -0.16690 -0.19761 0.78359  1  MET AA CE  
9   N N   . VAL A 2  ? 1.86411 2.37906 1.50456 -0.13680 -0.17212 0.75428  2  VAL AA N   
10  C CA  . VAL A 2  ? 1.83192 2.36154 1.48052 -0.13046 -0.16085 0.74882  2  VAL AA CA  
11  C C   . VAL A 2  ? 1.74920 2.31414 1.42584 -0.12878 -0.15404 0.74731  2  VAL AA C   
12  O O   . VAL A 2  ? 1.85120 2.40900 1.52205 -0.12766 -0.15447 0.74566  2  VAL AA O   
13  C CB  . VAL A 2  ? 1.82681 2.31877 1.44011 -0.12296 -0.15622 0.74089  2  VAL AA CB  
14  C CG1 . VAL A 2  ? 1.72527 2.23346 1.34640 -0.11619 -0.14428 0.73469  2  VAL AA CG1 
15  C CG2 . VAL A 2  ? 1.91626 2.37317 1.50167 -0.12439 -0.16326 0.74286  2  VAL AA CG2 
16  N N   . LYS A 3  ? 1.66878 2.27006 1.37347 -0.12737 -0.14690 0.74725  3  LYS AA N   
17  C CA  . LYS A 3  ? 1.63383 2.26809 1.36404 -0.12513 -0.13988 0.74529  3  LYS AA CA  
18  C C   . LYS A 3  ? 1.64737 2.27811 1.36852 -0.11699 -0.12890 0.73627  3  LYS AA C   
19  O O   . LYS A 3  ? 1.67813 2.29873 1.38706 -0.11306 -0.12485 0.73259  3  LYS AA O   
20  C CB  . LYS A 3  ? 1.64119 2.32190 1.41076 -0.12845 -0.13861 0.75090  3  LYS AA CB  
21  N N   . VAL A 4  ? 1.63845 2.27885 1.36607 -0.11444 -0.12387 0.73294  4  VAL AA N   
22  C CA  . VAL A 4  ? 1.61511 2.25698 1.33756 -0.10753 -0.11287 0.72449  4  VAL AA CA  
23  C C   . VAL A 4  ? 1.64852 2.33333 1.40445 -0.10639 -0.10620 0.72416  4  VAL AA C   
24  O O   . VAL A 4  ? 1.57612 2.26766 1.34018 -0.10805 -0.10792 0.72639  4  VAL AA O   
25  C CB  . VAL A 4  ? 1.57895 2.18011 1.26653 -0.10423 -0.11175 0.71897  4  VAL AA CB  
26  C CG1 . VAL A 4  ? 1.69825 2.30399 1.38269 -0.09813 -0.09998 0.71056  4  VAL AA CG1 
27  C CG2 . VAL A 4  ? 1.62331 2.18225 1.27709 -0.10436 -0.11767 0.71868  4  VAL AA CG2 
28  N N   . LYS A 5  ? 1.65687 2.36823 1.42915 -0.10259 -0.09815 0.72072  5  LYS AA N   
29  C CA  . LYS A 5  ? 1.62676 2.38408 1.43415 -0.10110 -0.09175 0.72062  5  LYS AA CA  
30  C C   . LYS A 5  ? 1.58305 2.33926 1.38210 -0.09495 -0.08136 0.71150  5  LYS AA C   
31  O O   . LYS A 5  ? 1.48474 2.23200 1.27024 -0.09078 -0.07621 0.70593  5  LYS AA O   
32  C CB  . LYS A 5  ? 1.48992 2.28194 1.32428 -0.10120 -0.09082 0.72431  5  LYS AA CB  
33  N N   . PHE A 6  ? 1.67661 2.44539 1.48573 -0.09425 -0.07776 0.71012  6  PHE AA N   
34  C CA  . PHE A 6  ? 1.52008 2.28253 1.31723 -0.08934 -0.06824 0.70154  6  PHE AA CA  
35  C C   . PHE A 6  ? 1.54013 2.33987 1.36571 -0.08798 -0.06266 0.70095  6  PHE AA C   
36  O O   . PHE A 6  ? 1.60338 2.42398 1.45106 -0.09088 -0.06697 0.70728  6  PHE AA O   
37  C CB  . PHE A 6  ? 1.48789 2.20344 1.24854 -0.08927 -0.06964 0.69900  6  PHE AA CB  
38  C CG  . PHE A 6  ? 1.49788 2.20996 1.26216 -0.09227 -0.07571 0.70480  6  PHE AA CG  
39  C CD1 . PHE A 6  ? 1.56989 2.27847 1.33804 -0.09714 -0.08637 0.71271  6  PHE AA CD1 
40  C CD2 . PHE A 6  ? 1.52784 2.24152 1.29209 -0.09014 -0.07067 0.70256  6  PHE AA CD2 
41  C CE1 . PHE A 6  ? 1.67191 2.37942 1.44378 -0.09958 -0.09200 0.71805  6  PHE AA CE1 
42  C CE2 . PHE A 6  ? 1.56043 2.27151 1.32741 -0.09189 -0.07596 0.70802  6  PHE AA CE2 
43  C CZ  . PHE A 6  ? 1.60330 2.31221 1.37456 -0.09649 -0.08671 0.71574  6  PHE AA CZ  
44  N N   . LYS A 7  ? 1.47267 2.28116 1.29726 -0.08352 -0.05295 0.69318  7  LYS AA N   
45  C CA  . LYS A 7  ? 1.44496 2.28569 1.29272 -0.08164 -0.04692 0.69138  7  LYS AA CA  
46  C C   . LYS A 7  ? 1.43952 2.25088 1.26393 -0.08114 -0.04396 0.68826  7  LYS AA C   
47  O O   . LYS A 7  ? 1.40019 2.17777 1.19340 -0.07958 -0.03967 0.68214  7  LYS AA O   
48  C CB  . LYS A 7  ? 1.31537 2.18513 1.17668 -0.07720 -0.03831 0.68488  7  LYS AA CB  
49  C CG  . LYS A 7  ? 1.34934 2.26370 1.24439 -0.07558 -0.03442 0.68520  7  LYS AA CG  
50  C CD  . LYS A 7  ? 1.38895 2.34510 1.31112 -0.07220 -0.03138 0.68421  7  LYS AA CD  
51  C CE  . LYS A 7  ? 1.24459 2.23898 1.19133 -0.06889 -0.02489 0.68060  7  LYS AA CE  
52  N NZ  . LYS A 7  ? 1.12413 2.16380 1.09992 -0.06459 -0.02188 0.67965  7  LYS AA NZ  
53  N N   . TYR A 8  ? 1.52929 2.35225 1.36749 -0.08224 -0.04605 0.69274  8  TYR AA N   
54  C CA  . TYR A 8  ? 1.62175 2.42100 1.44071 -0.08086 -0.04254 0.69054  8  TYR AA CA  
55  C C   . TYR A 8  ? 1.62802 2.46193 1.47128 -0.07852 -0.03580 0.68866  8  TYR AA C   
56  O O   . TYR A 8  ? 1.57546 2.44069 1.44759 -0.07942 -0.03931 0.69456  8  TYR AA O   
57  C CB  . TYR A 8  ? 1.59462 2.37105 1.40265 -0.08318 -0.05104 0.69749  8  TYR AA CB  
58  C CG  . TYR A 8  ? 1.58508 2.33849 1.37333 -0.08048 -0.04634 0.69527  8  TYR AA CG  
59  C CD1 . TYR A 8  ? 1.62070 2.32771 1.36894 -0.07868 -0.04253 0.69008  8  TYR AA CD1 
60  C CD2 . TYR A 8  ? 1.58971 2.36665 1.39782 -0.07929 -0.04489 0.69826  8  TYR AA CD2 
61  C CE1 . TYR A 8  ? 1.72654 2.40954 1.45391 -0.07589 -0.03724 0.68813  8  TYR AA CE1 
62  C CE2 . TYR A 8  ? 1.68051 2.43339 1.46756 -0.07618 -0.03981 0.69623  8  TYR AA CE2 
63  C CZ  . TYR A 8  ? 1.77906 2.48440 1.52534 -0.07451 -0.03580 0.69125  8  TYR AA CZ  
64  O OH  . TYR A 8  ? 1.82098 2.50041 1.54451 -0.07128 -0.02997 0.68949  8  TYR AA OH  
65  N N   . LYS A 9  ? 1.67800 2.50491 1.50822 -0.07574 -0.02606 0.68048  9  LYS AA N   
66  C CA  . LYS A 9  ? 1.62946 2.48388 1.47713 -0.07335 -0.01873 0.67735  9  LYS AA CA  
67  C C   . LYS A 9  ? 1.49828 2.40670 1.38761 -0.07265 -0.01985 0.67937  9  LYS AA C   
68  O O   . LYS A 9  ? 1.46735 2.40787 1.38355 -0.07176 -0.01996 0.68256  9  LYS AA O   
69  C CB  . LYS A 9  ? 1.56244 2.40696 1.40670 -0.07295 -0.01973 0.68152  9  LYS AA CB  
70  N N   . GLY A 10 ? 1.44535 2.36358 1.33895 -0.07239 -0.02009 0.67725  10 GLY AA N   
71  C CA  . GLY A 10 ? 1.51413 2.48279 1.44617 -0.07103 -0.02120 0.67965  10 GLY AA CA  
72  C C   . GLY A 10 ? 1.58371 2.57131 1.53990 -0.07397 -0.02995 0.68979  10 GLY AA C   
73  O O   . GLY A 10 ? 1.52562 2.55505 1.51428 -0.07289 -0.03048 0.69258  10 GLY AA O   
74  N N   . GLU A 11 ? 1.47658 2.09715 1.97587 0.16460  -0.26731 -0.07316 11 GLU AA N   
75  C CA  . GLU A 11 ? 1.52791 2.17352 2.06690 0.16233  -0.28030 -0.06049 11 GLU AA CA  
76  C C   . GLU A 11 ? 1.56698 2.20577 2.13123 0.16167  -0.29164 -0.05680 11 GLU AA C   
77  O O   . GLU A 11 ? 1.59150 2.18683 2.12838 0.17476  -0.30123 -0.08225 11 GLU AA O   
78  C CB  . GLU A 11 ? 1.47212 2.10207 1.98560 0.18031  -0.29263 -0.08639 11 GLU AA CB  
79  C CG  . GLU A 11 ? 1.51254 2.16300 2.06616 0.18067  -0.30800 -0.08055 11 GLU AA CG  
80  C CD  . GLU A 11 ? 1.55743 2.18188 2.08503 0.20190  -0.32462 -0.11244 11 GLU AA CD  
81  O OE1 . GLU A 11 ? 1.54451 2.13465 2.02050 0.21699  -0.32453 -0.13691 11 GLU AA OE1 
82  O OE2 . GLU A 11 ? 1.49836 2.13612 2.05780 0.20402  -0.33815 -0.11314 11 GLU AA OE2 
83  N N   . GLU A 12 ? 1.53050 2.21159 2.14528 0.14768  -0.29122 -0.02716 12 GLU AA N   
84  C CA  . GLU A 12 ? 1.46246 2.14233 2.10263 0.14834  -0.30118 -0.02732 12 GLU AA CA  
85  C C   . GLU A 12 ? 1.51052 2.16910 2.15271 0.16292  -0.32161 -0.05156 12 GLU AA C   
86  O O   . GLU A 12 ? 1.49081 2.16582 2.13902 0.16644  -0.32656 -0.05307 12 GLU AA O   
87  C CB  . GLU A 12 ? 1.33557 2.07593 2.02326 0.13149  -0.29288 0.00956  12 GLU AA CB  
88  C CG  . GLU A 12 ? 1.41381 2.17538 2.10455 0.11847  -0.27628 0.03246  12 GLU AA CG  
89  C CD  . GLU A 12 ? 1.55343 2.27118 2.22640 0.12369  -0.27687 0.01145  12 GLU AA CD  
90  O OE1 . GLU A 12 ? 1.61269 2.28806 2.27898 0.13528  -0.29143 -0.01578 12 GLU AA OE1 
91  O OE2 . GLU A 12 ? 1.34007 2.06536 2.00956 0.11545  -0.26375 0.02260  12 GLU AA OE2 
92  N N   . LYS A 13 ? 1.41003 2.02884 2.04895 0.17162  -0.33480 -0.07263 13 LYS AA N   
93  C CA  . LYS A 13 ? 1.43642 2.02562 2.07576 0.18682  -0.35727 -0.09926 13 LYS AA CA  
94  C C   . LYS A 13 ? 1.45808 2.02618 2.12267 0.18620  -0.36796 -0.10640 13 LYS AA C   
95  O O   . LYS A 13 ? 1.41077 1.97500 2.07844 0.17817  -0.35881 -0.09854 13 LYS AA O   
96  C CB  . LYS A 13 ? 1.45041 1.98352 2.02960 0.20708  -0.36737 -0.13371 13 LYS AA CB  
97  C CG  . LYS A 13 ? 1.48212 2.02291 2.02860 0.21157  -0.35871 -0.13547 13 LYS AA CG  
98  C CD  . LYS A 13 ? 1.52876 2.01507 2.02036 0.23572  -0.37459 -0.17189 13 LYS AA CD  
99  C CE  . LYS A 13 ? 1.51054 2.00993 1.97964 0.24122  -0.36848 -0.17505 13 LYS AA CE  
100 N NZ  . LYS A 13 ? 1.53283 1.98947 1.93711 0.25550  -0.36528 -0.19524 13 LYS AA NZ  
101 N N   . GLU A 14 ? 1.41182 1.96070 2.09291 0.19607  -0.38877 -0.12564 14 GLU AA N   
102 C CA  . GLU A 14 ? 1.42224 1.93247 2.11297 0.19998  -0.40224 -0.14280 14 GLU AA CA  
103 C C   . GLU A 14 ? 1.46460 1.94091 2.15395 0.21692  -0.42838 -0.17322 14 GLU AA C   
104 O O   . GLU A 14 ? 1.47613 1.96449 2.16711 0.22385  -0.43563 -0.17875 14 GLU AA O   
105 C CB  . GLU A 14 ? 1.41345 1.95019 2.15778 0.18374  -0.39595 -0.12157 14 GLU AA CB  
106 C CG  . GLU A 14 ? 1.46173 2.00801 2.25840 0.18123  -0.40896 -0.12206 14 GLU AA CG  
107 C CD  . GLU A 14 ? 1.56397 2.16091 2.39050 0.17592  -0.40568 -0.10469 14 GLU AA CD  
108 O OE1 . GLU A 14 ? 1.59003 2.21247 2.39337 0.17615  -0.39551 -0.09511 14 GLU AA OE1 
109 O OE2 . GLU A 14 ? 1.58826 2.20141 2.46532 0.16973  -0.41180 -0.09903 14 GLU AA OE2 
110 N N   . VAL A 15 ? 1.40536 1.83816 2.09279 0.22384  -0.44334 -0.19465 15 VAL AA N   
111 C CA  . VAL A 15 ? 1.53182 1.92732 2.21688 0.24089  -0.47052 -0.22620 15 VAL AA CA  
112 C C   . VAL A 15 ? 1.55227 1.91997 2.26356 0.24012  -0.48324 -0.23906 15 VAL AA C   
113 O O   . VAL A 15 ? 1.45086 1.81524 2.16728 0.23004  -0.47218 -0.22985 15 VAL AA O   
114 C CB  . VAL A 15 ? 1.58010 1.92769 2.19555 0.26316  -0.48296 -0.25514 15 VAL AA CB  
115 C CG1 . VAL A 15 ? 1.55187 1.92355 2.14086 0.26354  -0.46901 -0.24366 15 VAL AA CG1 
116 C CG2 . VAL A 15 ? 1.55212 1.85571 2.12432 0.26826  -0.48240 -0.26779 15 VAL AA CG2 
117 N N   . ASP A 16 ? 1.53614 1.88320 2.26481 0.25144  -0.50717 -0.26252 16 ASP AA N   
118 C CA  . ASP A 16 ? 1.53348 1.85331 2.29029 0.25225  -0.52219 -0.27856 16 ASP AA CA  
119 C C   . ASP A 16 ? 1.52788 1.79458 2.23316 0.26408  -0.53014 -0.30219 16 ASP AA C   
120 O O   . ASP A 16 ? 1.56315 1.80098 2.20470 0.27944  -0.53422 -0.31683 16 ASP AA O   
121 C CB  . ASP A 16 ? 1.54250 1.85320 2.32728 0.26358  -0.54714 -0.30103 16 ASP AA CB  
122 N N   . THR A 17 ? 1.52877 1.78175 2.26150 0.25744  -0.53253 -0.30640 17 THR AA N   
123 C CA  . THR A 17 ? 1.48987 1.69603 2.17875 0.26744  -0.53940 -0.32878 17 THR AA CA  
124 C C   . THR A 17 ? 1.53707 1.69659 2.17963 0.29331  -0.56737 -0.36416 17 THR AA C   
125 O O   . THR A 17 ? 1.54032 1.66100 2.11485 0.30900  -0.57256 -0.38055 17 THR AA O   
126 C CB  . THR A 17 ? 1.46408 1.66402 2.20122 0.25703  -0.54130 -0.33174 17 THR AA CB  
127 O OG1 . THR A 17 ? 1.37090 1.60264 2.13682 0.23595  -0.51562 -0.30207 17 THR AA OG1 
128 C CG2 . THR A 17 ? 1.50094 1.64889 2.19529 0.27221  -0.55639 -0.36355 17 THR AA CG2 
129 N N   . SER A 18 ? 1.49965 1.66210 2.17938 0.29853  -0.58600 -0.37591 18 SER AA N   
130 C CA  . SER A 18 ? 1.58548 1.70632 2.22739 0.32423  -0.61496 -0.41000 18 SER AA CA  
131 C C   . SER A 18 ? 1.66208 1.76539 2.23128 0.33966  -0.61391 -0.41353 18 SER AA C   
132 O O   . SER A 18 ? 1.71122 1.76221 2.21345 0.36176  -0.62970 -0.43780 18 SER AA O   
133 C CB  . SER A 18 ? 1.70369 1.84509 2.40414 0.32421  -0.62951 -0.41589 18 SER AA CB  
134 O OG  . SER A 18 ? 1.70050 1.88720 2.42264 0.31475  -0.61538 -0.39277 18 SER AA OG  
135 N N   . LYS A 19 ? 1.64423 1.78838 2.22392 0.33008  -0.59668 -0.39026 19 LYS AA N   
136 C CA  . LYS A 19 ? 1.69665 1.82361 2.21618 0.34706  -0.60022 -0.39826 19 LYS AA CA  
137 C C   . LYS A 19 ? 1.73625 1.82538 2.17968 0.35589  -0.59238 -0.40133 19 LYS AA C   
138 O O   . LYS A 19 ? 1.75552 1.81997 2.14033 0.37249  -0.59612 -0.40975 19 LYS AA O   
139 C CB  . LYS A 19 ? 1.75452 1.93664 2.30376 0.33390  -0.58173 -0.37252 19 LYS AA CB  
140 C CG  . LYS A 19 ? 1.74340 1.97169 2.37369 0.32088  -0.58355 -0.36223 19 LYS AA CG  
141 C CD  . LYS A 19 ? 1.79245 2.07579 2.44769 0.30981  -0.56625 -0.33771 19 LYS AA CD  
142 C CE  . LYS A 19 ? 1.64057 1.98201 2.35026 0.28167  -0.53886 -0.29758 19 LYS AA CE  
143 N NZ  . LYS A 19 ? 1.76780 2.15846 2.55126 0.26710  -0.53549 -0.28000 19 LYS AA NZ  
144 N N   . ILE A 20 ? 1.75518 1.84005 2.20063 0.34482  -0.58063 -0.39426 20 ILE AA N   
145 C CA  . ILE A 20 ? 1.71304 1.76977 2.09480 0.34957  -0.56909 -0.39400 20 ILE AA CA  
146 C C   . ILE A 20 ? 1.87374 1.84986 2.19021 0.38661  -0.60563 -0.44038 20 ILE AA C   
147 O O   . ILE A 20 ? 1.86798 1.82040 2.19957 0.39686  -0.62939 -0.46210 20 ILE AA O   
148 C CB  . ILE A 20 ? 1.65299 1.73412 2.07119 0.32789  -0.54891 -0.37765 20 ILE AA CB  
149 C CG1 . ILE A 20 ? 1.62530 1.77209 2.09733 0.30251  -0.52201 -0.34123 20 ILE AA CG1 
150 C CG2 . ILE A 20 ? 1.68612 1.72508 2.04639 0.34308  -0.55142 -0.39834 20 ILE AA CG2 
151 C CD1 . ILE A 20 ? 1.54715 1.72180 2.06264 0.28018  -0.50176 -0.32147 20 ILE AA CD1 
152 N N   . LYS A 21 ? 1.79467 1.72560 2.03467 0.40861  -0.60945 -0.45445 21 LYS AA N   
153 C CA  . LYS A 21 ? 1.87394 1.71989 2.03554 0.44912  -0.64084 -0.49167 21 LYS AA CA  
154 C C   . LYS A 21 ? 1.76087 1.57369 1.88616 0.45927  -0.63775 -0.50060 21 LYS AA C   
155 O O   . LYS A 21 ? 1.73624 1.52862 1.87585 0.46550  -0.65102 -0.51689 21 LYS AA O   
156 C CB  . LYS A 21 ? 1.95655 1.76344 2.04884 0.47552  -0.65041 -0.49884 21 LYS AA CB  
157 C CG  . LYS A 21 ? 1.97335 1.83344 2.10937 0.45842  -0.64173 -0.48147 21 LYS AA CG  
158 C CD  . LYS A 21 ? 2.10304 1.91671 2.17791 0.48861  -0.66037 -0.49763 21 LYS AA CD  
159 C CE  . LYS A 21 ? 2.11619 1.90192 2.12214 0.50194  -0.64754 -0.49220 21 LYS AA CE  
160 N NZ  . LYS A 21 ? 2.27250 2.05900 2.26012 0.51087  -0.64958 -0.49143 21 LYS AA NZ  
161 N N   . LYS A 22 ? 1.68273 1.49066 1.76394 0.46295  -0.62034 -0.49051 22 LYS AA N   
162 C CA  . LYS A 22 ? 1.67150 1.44867 1.70754 0.47646  -0.61652 -0.49066 22 LYS AA CA  
163 C C   . LYS A 22 ? 1.73040 1.55962 1.82434 0.44703  -0.59120 -0.48324 22 LYS AA C   
164 O O   . LYS A 22 ? 1.63051 1.51421 1.75224 0.42074  -0.56582 -0.45994 22 LYS AA O   
165 C CB  . LYS A 22 ? 1.74275 1.48276 1.68868 0.49782  -0.61203 -0.47544 22 LYS AA CB  
166 C CG  . LYS A 22 ? 1.94675 1.64343 1.83946 0.52078  -0.63135 -0.47726 22 LYS AA CG  
167 C CD  . LYS A 22 ? 2.18336 1.82525 2.02518 0.54507  -0.65969 -0.48004 22 LYS AA CD  
168 C CE  . LYS A 22 ? 2.34677 1.92206 2.08116 0.57258  -0.66961 -0.46586 22 LYS AA CE  
169 N NZ  . LYS A 22 ? 2.56761 2.08006 2.23112 0.59481  -0.69567 -0.46594 22 LYS AA NZ  
170 N N   . VAL A 23 ? 1.76168 1.58855 1.87713 0.44516  -0.59382 -0.49047 23 VAL AA N   
171 C CA  . VAL A 23 ? 1.60373 1.47718 1.77699 0.41741  -0.57070 -0.48541 23 VAL AA CA  
172 C C   . VAL A 23 ? 1.60179 1.46031 1.73436 0.43191  -0.56921 -0.48411 23 VAL AA C   
173 O O   . VAL A 23 ? 1.64451 1.47963 1.75459 0.44296  -0.58881 -0.49033 23 VAL AA O   
174 C CB  . VAL A 23 ? 1.49484 1.41358 1.76493 0.38402  -0.56676 -0.47974 23 VAL AA CB  
175 C CG1 . VAL A 23 ? 1.53118 1.40774 1.80454 0.40503  -0.59240 -0.50912 23 VAL AA CG1 
176 C CG2 . VAL A 23 ? 1.31399 1.28850 1.64259 0.35123  -0.53630 -0.45926 23 VAL AA CG2 
177 N N   . TRP A 24 ? 1.47451 1.35307 1.59173 0.42580  -0.54765 -0.47485 24 TRP AA N   
178 C CA  . TRP A 24 ? 1.52479 1.38210 1.56473 0.40457  -0.52487 -0.46855 24 TRP AA CA  
179 C C   . TRP A 24 ? 1.41939 1.33296 1.54206 0.37793  -0.50190 -0.47414 24 TRP AA C   
180 O O   . TRP A 24 ? 1.43124 1.39635 1.63803 0.37685  -0.49867 -0.47252 24 TRP AA O   
181 C CB  . TRP A 24 ? 1.48367 1.30289 1.42177 0.40371  -0.50145 -0.45352 24 TRP AA CB  
182 C CG  . TRP A 24 ? 1.75869 1.51476 1.61130 0.42581  -0.51944 -0.44772 24 TRP AA CG  
183 C CD1 . TRP A 24 ? 1.83707 1.51891 1.59968 0.42319  -0.51577 -0.44966 24 TRP AA CD1 
184 C CD2 . TRP A 24 ? 1.85201 1.60860 1.69799 0.45562  -0.54008 -0.43913 24 TRP AA CD2 
185 N NE1 . TRP A 24 ? 1.94122 1.58157 1.64652 0.45296  -0.54176 -0.44202 24 TRP AA NE1 
186 C CE2 . TRP A 24 ? 1.94276 1.62716 1.69917 0.47318  -0.55603 -0.43580 24 TRP AA CE2 
187 C CE3 . TRP A 24 ? 1.64676 1.45036 1.55299 0.46539  -0.53751 -0.43767 24 TRP AA CE3 
188 C CZ2 . TRP A 24 ? 2.16462 1.82879 1.89996 0.50422  -0.57645 -0.43039 24 TRP AA CZ2 
189 C CZ3 . TRP A 24 ? 1.79657 1.57350 1.67280 0.48733  -0.54733 -0.43611 24 TRP AA CZ3 
190 C CH2 . TRP A 24 ? 1.93350 1.64576 1.73383 0.51052  -0.56997 -0.43216 24 TRP AA CH2 
191 N N   . ARG A 25 ? 1.63253 1.51584 1.71778 0.34837  -0.46648 -0.48033 25 ARG AA N   
192 C CA  . ARG A 25 ? 1.56565 1.49367 1.72013 0.32231  -0.43793 -0.48569 25 ARG AA CA  
193 C C   . ARG A 25 ? 1.57169 1.47024 1.64310 0.30441  -0.38851 -0.47634 25 ARG AA C   
194 O O   . ARG A 25 ? 1.60678 1.42817 1.56717 0.28992  -0.35191 -0.47291 25 ARG AA O   
195 C CB  . ARG A 25 ? 1.58524 1.49902 1.76618 0.30055  -0.42142 -0.49939 25 ARG AA CB  
196 C CG  . ARG A 25 ? 1.50137 1.46604 1.76761 0.27575  -0.39366 -0.50444 25 ARG AA CG  
197 C CD  . ARG A 25 ? 1.55486 1.52502 1.88369 0.25976  -0.38899 -0.51791 25 ARG AA CD  
198 N NE  . ARG A 25 ? 1.52538 1.57979 2.01214 0.26223  -0.41643 -0.52013 25 ARG AA NE  
199 C CZ  . ARG A 25 ? 1.61077 1.68480 2.18216 0.27327  -0.44735 -0.52460 25 ARG AA CZ  
200 N NH1 . ARG A 25 ? 1.63005 1.66297 2.14934 0.28585  -0.46881 -0.53054 25 ARG AA NH1 
201 N NH2 . ARG A 25 ? 1.61786 1.70794 2.27890 0.25626  -0.43486 -0.51699 25 ARG AA NH2 
202 N N   . ALA A 26 ? 1.50995 1.47008 1.63745 0.30438  -0.38568 -0.47224 26 ALA AA N   
203 C CA  . ALA A 26 ? 1.50920 1.45270 1.56957 0.29094  -0.34202 -0.46223 26 ALA AA CA  
204 C C   . ALA A 26 ? 1.47438 1.47629 1.62291 0.26862  -0.31728 -0.47078 26 ALA AA C   
205 O O   . ALA A 26 ? 1.37090 1.45152 1.60691 0.27597  -0.33589 -0.47225 26 ALA AA O   
206 C CB  . ALA A 26 ? 1.47736 1.44464 1.52262 0.31463  -0.36350 -0.45028 26 ALA AA CB  
207 N N   . GLY A 27 ? 1.59300 1.55784 1.72150 0.24109  -0.27642 -0.47723 27 GLY AA N   
208 C CA  . GLY A 27 ? 1.50132 1.51873 1.71349 0.21986  -0.25098 -0.48480 27 GLY AA CA  
209 C C   . GLY A 27 ? 1.34590 1.44875 1.71158 0.22681  -0.29129 -0.49516 27 GLY AA C   
210 O O   . GLY A 27 ? 1.24190 1.33910 1.64954 0.22824  -0.31331 -0.50222 27 GLY AA O   
211 N N   . LYS A 28 ? 1.25125 1.43656 1.70325 0.22782  -0.29889 -0.48686 28 LYS AA N   
212 C CA  . LYS A 28 ? 1.24606 1.49298 1.80509 0.21358  -0.31032 -0.44860 28 LYS AA CA  
213 C C   . LYS A 28 ? 1.24809 1.49062 1.78079 0.21717  -0.32577 -0.40539 28 LYS AA C   
214 O O   . LYS A 28 ? 1.27533 1.53391 1.84794 0.19759  -0.32035 -0.36349 28 LYS AA O   
215 C CB  . LYS A 28 ? 1.28449 1.57504 1.87812 0.18520  -0.27244 -0.41440 28 LYS AA CB  
216 N N   . ALA A 29 ? 1.21041 1.43047 1.67454 0.24280  -0.34443 -0.41726 29 ALA AA N   
217 C CA  . ALA A 29 ? 1.13577 1.35478 1.57667 0.24484  -0.35382 -0.38183 29 ALA AA CA  
218 C C   . ALA A 29 ? 1.23583 1.40306 1.64415 0.26873  -0.38906 -0.40568 29 ALA AA C   
219 O O   . ALA A 29 ? 1.35958 1.48089 1.73129 0.29357  -0.41108 -0.45124 29 ALA AA O   
220 C CB  . ALA A 29 ? 1.16557 1.39628 1.55169 0.25439  -0.34497 -0.37222 29 ALA AA CB  
221 N N   . VAL A 30 ? 1.12507 1.30224 1.54744 0.26005  -0.39260 -0.37251 30 VAL AA N   
222 C CA  . VAL A 30 ? 1.08389 1.21729 1.47498 0.28091  -0.42344 -0.38850 30 VAL AA CA  
223 C C   . VAL A 30 ? 1.15578 1.28512 1.49269 0.29326  -0.42546 -0.37655 30 VAL AA C   
224 O O   . VAL A 30 ? 1.25053 1.42852 1.61511 0.27218  -0.40452 -0.33543 30 VAL AA O   
225 C CB  . VAL A 30 ? 1.02828 1.18052 1.48225 0.26151  -0.42449 -0.36414 30 VAL AA CB  
226 C CG1 . VAL A 30 ? 1.24193 1.34746 1.66772 0.28411  -0.45722 -0.38891 30 VAL AA CG1 
227 C CG2 . VAL A 30 ? 1.07607 1.23830 1.59077 0.24475  -0.41586 -0.36848 30 VAL AA CG2 
228 N N   . SER A 31 ? 1.06725 1.13507 1.32241 0.32932  -0.44990 -0.41067 31 SER AA N   
229 C CA  . SER A 31 ? 1.17631 1.22803 1.37283 0.34558  -0.45312 -0.40474 31 SER AA CA  
230 C C   . SER A 31 ? 1.33584 1.35005 1.51765 0.36057  -0.47984 -0.41285 31 SER AA C   
231 O O   . SER A 31 ? 1.50298 1.47810 1.68133 0.37428  -0.50143 -0.43607 31 SER AA O   
232 C CB  . SER A 31 ? 1.14853 1.15353 1.25758 0.37717  -0.45546 -0.42660 31 SER AA CB  
233 O OG  . SER A 31 ? 1.15096 1.13672 1.20331 0.39358  -0.45578 -0.41841 31 SER AA OG  
234 N N   . PHE A 32 ? 1.32973 1.35877 1.50873 0.35795  -0.47839 -0.39490 32 PHE AA N   
235 C CA  . PHE A 32 ? 1.48346 1.48376 1.66033 0.36981  -0.50350 -0.40490 32 PHE AA CA  
236 C C   . PHE A 32 ? 1.60976 1.61350 1.76470 0.37608  -0.50469 -0.39527 32 PHE AA C   
237 O O   . PHE A 32 ? 1.58846 1.62481 1.74023 0.36699  -0.48414 -0.37649 32 PHE AA O   
238 C CB  . PHE A 32 ? 1.37789 1.42714 1.64362 0.34020  -0.49730 -0.38405 32 PHE AA CB  
239 C CG  . PHE A 32 ? 1.34387 1.47016 1.66970 0.30668  -0.46584 -0.33705 32 PHE AA CG  
240 C CD1 . PHE A 32 ? 1.47946 1.63024 1.81646 0.30248  -0.46433 -0.31858 32 PHE AA CD1 
241 C CD2 . PHE A 32 ? 1.15429 1.32592 1.52151 0.28165  -0.43848 -0.31140 32 PHE AA CD2 
242 C CE1 . PHE A 32 ? 1.30582 1.52055 1.69246 0.27884  -0.44145 -0.28179 32 PHE AA CE1 
243 C CE2 . PHE A 32 ? 1.19402 1.42996 1.60466 0.25477  -0.41105 -0.26545 32 PHE AA CE2 
244 C CZ  . PHE A 32 ? 1.18362 1.43767 1.60508 0.25771  -0.41782 -0.25805 32 PHE AA CZ  
245 N N   . THR A 33 ? 1.55864 1.53473 1.70881 0.38938  -0.52849 -0.40815 33 THR AA N   
246 C CA  . THR A 33 ? 1.69716 1.66823 1.82892 0.39952  -0.53646 -0.40710 33 THR AA CA  
247 C C   . THR A 33 ? 1.83242 1.82477 2.02094 0.38967  -0.54869 -0.40394 33 THR AA C   
248 O O   . THR A 33 ? 1.84700 1.81687 2.04971 0.39407  -0.56544 -0.42008 33 THR AA O   
249 C CB  . THR A 33 ? 1.79178 1.67623 1.82976 0.44266  -0.56252 -0.43764 33 THR AA CB  
250 O OG1 . THR A 33 ? 1.93216 1.77168 1.96273 0.46091  -0.59203 -0.46030 33 THR AA OG1 
251 C CG2 . THR A 33 ? 1.80129 1.63903 1.77264 0.46316  -0.55757 -0.44575 33 THR AA CG2 
252 N N   . TYR A 34 ? 1.87625 1.89594 2.08187 0.38555  -0.54680 -0.39206 34 TYR AA N   
253 C CA  . TYR A 34 ? 1.82797 1.88222 2.09841 0.37291  -0.55291 -0.38413 34 TYR AA CA  
254 C C   . TYR A 34 ? 1.90372 1.94434 2.15444 0.39206  -0.57014 -0.39896 34 TYR AA C   
255 O O   . TYR A 34 ? 1.95163 1.97618 2.15267 0.40330  -0.56540 -0.40010 34 TYR AA O   
256 C CB  . TYR A 34 ? 1.84502 1.97272 2.19682 0.34369  -0.53189 -0.35445 34 TYR AA CB  
257 C CG  . TYR A 34 ? 1.67388 1.84663 2.03320 0.33297  -0.50997 -0.33189 34 TYR AA CG  
258 C CD1 . TYR A 34 ? 1.75391 1.95078 2.13333 0.33669  -0.51594 -0.33206 34 TYR AA CD1 
259 C CD2 . TYR A 34 ? 1.66751 1.85884 2.01384 0.32000  -0.48391 -0.31245 34 TYR AA CD2 
260 C CE1 . TYR A 34 ? 1.71720 1.95531 2.10371 0.32747  -0.49682 -0.31304 34 TYR AA CE1 
261 C CE2 . TYR A 34 ? 1.69869 1.93230 2.05313 0.31044  -0.46456 -0.29275 34 TYR AA CE2 
262 C CZ  . TYR A 34 ? 1.70353 1.96047 2.07697 0.31423  -0.47093 -0.29279 34 TYR AA CZ  
263 O OH  . TYR A 34 ? 1.59024 1.88820 1.97071 0.30547  -0.45270 -0.27508 34 TYR AA OH  
264 N N   . ASP A 35 ? 1.86720 1.92165 2.16605 0.39341  -0.58793 -0.40852 35 ASP AA N   
265 C CA  . ASP A 35 ? 2.06650 2.11337 2.35912 0.41049  -0.60602 -0.42476 35 ASP AA CA  
266 C C   . ASP A 35 ? 2.02795 2.14377 2.39344 0.39160  -0.59446 -0.40623 35 ASP AA C   
267 O O   . ASP A 35 ? 1.99524 2.13971 2.42484 0.38057  -0.59961 -0.40343 35 ASP AA O   
268 C CB  . ASP A 35 ? 2.17688 2.17561 2.45880 0.43203  -0.63969 -0.45619 35 ASP AA CB  
269 C CG  . ASP A 35 ? 2.28293 2.25733 2.54446 0.45626  -0.66396 -0.47998 35 ASP AA CG  
270 O OD1 . ASP A 35 ? 2.35429 2.27294 2.54079 0.48054  -0.67465 -0.49442 35 ASP AA OD1 
271 O OD2 . ASP A 35 ? 2.42673 2.43329 2.74820 0.45237  -0.67434 -0.48572 35 ASP AA OD2 
272 N N   . ASP A 36 ? 2.13025 2.27061 2.48458 0.38946  -0.57976 -0.39467 36 ASP AA N   
273 C CA  . ASP A 36 ? 2.22983 2.43568 2.64611 0.37249  -0.56701 -0.37554 36 ASP AA CA  
274 C C   . ASP A 36 ? 2.33148 2.52309 2.74566 0.39289  -0.59127 -0.40155 36 ASP AA C   
275 O O   . ASP A 36 ? 2.34729 2.51927 2.71665 0.40837  -0.59435 -0.41216 36 ASP AA O   
276 C CB  . ASP A 36 ? 2.06952 2.31766 2.48426 0.35566  -0.53594 -0.34669 36 ASP AA CB  
277 C CG  . ASP A 36 ? 2.09810 2.30955 2.43917 0.37109  -0.53204 -0.35569 36 ASP AA CG  
278 O OD1 . ASP A 36 ? 2.21729 2.36923 2.50520 0.39697  -0.55456 -0.38365 36 ASP AA OD1 
279 O OD2 . ASP A 36 ? 1.90902 2.14888 2.24428 0.35796  -0.50679 -0.33456 36 ASP AA OD2 
280 N N   . ASN A 37 ? 2.26937 2.46709 2.73202 0.39408  -0.60982 -0.41398 37 ASN AA N   
281 C CA  . ASN A 37 ? 2.38477 2.55660 2.84615 0.41704  -0.64023 -0.44674 37 ASN AA CA  
282 C C   . ASN A 37 ? 2.40748 2.50896 2.78272 0.44584  -0.65730 -0.47133 37 ASN AA C   
283 O O   . ASN A 37 ? 2.37539 2.42979 2.70518 0.45384  -0.66270 -0.47756 37 ASN AA O   
284 C CB  . ASN A 37 ? 2.48430 2.71025 2.99308 0.40988  -0.63379 -0.43991 37 ASN AA CB  
285 C CG  . ASN A 37 ? 2.63522 2.87245 3.20089 0.41495  -0.65627 -0.45982 37 ASN AA CG  
286 O OD1 . ASN A 37 ? 2.56012 2.81375 3.17515 0.40209  -0.65669 -0.45328 37 ASN AA OD1 
287 N ND2 . ASN A 37 ? 2.85386 3.08594 3.41849 0.43230  -0.67365 -0.48339 37 ASN AA ND2 
288 N N   . GLY A 38 ? 2.49895 2.59094 2.84742 0.46166  -0.66432 -0.48363 38 GLY AA N   
289 C CA  . GLY A 38 ? 2.59509 2.61314 2.86128 0.49242  -0.68465 -0.50826 38 GLY AA CA  
290 C C   . GLY A 38 ? 2.46458 2.45369 2.66482 0.49184  -0.66526 -0.49314 38 GLY AA C   
291 O O   . GLY A 38 ? 2.49739 2.42048 2.63289 0.51101  -0.67826 -0.50611 38 GLY AA O   
292 N N   . LYS A 39 ? 2.53634 2.57368 2.75224 0.47023  -0.63378 -0.46534 39 LYS AA N   
293 C CA  . LYS A 39 ? 2.45261 2.46268 2.60632 0.47130  -0.61564 -0.45377 39 LYS AA CA  
294 C C   . LYS A 39 ? 2.29463 2.29996 2.44697 0.45694  -0.60341 -0.44008 39 LYS AA C   
295 O O   . LYS A 39 ? 2.25652 2.28372 2.45980 0.44422  -0.60724 -0.43728 39 LYS AA O   
296 C CB  . LYS A 39 ? 2.34451 2.40471 2.51094 0.45601  -0.58764 -0.43227 39 LYS AA CB  
297 N N   . THR A 40 ? 2.29426 2.26869 2.38760 0.45993  -0.58886 -0.43264 40 THR AA N   
298 C CA  . THR A 40 ? 2.18468 2.15438 2.27145 0.44663  -0.57447 -0.41996 40 THR AA CA  
299 C C   . THR A 40 ? 2.16137 2.18300 2.26759 0.42246  -0.54044 -0.39215 40 THR AA C   
300 O O   . THR A 40 ? 2.24027 2.26182 2.31557 0.42719  -0.52896 -0.38829 40 THR AA O   
301 C CB  . THR A 40 ? 2.31318 2.19044 2.31025 0.48215  -0.59503 -0.44749 40 THR AA CB  
302 N N   . GLY A 41 ? 1.96617 2.03158 2.12547 0.39752  -0.52534 -0.37347 41 GLY AA N   
303 C CA  . GLY A 41 ? 1.78497 1.90029 1.96672 0.37420  -0.49409 -0.34653 41 GLY AA CA  
304 C C   . GLY A 41 ? 1.76804 1.87087 1.93917 0.36544  -0.48328 -0.34117 41 GLY AA C   
305 O O   . GLY A 41 ? 1.79176 1.85751 1.95688 0.37598  -0.50298 -0.36016 41 GLY AA O   
306 N N   . ARG A 42 ? 1.61051 1.73936 1.77971 0.35275  -0.45851 -0.32573 42 ARG AA N   
307 C CA  . ARG A 42 ? 1.43269 1.53731 1.57897 0.35677  -0.45562 -0.33682 42 ARG AA CA  
308 C C   . ARG A 42 ? 1.32491 1.49993 1.53579 0.32099  -0.42512 -0.30101 42 ARG AA C   
309 O O   . ARG A 42 ? 1.38382 1.61276 1.62921 0.30244  -0.40615 -0.27336 42 ARG AA O   
310 C CB  . ARG A 42 ? 1.50481 1.55949 1.56979 0.38403  -0.45648 -0.35854 42 ARG AA CB  
311 C CG  . ARG A 42 ? 1.76916 1.73406 1.75381 0.42540  -0.48652 -0.39082 42 ARG AA CG  
312 C CD  . ARG A 42 ? 1.72881 1.64202 1.63200 0.45430  -0.48294 -0.40055 42 ARG AA CD  
313 N NE  . ARG A 42 ? 1.59016 1.41762 1.42281 0.48934  -0.50189 -0.41444 42 ARG AA NE  
314 C CZ  . ARG A 42 ? 1.70132 1.52090 1.53401 0.48797  -0.50079 -0.41404 42 ARG AA CZ  
315 N NH1 . ARG A 42 ? 1.66799 1.55089 1.56653 0.45639  -0.48376 -0.41154 42 ARG AA NH1 
316 N NH2 . ARG A 42 ? 1.78663 1.54085 1.55250 0.50993  -0.51802 -0.40790 42 ARG AA NH2 
317 N N   . GLY A 43 ? 1.34657 1.51708 1.57215 0.31497  -0.42332 -0.30506 43 GLY AA N   
318 C CA  . GLY A 43 ? 1.32716 1.56028 1.61458 0.28186  -0.39533 -0.26865 43 GLY AA CA  
319 C C   . GLY A 43 ? 1.22200 1.43956 1.51630 0.28094  -0.39582 -0.28294 43 GLY AA C   
320 O O   . GLY A 43 ? 1.26072 1.42078 1.51334 0.30550  -0.41847 -0.32066 43 GLY AA O   
321 N N   . ALA A 44 ? 0.97471 1.24160 1.32058 0.25342  -0.37149 -0.25203 44 ALA AA N   
322 C CA  . ALA A 44 ? 0.96549 1.22221 1.32626 0.25053  -0.36994 -0.26609 44 ALA AA CA  
323 C C   . ALA A 44 ? 1.00575 1.32019 1.42990 0.21794  -0.34343 -0.22207 44 ALA AA C   
324 O O   . ALA A 44 ? 1.14922 1.50780 1.59682 0.20608  -0.33108 -0.19416 44 ALA AA O   
325 C CB  . ALA A 44 ? 0.98734 1.21832 1.29744 0.26813  -0.36857 -0.29724 44 ALA AA CB  
326 N N   . VAL A 45 ? 0.96306 1.27051 1.41709 0.21200  -0.34411 -0.23072 45 VAL AA N   
327 C CA  . VAL A 45 ? 1.07125 1.42250 1.57954 0.18748  -0.32390 -0.19802 45 VAL AA CA  
328 C C   . VAL A 45 ? 1.12212 1.45396 1.63971 0.18633  -0.32073 -0.22073 45 VAL AA C   
329 O O   . VAL A 45 ? 1.18435 1.46946 1.67843 0.20680  -0.34119 -0.26755 45 VAL AA O   
330 C CB  . VAL A 45 ? 1.04585 1.41251 1.60880 0.18098  -0.33569 -0.18581 45 VAL AA CB  
331 C CG1 . VAL A 45 ? 0.95320 1.32478 1.51248 0.18965  -0.35019 -0.18327 45 VAL AA CG1 
332 C CG2 . VAL A 45 ? 0.89906 1.22964 1.47553 0.18445  -0.34920 -0.20828 45 VAL AA CG2 
333 N N   . SER A 46 ? 1.06438 1.42996 1.61841 0.16586  -0.29963 -0.19392 46 SER AA N   
334 C CA  . SER A 46 ? 1.11462 1.46252 1.68841 0.16425  -0.29701 -0.22061 46 SER AA CA  
335 C C   . SER A 46 ? 1.19853 1.52364 1.80772 0.16398  -0.31255 -0.23332 46 SER AA C   
336 O O   . SER A 46 ? 1.24580 1.58670 1.88009 0.15658  -0.31610 -0.20748 46 SER AA O   
337 C CB  . SER A 46 ? 1.20394 1.59220 1.80093 0.14317  -0.26913 -0.18822 46 SER AA CB  
338 O OG  . SER A 46 ? 1.33246 1.73782 1.98377 0.13268  -0.27357 -0.17009 46 SER AA OG  
339 N N   . GLU A 47 ? 1.82677 1.67146 1.21665 0.10161  0.11234  0.44689  47 GLU AA N   
340 C CA  . GLU A 47 ? 1.89117 1.70130 1.29975 0.15338  0.11492  0.46422  47 GLU AA CA  
341 C C   . GLU A 47 ? 1.90004 1.74451 1.36598 0.12961  0.13408  0.49929  47 GLU AA C   
342 O O   . GLU A 47 ? 1.96736 1.79037 1.46270 0.16723  0.14166  0.52076  47 GLU AA O   
343 C CB  . GLU A 47 ? 1.89177 1.67063 1.28426 0.17565  0.10083  0.44912  47 GLU AA CB  
344 C CG  . GLU A 47 ? 2.00584 1.75895 1.42441 0.21250  0.10884  0.46739  47 GLU AA CG  
345 C CD  . GLU A 47 ? 2.16204 1.95763 1.61605 0.18357  0.12278  0.49083  47 GLU AA CD  
346 O OE1 . GLU A 47 ? 2.22296 2.05318 1.66704 0.17129  0.13289  0.49085  47 GLU AA OE1 
347 O OE2 . GLU A 47 ? 2.28399 2.08088 1.77937 0.18854  0.13075  0.51477  47 GLU AA OE2 
348 N N   . LYS A 48 ? 1.78383 1.66989 1.26473 0.07255  0.14182  0.50106  48 LYS AA N   
349 C CA  . LYS A 48 ? 1.71241 1.63106 1.24957 0.05625  0.15829  0.53188  48 LYS AA CA  
350 C C   . LYS A 48 ? 1.79948 1.74933 1.37725 0.04642  0.17456  0.55384  48 LYS AA C   
351 O O   . LYS A 48 ? 1.87692 1.83118 1.50789 0.06246  0.18229  0.58582  48 LYS AA O   
352 C CB  . LYS A 48 ? 1.68346 1.67639 1.25380 0.03311  0.17554  0.55012  48 LYS AA CB  
353 N N   . ASP A 49 ? 1.66359 1.64212 1.22702 0.01575  0.18273  0.53878  49 ASP AA N   
354 C CA  . ASP A 49 ? 1.65251 1.67287 1.25825 0.00162  0.20128  0.55732  49 ASP AA CA  
355 C C   . ASP A 49 ? 1.78135 1.76399 1.38379 0.05906  0.20284  0.57053  49 ASP AA C   
356 O O   . ASP A 49 ? 1.94302 1.96214 1.57532 0.04310  0.22170  0.58056  49 ASP AA O   
357 C CB  . ASP A 49 ? 1.62029 1.68691 1.21362 -0.04764 0.21314  0.53068  49 ASP AA CB  
358 C CG  . ASP A 49 ? 1.78257 1.85117 1.36222 -0.08291 0.21429  0.50786  49 ASP AA CG  
359 O OD1 . ASP A 49 ? 1.86660 1.94254 1.47705 -0.08302 0.21234  0.52941  49 ASP AA OD1 
360 O OD2 . ASP A 49 ? 1.84397 1.91664 1.39418 -0.10085 0.21905  0.47688  49 ASP AA OD2 
361 N N   . ALA A 50 ? 1.70759 1.60584 1.27477 0.13038  0.18483  0.56506  50 ALA AA N   
362 C CA  . ALA A 50 ? 1.84341 1.66673 1.39393 0.19290  0.17386  0.53715  50 ALA AA CA  
363 C C   . ALA A 50 ? 1.90612 1.69543 1.54582 0.21606  0.16491  0.52332  50 ALA AA C   
364 O O   . ALA A 50 ? 1.95273 1.72760 1.60785 0.23494  0.17600  0.58096  50 ALA AA O   
365 C CB  . ALA A 50 ? 1.91485 1.64221 1.37273 0.25938  0.14386  0.49766  50 ALA AA CB  
366 N N   . PRO A 51 ? 1.75192 1.52936 1.45967 0.21454  0.14504  0.44685  51 PRO AA N   
367 C CA  . PRO A 51 ? 1.78495 1.52796 1.57991 0.23758  0.13586  0.43201  51 PRO AA CA  
368 C C   . PRO A 51 ? 1.96396 1.59841 1.71675 0.31892  0.10956  0.40923  51 PRO AA C   
369 O O   . PRO A 51 ? 2.00469 1.58257 1.67265 0.35636  0.08797  0.37333  51 PRO AA O   
370 C CB  . PRO A 51 ? 1.78286 1.53737 1.64616 0.21735  0.11869  0.34436  51 PRO AA CB  
371 C CG  . PRO A 51 ? 1.81146 1.57572 1.61234 0.20675  0.10837  0.29898  51 PRO AA CG  
372 C CD  . PRO A 51 ? 1.73545 1.54819 1.46049 0.17972  0.13575  0.37653  51 PRO AA CD  
373 N N   . LYS A 52 ? 1.95191 1.55827 1.76501 0.34358  0.11087  0.42968  52 LYS AA N   
374 C CA  . LYS A 52 ? 2.02475 1.53390 1.80059 0.41732  0.09065  0.41230  52 LYS AA CA  
375 C C   . LYS A 52 ? 2.07930 1.50543 1.82290 0.46454  0.04881  0.31445  52 LYS AA C   
376 O O   . LYS A 52 ? 2.12364 1.47338 1.78744 0.51731  0.03012  0.29771  52 LYS AA O   
377 C CB  . LYS A 52 ? 2.08771 1.58559 1.95231 0.43208  0.09806  0.44137  52 LYS AA CB  
378 C CG  . LYS A 52 ? 2.16372 1.56506 2.00346 0.50591  0.07947  0.41790  52 LYS AA CG  
379 C CD  . LYS A 52 ? 2.16559 1.55768 2.11126 0.51780  0.08305  0.43107  52 LYS AA CD  
380 C CE  . LYS A 52 ? 2.26831 1.61578 2.20167 0.54694  0.05836  0.38442  52 LYS AA CE  
381 N NZ  . LYS A 52 ? 2.34584 1.63214 2.26288 0.57738  0.02009  0.29056  52 LYS AA NZ  
382 N N   . GLU A 53 ? 2.10979 1.54866 1.91385 0.44530  0.03249  0.24851  53 GLU AA N   
383 C CA  . GLU A 53 ? 2.13401 1.48967 1.91886 0.49244  -0.01169 0.15499  53 GLU AA CA  
384 C C   . GLU A 53 ? 2.08012 1.40775 1.75589 0.50471  -0.02987 0.13501  53 GLU AA C   
385 O O   . GLU A 53 ? 2.16352 1.40015 1.77547 0.55947  -0.06443 0.09231  53 GLU AA O   
386 C CB  . GLU A 53 ? 2.07364 1.45493 1.95231 0.46604  -0.02452 0.08697  53 GLU AA CB  
387 C CG  . GLU A 53 ? 2.19335 1.50332 2.04670 0.50343  -0.07114 -0.00781 53 GLU AA CG  
388 C CD  . GLU A 53 ? 2.34461 1.55141 2.19881 0.57131  -0.10518 -0.05320 53 GLU AA CD  
389 O OE1 . GLU A 53 ? 2.41976 1.61025 2.26788 0.59068  -0.09085 -0.00648 53 GLU AA OE1 
390 O OE2 . GLU A 53 ? 2.44109 1.63033 2.31718 0.57110  -0.13685 -0.12965 53 GLU AA OE2 
391 N N   . LEU A 54 ? 2.00791 1.41271 1.65899 0.45243  -0.00735 0.16793  54 LEU AA N   
392 C CA  . LEU A 54 ? 2.02116 1.40603 1.56754 0.46009  -0.02055 0.16120  54 LEU AA CA  
393 C C   . LEU A 54 ? 2.06193 1.38412 1.51156 0.50652  -0.02139 0.20337  54 LEU AA C   
394 O O   . LEU A 54 ? 2.17093 1.41334 1.53978 0.54901  -0.05595 0.16293  54 LEU AA O   
395 C CB  . LEU A 54 ? 1.97137 1.45783 1.51393 0.39328  0.01093  0.20044  54 LEU AA CB  
396 C CG  . LEU A 54 ? 1.97931 1.45516 1.42375 0.39378  -0.00217 0.19001  54 LEU AA CG  
397 C CD1 . LEU A 54 ? 1.99667 1.42702 1.45946 0.41063  -0.04712 0.09051  54 LEU AA CD1 
398 C CD2 . LEU A 54 ? 1.92778 1.51246 1.37200 0.32480  0.03657  0.24102  54 LEU AA CD2 
399 N N   . LEU A 55 ? 2.06560 1.42291 1.52334 0.49726  0.01535  0.28415  55 LEU AA N   
400 C CA  . LEU A 55 ? 2.12155 1.46031 1.50762 0.51369  0.02256  0.31675  55 LEU AA CA  
401 C C   . LEU A 55 ? 2.26704 1.54242 1.65909 0.54943  -0.00477 0.25811  55 LEU AA C   
402 O O   . LEU A 55 ? 2.32549 1.58274 1.65219 0.55366  -0.01389 0.23728  55 LEU AA O   
403 C CB  . LEU A 55 ? 2.01178 1.43413 1.44769 0.47184  0.06406  0.39303  55 LEU AA CB  
404 C CG  . LEU A 55 ? 1.93058 1.44787 1.36908 0.41012  0.09292  0.44567  55 LEU AA CG  
405 C CD1 . LEU A 55 ? 2.06297 1.66115 1.58138 0.36348  0.12306  0.50605  55 LEU AA CD1 
406 C CD2 . LEU A 55 ? 1.86250 1.40963 1.23911 0.38313  0.08853  0.42894  55 LEU AA CD2 
407 N N   . ASP A 56 ? 2.26568 1.51677 1.74056 0.56780  -0.01469 0.23206  56 ASP AA N   
408 C CA  . ASP A 56 ? 2.24745 1.45066 1.73772 0.58915  -0.04618 0.16305  56 ASP AA CA  
409 C C   . ASP A 56 ? 2.28802 1.45196 1.71449 0.59564  -0.08431 0.09699  56 ASP AA C   
410 O O   . ASP A 56 ? 2.33831 1.47579 1.71013 0.60245  -0.10016 0.07148  56 ASP AA O   
411 C CB  . ASP A 56 ? 2.22515 1.42452 1.83042 0.59543  -0.05204 0.13784  56 ASP AA CB  
412 C CG  . ASP A 56 ? 2.32450 1.55581 1.99410 0.58992  -0.02124 0.19950  56 ASP AA CG  
413 O OD1 . ASP A 56 ? 2.31010 1.57314 1.93659 0.57704  0.00457  0.25965  56 ASP AA OD1 
414 O OD2 . ASP A 56 ? 2.37397 1.60543 2.13902 0.59319  -0.02232 0.18924  56 ASP AA OD2 
415 N N   . MET A 57 ? 2.27746 1.43567 1.71737 0.59325  -0.10244 0.06373  57 MET AA N   
416 C CA  . MET A 57 ? 2.25333 1.38240 1.63861 0.59331  -0.14162 0.00453  57 MET AA CA  
417 C C   . MET A 57 ? 2.30502 1.42378 1.57141 0.59215  -0.13956 0.02977  57 MET AA C   
418 O O   . MET A 57 ? 2.40431 1.49030 1.61404 0.59628  -0.17031 -0.00934 57 MET AA O   
419 C CB  . MET A 57 ? 2.19112 1.32552 1.60878 0.58747  -0.15468 -0.02736 57 MET AA CB  
420 N N   . LEU A 58 ? 2.32809 1.48438 1.56025 0.57997  -0.10087 0.09929  58 LEU AA N   
421 C CA  . LEU A 58 ? 2.34988 1.51445 1.49018 0.56792  -0.09095 0.11934  58 LEU AA CA  
422 C C   . LEU A 58 ? 2.42812 1.57379 1.53913 0.57739  -0.08628 0.11472  58 LEU AA C   
423 O O   . LEU A 58 ? 2.55902 1.67538 1.59152 0.57998  -0.09994 0.09034  58 LEU AA O   
424 C CB  . LEU A 58 ? 2.19803 1.44127 1.34453 0.53208  -0.04696 0.19065  58 LEU AA CB  
425 C CG  . LEU A 58 ? 2.15449 1.43208 1.25048 0.50467  -0.03237 0.20179  58 LEU AA CG  
426 C CD1 . LEU A 58 ? 2.28349 1.50653 1.30896 0.51626  -0.06889 0.14647  58 LEU AA CD1 
427 C CD2 . LEU A 58 ? 2.01203 1.39426 1.15169 0.44949  0.00403  0.25957  58 LEU AA CD2 
428 N N   . ALA A 59 ? 2.38936 1.54814 1.56210 0.58339  -0.06752 0.13668  59 ALA AA N   
429 C CA  . ALA A 59 ? 2.48240 1.61964 1.62338 0.59542  -0.06361 0.13049  59 ALA AA CA  
430 C C   . ALA A 59 ? 2.59146 1.66819 1.70048 0.61403  -0.10802 0.06517  59 ALA AA C   
431 O O   . ALA A 59 ? 2.61632 1.65868 1.64401 0.62275  -0.11783 0.04768  59 ALA AA O   
432 C CB  . ALA A 59 ? 2.47228 1.63662 1.69471 0.59755  -0.03723 0.16609  59 ALA AA CB  
433 N N   . ARG A 60 ? 2.53782 1.60729 1.71452 0.61561  -0.13520 0.02843  60 ARG AA N   
434 C CA  . ARG A 60 ? 2.63279 1.66521 1.79916 0.62186  -0.17989 -0.03078 60 ARG AA CA  
435 C C   . ARG A 60 ? 2.68906 1.68886 1.74880 0.62066  -0.21243 -0.05517 60 ARG AA C   
436 O O   . ARG A 60 ? 2.81448 1.77757 1.81390 0.62839  -0.24133 -0.08166 60 ARG AA O   
437 C CB  . ARG A 60 ? 2.55912 1.60731 1.83468 0.61484  -0.19723 -0.06572 60 ARG AA CB  
438 N N   . ALA A 61 ? 2.65185 1.66253 1.68789 0.61100  -0.21141 -0.04729 61 ALA AA N   
439 C CA  . ALA A 61 ? 2.75543 1.73387 1.69352 0.60875  -0.24161 -0.06993 61 ALA AA CA  
440 C C   . ALA A 61 ? 2.81426 1.77221 1.65303 0.61141  -0.21817 -0.05110 61 ALA AA C   
441 O O   . ALA A 61 ? 2.76961 1.68771 1.52572 0.61146  -0.24402 -0.07862 61 ALA AA O   
442 C CB  . ALA A 61 ? 2.65452 1.65058 1.59996 0.59722  -0.24396 -0.06858 61 ALA AA CB  
443 N N   . GLU A 62 ? 2.79828 1.78406 1.65500 0.61181  -0.17013 -0.00863 62 GLU AA N   
444 C CA  . GLU A 62 ? 2.86755 1.84055 1.65724 0.61309  -0.14590 0.00192  62 GLU AA CA  
445 C C   . GLU A 62 ? 3.00302 1.92787 1.74673 0.63474  -0.16294 -0.02052 62 GLU AA C   
446 O O   . GLU A 62 ? 3.04332 1.94392 1.72305 0.64059  -0.14724 -0.02087 62 GLU AA O   
447 C CB  . GLU A 62 ? 2.65001 1.69592 1.49545 0.59422  -0.08828 0.06284  62 GLU AA CB  
448 C CG  . GLU A 62 ? 2.52962 1.63728 1.42157 0.56324  -0.07364 0.09085  62 GLU AA CG  
449 C CD  . GLU A 62 ? 2.60262 1.80311 1.57354 0.53316  -0.02759 0.15570  62 GLU AA CD  
450 O OE1 . GLU A 62 ? 2.56755 1.78607 1.59013 0.53877  -0.01484 0.18130  62 GLU AA OE1 
451 O OE2 . GLU A 62 ? 2.49546 1.75625 1.48720 0.49727  -0.01005 0.17917  62 GLU AA OE2 
452 N N   . ARG A 63 ? 2.92616 1.84227 1.71873 0.64392  -0.19313 -0.04002 63 ARG AA N   
453 C CA  . ARG A 63 ? 2.88027 1.75885 1.64764 0.66045  -0.21524 -0.06193 63 ARG AA CA  
454 C C   . ARG A 63 ? 2.99011 1.87994 1.76865 0.67091  -0.17133 -0.02991 63 ARG AA C   
455 O O   . ARG A 63 ? 2.91459 1.84151 1.79658 0.67026  -0.14953 -0.00919 63 ARG AA O   
456 C CB  . ARG A 63 ? 2.95392 1.77033 1.59675 0.66775  -0.25505 -0.09543 63 ARG AA CB  
457 C CG  . ARG A 63 ? 2.97613 1.77674 1.61017 0.66001  -0.31466 -0.13034 63 ARG AA CG  
458 C CD  . ARG A 63 ? 3.05288 1.86162 1.66312 0.64559  -0.30653 -0.12904 63 ARG AA CD  
459 N NE  . ARG A 63 ? 3.11105 1.91060 1.67448 0.64268  -0.25674 -0.11236 63 ARG AA NE  
460 C CZ  . ARG A 63 ? 3.13211 1.91709 1.68875 0.62766  -0.25738 -0.11561 63 ARG AA CZ  
461 N NH1 . ARG A 63 ? 2.96904 1.73679 1.52839 0.61715  -0.30590 -0.13762 63 ARG AA NH1 
462 N NH2 . ARG A 63 ? 3.11938 1.90555 1.66772 0.62670  -0.20940 -0.09450 63 ARG AA NH2 
# 
